data_8TP8
#
_entry.id   8TP8
#
_cell.length_a   69.260
_cell.length_b   178.941
_cell.length_c   92.150
_cell.angle_alpha   90.00
_cell.angle_beta   95.24
_cell.angle_gamma   90.00
#
_symmetry.space_group_name_H-M   'P 1 21 1'
#
loop_
_entity.id
_entity.type
_entity.pdbx_description
1 polymer 'DeoR-family transcriptional regulator'
2 polymer "DNA (5'-D(*AP*TP*AP*CP*GP*AP*CP*AP*GP*TP*TP*AP*CP*TP*GP*TP*CP*GP*TP*AP*T)-3')"
3 polymer "DNA (5'-D(*AP*TP*AP*CP*GP*AP*CP*AP*GP*TP*AP*AP*CP*TP*GP*TP*CP*GP*TP*AP*T)-3')"
4 polymer "DNA (5'-D(P*GP*TP*C)-3')"
5 non-polymer 'SULFATE ION'
6 water water
#
loop_
_entity_poly.entity_id
_entity_poly.type
_entity_poly.pdbx_seq_one_letter_code
_entity_poly.pdbx_strand_id
1 'polypeptide(L)'
;MGSSHHHHHHSSGLVPRGSHMRHEKATRLLDLARMLAGSAEGLTLDEMAAALGVGRRTAERMRDAVWAAFPQMEAIDDPP
TKRFRIPSGLDGVFQTPTAEELAALRVAADSLRASGADARASSLYALEAKLLSALRGSARRRVAPDVEALVQAETIAVHA
GPRPYEDQAVLGAIRAAIKGLQALSFRYEGGSTPGRTREVTPLGVLFGRSNYLVALEGKGGKPRSWRLDRMSDLKVLDKP
APPPQDFSLQAFADESFGIYHDEIQDVVLRIHKSRAEDALRWRFHATQQVTPEADGSVLVTFRAGGMRELSWHLFTWGDA
VEIVAPQVLKDMMVQELREAGRAHGAW
;
A,B,C,D
2 'polydeoxyribonucleotide'
;(DA)(DT)(DA)(DC)(DG)(DA)(DC)(DA)(DG)(DT)(DT)(DA)(DC)(DT)(DG)(DT)(DC)(DG)(DT)(DA)
(DT)
;
U,F
3 'polydeoxyribonucleotide'
;(DA)(DT)(DA)(DC)(DG)(DA)(DC)(DA)(DG)(DT)(DA)(DA)(DC)(DT)(DG)(DT)(DC)(DG)(DT)(DA)
(DT)
;
R,T
4 'polydeoxyribonucleotide' (DG)(DT)(DC) L,Y,J,K
#
loop_
_chem_comp.id
_chem_comp.type
_chem_comp.name
_chem_comp.formula
DA DNA linking 2'-DEOXYADENOSINE-5'-MONOPHOSPHATE 'C10 H14 N5 O6 P'
DC DNA linking 2'-DEOXYCYTIDINE-5'-MONOPHOSPHATE 'C9 H14 N3 O7 P'
DG DNA linking 2'-DEOXYGUANOSINE-5'-MONOPHOSPHATE 'C10 H14 N5 O7 P'
DT DNA linking THYMIDINE-5'-MONOPHOSPHATE 'C10 H15 N2 O8 P'
SO4 non-polymer 'SULFATE ION' 'O4 S -2'
#
# COMPACT_ATOMS: atom_id res chain seq x y z
N MET A 21 -28.08 -26.24 -51.87
CA MET A 21 -27.68 -26.40 -50.48
C MET A 21 -28.55 -25.49 -49.58
N ARG A 22 -28.59 -25.80 -48.28
CA ARG A 22 -29.17 -24.91 -47.27
C ARG A 22 -29.24 -25.61 -45.91
N HIS A 23 -29.52 -24.80 -44.88
CA HIS A 23 -30.13 -25.20 -43.61
C HIS A 23 -30.47 -23.93 -42.81
N GLU A 24 -31.57 -24.01 -42.08
CA GLU A 24 -32.33 -22.88 -41.54
C GLU A 24 -31.49 -21.75 -40.93
N LYS A 25 -32.05 -20.55 -40.98
CA LYS A 25 -31.42 -19.30 -40.55
C LYS A 25 -30.56 -19.43 -39.30
N ALA A 26 -31.08 -20.09 -38.26
CA ALA A 26 -30.36 -20.17 -36.99
C ALA A 26 -29.04 -20.93 -37.15
N THR A 27 -29.07 -22.08 -37.82
CA THR A 27 -27.87 -22.90 -37.92
C THR A 27 -26.89 -22.44 -39.00
N ARG A 28 -27.35 -21.65 -39.98
CA ARG A 28 -26.45 -21.14 -41.01
C ARG A 28 -25.31 -20.32 -40.43
N LEU A 29 -25.47 -19.77 -39.23
CA LEU A 29 -24.40 -18.97 -38.65
C LEU A 29 -23.22 -19.82 -38.23
N LEU A 30 -23.48 -20.89 -37.48
CA LEU A 30 -22.45 -21.89 -37.21
C LEU A 30 -21.87 -22.45 -38.49
N ASP A 31 -22.73 -22.70 -39.47
CA ASP A 31 -22.28 -23.32 -40.71
C ASP A 31 -21.32 -22.42 -41.46
N LEU A 32 -21.57 -21.12 -41.45
CA LEU A 32 -20.69 -20.17 -42.12
C LEU A 32 -19.45 -19.88 -41.28
N ALA A 33 -19.59 -19.77 -39.96
CA ALA A 33 -18.41 -19.64 -39.13
C ALA A 33 -17.49 -20.85 -39.31
N ARG A 34 -18.06 -22.03 -39.39
CA ARG A 34 -17.22 -23.23 -39.58
C ARG A 34 -16.46 -23.14 -40.89
N MET A 35 -17.09 -22.56 -41.89
CA MET A 35 -16.48 -22.45 -43.21
C MET A 35 -15.31 -21.49 -43.23
N LEU A 36 -15.50 -20.29 -42.66
CA LEU A 36 -14.43 -19.31 -42.61
C LEU A 36 -13.34 -19.73 -41.66
N ALA A 37 -13.66 -20.61 -40.72
CA ALA A 37 -12.68 -21.13 -39.78
C ALA A 37 -11.78 -22.16 -40.45
N GLY A 38 -12.32 -22.94 -41.36
CA GLY A 38 -11.52 -23.95 -41.99
C GLY A 38 -10.89 -23.52 -43.29
N SER A 39 -10.96 -22.25 -43.64
CA SER A 39 -10.37 -21.76 -44.87
C SER A 39 -9.05 -21.07 -44.57
N ALA A 40 -8.05 -21.39 -45.39
CA ALA A 40 -6.72 -20.81 -45.24
C ALA A 40 -6.67 -19.40 -45.82
N GLU A 41 -7.13 -19.26 -47.07
CA GLU A 41 -7.07 -18.01 -47.80
C GLU A 41 -8.35 -17.18 -47.70
N GLY A 42 -9.43 -17.75 -47.16
CA GLY A 42 -10.70 -17.06 -47.01
C GLY A 42 -11.66 -17.37 -48.16
N LEU A 43 -12.91 -16.98 -47.96
CA LEU A 43 -13.94 -17.15 -48.96
C LEU A 43 -14.48 -15.77 -49.34
N THR A 44 -14.92 -15.65 -50.59
CA THR A 44 -15.59 -14.43 -51.05
C THR A 44 -17.09 -14.58 -50.87
N LEU A 45 -17.79 -13.44 -50.91
CA LEU A 45 -19.24 -13.45 -50.71
C LEU A 45 -19.94 -14.45 -51.64
N ASP A 46 -19.49 -14.56 -52.90
CA ASP A 46 -20.11 -15.50 -53.83
C ASP A 46 -19.73 -16.94 -53.55
N GLU A 47 -18.56 -17.18 -52.95
CA GLU A 47 -18.23 -18.50 -52.44
C GLU A 47 -19.13 -18.88 -51.26
N MET A 48 -19.33 -17.95 -50.31
CA MET A 48 -20.24 -18.22 -49.20
C MET A 48 -21.65 -18.50 -49.71
N ALA A 49 -22.13 -17.66 -50.63
CA ALA A 49 -23.49 -17.81 -51.15
C ALA A 49 -23.69 -19.18 -51.79
N ALA A 50 -22.67 -19.65 -52.50
CA ALA A 50 -22.76 -20.96 -53.13
C ALA A 50 -22.65 -22.08 -52.10
N ALA A 51 -21.78 -21.92 -51.10
CA ALA A 51 -21.65 -22.91 -50.03
C ALA A 51 -22.86 -22.91 -49.09
N LEU A 52 -23.50 -21.75 -48.91
CA LEU A 52 -24.71 -21.64 -48.11
C LEU A 52 -25.99 -21.85 -48.90
N GLY A 53 -25.94 -21.90 -50.22
CA GLY A 53 -27.15 -22.10 -50.99
C GLY A 53 -28.19 -21.02 -50.82
N VAL A 54 -27.76 -19.77 -50.61
CA VAL A 54 -28.68 -18.71 -50.23
C VAL A 54 -28.69 -17.57 -51.24
N GLY A 55 -27.55 -17.25 -51.81
CA GLY A 55 -27.57 -16.13 -52.73
C GLY A 55 -27.05 -14.83 -52.15
N ARG A 56 -26.40 -14.03 -52.99
CA ARG A 56 -25.43 -13.01 -52.60
C ARG A 56 -25.84 -12.19 -51.40
N ARG A 57 -27.06 -11.64 -51.44
CA ARG A 57 -27.40 -10.60 -50.49
C ARG A 57 -27.47 -11.14 -49.06
N THR A 58 -28.18 -12.25 -48.86
CA THR A 58 -28.31 -12.72 -47.50
C THR A 58 -27.03 -13.38 -47.01
N ALA A 59 -26.18 -13.85 -47.90
CA ALA A 59 -24.83 -14.25 -47.50
C ALA A 59 -24.03 -13.06 -46.97
N GLU A 60 -24.24 -11.89 -47.56
CA GLU A 60 -23.63 -10.70 -46.98
C GLU A 60 -24.15 -10.51 -45.56
N ARG A 61 -25.48 -10.63 -45.41
CA ARG A 61 -26.08 -10.45 -44.09
C ARG A 61 -25.58 -11.49 -43.10
N MET A 62 -25.30 -12.68 -43.61
CA MET A 62 -24.76 -13.75 -42.79
C MET A 62 -23.29 -13.53 -42.46
N ARG A 63 -22.51 -13.14 -43.45
CA ARG A 63 -21.15 -12.68 -43.17
C ARG A 63 -21.16 -11.60 -42.10
N ASP A 64 -22.07 -10.63 -42.23
CA ASP A 64 -22.27 -9.63 -41.19
C ASP A 64 -22.36 -10.31 -39.84
N ALA A 65 -23.32 -11.22 -39.71
CA ALA A 65 -23.67 -11.79 -38.41
C ALA A 65 -22.49 -12.48 -37.74
N VAL A 66 -21.75 -13.29 -38.50
CA VAL A 66 -20.66 -14.03 -37.87
C VAL A 66 -19.50 -13.12 -37.55
N TRP A 67 -19.29 -12.03 -38.29
CA TRP A 67 -18.28 -11.08 -37.85
C TRP A 67 -18.65 -10.49 -36.50
N ALA A 68 -19.93 -10.14 -36.32
CA ALA A 68 -20.42 -9.68 -35.04
C ALA A 68 -20.07 -10.65 -33.92
N ALA A 69 -20.34 -11.95 -34.13
CA ALA A 69 -20.17 -12.98 -33.13
C ALA A 69 -18.72 -13.44 -32.98
N PHE A 70 -17.91 -13.23 -34.01
CA PHE A 70 -16.52 -13.67 -34.05
C PHE A 70 -15.68 -12.48 -34.52
N PRO A 71 -15.35 -11.57 -33.61
CA PRO A 71 -14.51 -10.43 -34.00
C PRO A 71 -13.12 -10.82 -34.44
N GLN A 72 -12.74 -12.07 -34.25
CA GLN A 72 -11.47 -12.54 -34.78
C GLN A 72 -11.47 -12.63 -36.28
N MET A 73 -12.65 -12.52 -36.91
CA MET A 73 -12.78 -12.63 -38.36
C MET A 73 -12.07 -11.47 -39.05
N GLU A 74 -11.21 -11.79 -39.98
CA GLU A 74 -10.46 -10.78 -40.71
C GLU A 74 -10.82 -10.86 -42.19
N ALA A 75 -10.64 -9.75 -42.90
CA ALA A 75 -10.82 -9.78 -44.34
C ALA A 75 -9.51 -9.40 -45.02
N ILE A 76 -9.24 -10.03 -46.16
CA ILE A 76 -8.05 -9.73 -46.95
C ILE A 76 -8.48 -9.36 -48.37
N ASP A 77 -8.01 -8.20 -48.85
CA ASP A 77 -8.30 -7.73 -50.21
C ASP A 77 -7.23 -8.23 -51.16
N ASP A 78 -7.59 -9.12 -52.06
CA ASP A 78 -6.73 -9.21 -53.23
C ASP A 78 -7.54 -8.55 -54.33
N PRO A 79 -7.38 -7.24 -54.53
CA PRO A 79 -8.27 -6.49 -55.40
C PRO A 79 -8.35 -7.11 -56.77
N PRO A 80 -9.50 -6.97 -57.47
CA PRO A 80 -10.71 -6.25 -57.05
C PRO A 80 -11.47 -6.82 -55.86
N THR A 81 -11.24 -8.07 -55.49
CA THR A 81 -12.13 -8.76 -54.59
C THR A 81 -11.61 -8.75 -53.14
N LYS A 82 -12.29 -9.50 -52.28
CA LYS A 82 -12.14 -9.47 -50.84
C LYS A 82 -12.55 -10.82 -50.29
N ARG A 83 -11.70 -11.40 -49.45
CA ARG A 83 -11.95 -12.72 -48.89
C ARG A 83 -11.89 -12.63 -47.38
N PHE A 84 -12.72 -13.46 -46.74
CA PHE A 84 -12.98 -13.42 -45.31
C PHE A 84 -12.68 -14.78 -44.70
N ARG A 85 -12.12 -14.75 -43.49
CA ARG A 85 -11.58 -15.94 -42.87
C ARG A 85 -11.54 -15.69 -41.37
N ILE A 86 -11.81 -16.73 -40.58
CA ILE A 86 -11.61 -16.70 -39.14
C ILE A 86 -10.29 -17.47 -38.86
N PRO A 87 -9.22 -16.77 -38.53
CA PRO A 87 -7.97 -17.49 -38.23
C PRO A 87 -8.12 -18.31 -36.96
N SER A 88 -7.19 -19.25 -36.79
CA SER A 88 -7.28 -20.26 -35.73
C SER A 88 -7.67 -19.65 -34.40
N GLY A 89 -6.81 -18.78 -33.87
CA GLY A 89 -7.12 -18.08 -32.64
C GLY A 89 -7.36 -18.92 -31.39
N LEU A 90 -6.70 -20.07 -31.24
CA LEU A 90 -6.78 -20.84 -30.00
C LEU A 90 -5.85 -22.06 -30.04
N ASP A 91 -5.29 -22.44 -28.88
CA ASP A 91 -4.40 -23.60 -28.79
C ASP A 91 -4.82 -24.57 -27.69
N PHE A 94 -5.54 -26.65 -24.13
CA PHE A 94 -5.83 -25.88 -22.94
C PHE A 94 -5.08 -26.48 -21.74
N GLN A 95 -5.04 -25.78 -20.61
CA GLN A 95 -4.33 -26.27 -19.43
C GLN A 95 -5.17 -26.08 -18.18
N THR A 96 -6.42 -26.58 -18.25
CA THR A 96 -7.28 -27.11 -17.19
C THR A 96 -7.13 -26.39 -15.85
N PRO A 97 -7.70 -25.20 -15.72
CA PRO A 97 -7.53 -24.41 -14.50
C PRO A 97 -8.18 -25.06 -13.28
N THR A 98 -7.93 -24.46 -12.12
CA THR A 98 -8.37 -24.99 -10.83
C THR A 98 -9.85 -24.70 -10.59
N ALA A 99 -10.42 -25.48 -9.67
CA ALA A 99 -11.79 -25.25 -9.21
C ALA A 99 -11.97 -23.84 -8.69
N GLU A 100 -11.05 -23.35 -7.87
CA GLU A 100 -11.28 -22.06 -7.25
C GLU A 100 -11.18 -20.95 -8.28
N GLU A 101 -10.35 -21.13 -9.30
CA GLU A 101 -10.34 -20.23 -10.43
C GLU A 101 -11.70 -20.21 -11.11
N LEU A 102 -12.17 -21.41 -11.48
CA LEU A 102 -13.51 -21.54 -12.04
C LEU A 102 -14.56 -21.02 -11.07
N ALA A 103 -14.47 -21.42 -9.81
CA ALA A 103 -15.44 -20.94 -8.83
C ALA A 103 -15.38 -19.43 -8.73
N ALA A 104 -14.18 -18.87 -8.80
CA ALA A 104 -14.03 -17.42 -8.81
C ALA A 104 -14.83 -16.81 -9.95
N LEU A 105 -14.64 -17.36 -11.16
CA LEU A 105 -15.35 -16.88 -12.34
C LEU A 105 -16.85 -16.98 -12.16
N ARG A 106 -17.34 -18.12 -11.69
CA ARG A 106 -18.78 -18.27 -11.58
C ARG A 106 -19.36 -17.31 -10.53
N VAL A 107 -18.81 -17.33 -9.31
CA VAL A 107 -19.41 -16.47 -8.28
C VAL A 107 -19.27 -15.02 -8.69
N ALA A 108 -18.22 -14.70 -9.45
CA ALA A 108 -18.12 -13.38 -10.04
C ALA A 108 -19.35 -13.10 -10.90
N ALA A 109 -19.60 -13.94 -11.90
CA ALA A 109 -20.76 -13.73 -12.76
C ALA A 109 -22.05 -13.79 -11.96
N ASP A 110 -22.14 -14.73 -11.04
CA ASP A 110 -23.34 -14.82 -10.19
C ASP A 110 -23.59 -13.48 -9.50
N SER A 111 -22.55 -12.90 -8.90
CA SER A 111 -22.71 -11.63 -8.18
C SER A 111 -23.26 -10.55 -9.09
N LEU A 112 -22.80 -10.54 -10.35
CA LEU A 112 -23.18 -9.50 -11.31
C LEU A 112 -24.66 -9.62 -11.71
N ARG A 113 -25.11 -10.82 -12.10
CA ARG A 113 -26.53 -10.96 -12.44
C ARG A 113 -27.39 -10.75 -11.21
N ALA A 114 -26.88 -11.09 -10.03
CA ALA A 114 -27.58 -10.77 -8.79
C ALA A 114 -27.78 -9.27 -8.62
N SER A 115 -26.84 -8.46 -9.12
CA SER A 115 -26.95 -7.02 -9.01
C SER A 115 -27.86 -6.43 -10.09
N GLY A 116 -28.05 -7.12 -11.20
CA GLY A 116 -28.77 -6.56 -12.32
C GLY A 116 -27.87 -6.11 -13.44
N ALA A 117 -26.57 -6.37 -13.34
CA ALA A 117 -25.59 -6.06 -14.38
C ALA A 117 -25.54 -7.18 -15.43
N ASP A 118 -26.65 -7.32 -16.15
CA ASP A 118 -26.83 -8.46 -17.03
C ASP A 118 -25.77 -8.49 -18.13
N ALA A 119 -25.32 -7.33 -18.60
CA ALA A 119 -24.29 -7.29 -19.63
C ALA A 119 -22.97 -7.86 -19.10
N ARG A 120 -22.42 -7.28 -18.03
CA ARG A 120 -21.14 -7.77 -17.51
C ARG A 120 -21.24 -9.24 -17.15
N ALA A 121 -22.40 -9.64 -16.58
CA ALA A 121 -22.66 -11.03 -16.25
C ALA A 121 -22.67 -11.90 -17.51
N SER A 122 -23.38 -11.48 -18.55
CA SER A 122 -23.48 -12.29 -19.75
C SER A 122 -22.13 -12.66 -20.31
N SER A 123 -21.26 -11.65 -20.41
CA SER A 123 -19.94 -11.83 -20.98
C SER A 123 -19.15 -12.84 -20.19
N LEU A 124 -19.30 -12.80 -18.88
CA LEU A 124 -18.59 -13.72 -18.01
C LEU A 124 -19.18 -15.12 -18.07
N TYR A 125 -20.50 -15.24 -18.13
CA TYR A 125 -21.08 -16.56 -18.37
C TYR A 125 -20.64 -17.12 -19.73
N ALA A 126 -20.56 -16.28 -20.75
CA ALA A 126 -20.04 -16.77 -22.03
C ALA A 126 -18.58 -17.18 -21.92
N LEU A 127 -17.76 -16.38 -21.23
CA LEU A 127 -16.38 -16.81 -21.01
C LEU A 127 -16.31 -18.16 -20.31
N GLU A 128 -17.22 -18.40 -19.35
CA GLU A 128 -17.24 -19.69 -18.67
C GLU A 128 -17.60 -20.83 -19.61
N ALA A 129 -18.69 -20.69 -20.36
CA ALA A 129 -19.14 -21.78 -21.23
C ALA A 129 -18.05 -22.19 -22.21
N LYS A 130 -17.50 -21.22 -22.93
CA LYS A 130 -16.45 -21.56 -23.89
C LYS A 130 -15.27 -22.11 -23.13
N LEU A 131 -15.04 -21.60 -21.95
CA LEU A 131 -13.85 -22.01 -21.19
C LEU A 131 -14.03 -23.43 -20.70
N LEU A 132 -15.25 -23.82 -20.38
CA LEU A 132 -15.48 -25.20 -19.90
C LEU A 132 -15.36 -26.14 -21.08
N SER A 133 -16.15 -25.89 -22.10
CA SER A 133 -16.14 -26.69 -23.32
C SER A 133 -14.73 -27.04 -23.79
N ALA A 134 -13.76 -26.15 -23.54
CA ALA A 134 -12.40 -26.33 -24.04
C ALA A 134 -11.54 -27.28 -23.22
N LEU A 135 -12.07 -27.85 -22.12
CA LEU A 135 -11.39 -28.89 -21.39
C LEU A 135 -11.71 -30.26 -22.02
N ARG A 136 -11.14 -31.33 -21.45
CA ARG A 136 -11.34 -32.63 -22.05
C ARG A 136 -12.53 -33.35 -21.40
N GLY A 137 -12.82 -34.55 -21.90
CA GLY A 137 -13.84 -35.36 -21.27
C GLY A 137 -13.57 -35.56 -19.79
N SER A 138 -12.33 -35.90 -19.43
CA SER A 138 -11.97 -36.07 -18.03
C SER A 138 -12.15 -34.77 -17.25
N ALA A 139 -11.43 -33.72 -17.65
CA ALA A 139 -11.29 -32.55 -16.79
C ALA A 139 -12.65 -31.98 -16.42
N ARG A 140 -13.60 -31.97 -17.35
CA ARG A 140 -14.84 -31.25 -17.16
C ARG A 140 -15.69 -31.85 -16.04
N ARG A 141 -16.01 -33.14 -16.14
CA ARG A 141 -16.82 -33.78 -15.11
C ARG A 141 -16.05 -33.99 -13.80
N ARG A 142 -14.73 -33.90 -13.82
CA ARG A 142 -13.90 -34.15 -12.65
C ARG A 142 -13.81 -32.94 -11.74
N VAL A 143 -13.62 -31.74 -12.29
CA VAL A 143 -13.66 -30.55 -11.44
C VAL A 143 -15.08 -30.02 -11.27
N ALA A 144 -16.07 -30.62 -11.93
CA ALA A 144 -17.42 -30.07 -11.84
C ALA A 144 -17.89 -30.04 -10.38
N PRO A 145 -18.15 -31.18 -9.70
CA PRO A 145 -18.61 -31.06 -8.31
C PRO A 145 -17.66 -30.26 -7.44
N ASP A 146 -16.37 -30.20 -7.79
CA ASP A 146 -15.44 -29.36 -7.05
C ASP A 146 -15.89 -27.91 -7.04
N VAL A 147 -16.14 -27.32 -8.21
CA VAL A 147 -16.45 -25.88 -8.28
C VAL A 147 -17.78 -25.58 -7.62
N GLU A 148 -18.81 -26.42 -7.83
CA GLU A 148 -20.11 -26.11 -7.22
C GLU A 148 -20.08 -26.32 -5.73
N ALA A 149 -19.25 -27.21 -5.23
CA ALA A 149 -18.99 -27.20 -3.81
C ALA A 149 -18.50 -25.80 -3.37
N LEU A 150 -17.47 -25.29 -4.05
CA LEU A 150 -16.94 -23.98 -3.69
C LEU A 150 -17.96 -22.88 -3.91
N VAL A 151 -18.62 -22.87 -5.07
CA VAL A 151 -19.49 -21.76 -5.44
C VAL A 151 -20.67 -21.68 -4.48
N GLN A 152 -21.11 -22.83 -3.93
CA GLN A 152 -22.12 -22.78 -2.88
C GLN A 152 -21.54 -22.26 -1.57
N ALA A 153 -20.26 -22.50 -1.28
CA ALA A 153 -19.68 -22.05 -0.01
C ALA A 153 -19.12 -20.63 -0.09
N GLU A 154 -19.59 -19.81 -1.03
CA GLU A 154 -19.17 -18.43 -1.24
C GLU A 154 -20.38 -17.62 -1.66
N THR A 155 -20.67 -16.50 -1.00
CA THR A 155 -21.61 -15.56 -1.61
C THR A 155 -21.14 -14.13 -1.40
N ILE A 156 -21.35 -13.29 -2.43
CA ILE A 156 -21.07 -11.86 -2.33
C ILE A 156 -22.33 -11.14 -1.89
N ALA A 157 -22.23 -10.35 -0.83
CA ALA A 157 -23.36 -9.56 -0.36
C ALA A 157 -23.63 -8.47 -1.36
N VAL A 158 -24.90 -8.24 -1.64
CA VAL A 158 -25.31 -7.23 -2.62
C VAL A 158 -25.73 -5.95 -1.88
N HIS A 159 -25.06 -4.85 -2.19
CA HIS A 159 -25.46 -3.55 -1.67
C HIS A 159 -26.89 -3.23 -2.06
N ALA A 160 -27.61 -2.55 -1.18
CA ALA A 160 -28.82 -1.88 -1.62
C ALA A 160 -28.46 -0.66 -2.43
N GLY A 161 -29.32 -0.34 -3.39
CA GLY A 161 -29.17 0.83 -4.21
C GLY A 161 -29.80 0.66 -5.57
N PRO A 162 -29.50 1.57 -6.50
CA PRO A 162 -30.20 1.57 -7.79
C PRO A 162 -29.82 0.37 -8.63
N ARG A 163 -30.72 -0.02 -9.46
CA ARG A 163 -30.35 -1.17 -10.28
C ARG A 163 -29.79 -0.68 -11.61
N PRO A 164 -28.64 -1.21 -12.06
CA PRO A 164 -27.98 -0.60 -13.22
C PRO A 164 -28.70 -0.97 -14.50
N TYR A 165 -28.80 0.01 -15.40
CA TYR A 165 -29.34 -0.25 -16.73
C TYR A 165 -28.20 -0.80 -17.58
N GLU A 166 -28.36 -2.03 -18.07
CA GLU A 166 -27.33 -2.70 -18.87
C GLU A 166 -27.99 -3.29 -20.10
N ASP A 167 -28.29 -2.43 -21.05
CA ASP A 167 -29.04 -2.81 -22.22
C ASP A 167 -28.03 -2.97 -23.35
N GLN A 168 -27.52 -4.19 -23.54
CA GLN A 168 -26.34 -4.38 -24.37
C GLN A 168 -26.50 -3.74 -25.74
N ALA A 169 -27.72 -3.32 -26.09
CA ALA A 169 -27.92 -2.48 -27.26
C ALA A 169 -27.25 -1.12 -27.09
N VAL A 170 -27.63 -0.39 -26.03
CA VAL A 170 -27.02 0.90 -25.77
C VAL A 170 -25.54 0.73 -25.41
N LEU A 171 -25.21 -0.29 -24.61
CA LEU A 171 -23.83 -0.51 -24.23
C LEU A 171 -23.00 -0.86 -25.45
N GLY A 172 -23.51 -1.76 -26.28
CA GLY A 172 -22.80 -2.10 -27.49
C GLY A 172 -22.56 -0.91 -28.39
N ALA A 173 -23.48 0.07 -28.34
CA ALA A 173 -23.33 1.26 -29.18
C ALA A 173 -22.22 2.16 -28.68
N ILE A 174 -22.19 2.36 -27.37
CA ILE A 174 -21.10 3.11 -26.76
C ILE A 174 -19.78 2.47 -27.12
N ARG A 175 -19.62 1.18 -26.86
CA ARG A 175 -18.32 0.56 -27.10
C ARG A 175 -17.96 0.65 -28.56
N ALA A 176 -18.97 0.52 -29.42
CA ALA A 176 -18.78 0.68 -30.86
C ALA A 176 -18.21 2.06 -31.19
N ALA A 177 -18.88 3.12 -30.72
CA ALA A 177 -18.38 4.47 -30.96
C ALA A 177 -16.98 4.65 -30.39
N ILE A 178 -16.75 4.19 -29.15
CA ILE A 178 -15.43 4.36 -28.55
C ILE A 178 -14.38 3.64 -29.37
N LYS A 179 -14.64 2.39 -29.75
CA LYS A 179 -13.63 1.66 -30.53
C LYS A 179 -13.37 2.34 -31.88
N GLY A 180 -14.38 3.01 -32.45
CA GLY A 180 -14.21 3.61 -33.76
C GLY A 180 -13.65 5.03 -33.82
N LEU A 181 -13.55 5.71 -32.67
CA LEU A 181 -13.22 7.14 -32.62
C LEU A 181 -14.33 7.95 -33.30
N GLN A 182 -15.56 7.65 -32.90
CA GLN A 182 -16.74 8.20 -33.54
C GLN A 182 -17.71 8.78 -32.53
N ALA A 183 -18.39 9.84 -32.95
CA ALA A 183 -19.40 10.47 -32.13
C ALA A 183 -20.56 9.52 -31.91
N LEU A 184 -21.11 9.57 -30.71
CA LEU A 184 -22.32 8.86 -30.42
C LEU A 184 -23.46 9.88 -30.28
N SER A 185 -24.67 9.43 -30.62
CA SER A 185 -25.86 10.26 -30.67
C SER A 185 -26.97 9.53 -29.93
N PHE A 186 -27.76 10.26 -29.15
CA PHE A 186 -28.84 9.61 -28.44
C PHE A 186 -29.82 10.66 -27.92
N ARG A 187 -31.07 10.25 -27.77
CA ARG A 187 -32.00 11.04 -27.01
C ARG A 187 -31.74 10.79 -25.53
N TYR A 188 -31.74 11.87 -24.75
CA TYR A 188 -31.54 11.75 -23.32
C TYR A 188 -32.73 12.40 -22.63
N GLU A 189 -33.37 11.67 -21.71
CA GLU A 189 -34.46 12.25 -20.94
C GLU A 189 -33.95 12.58 -19.53
N GLY A 190 -33.28 13.73 -19.44
CA GLY A 190 -32.76 14.21 -18.17
C GLY A 190 -32.05 15.53 -18.38
N GLY A 191 -31.71 16.16 -17.26
CA GLY A 191 -30.78 17.28 -17.28
C GLY A 191 -31.20 18.56 -17.98
N SER A 192 -32.17 19.28 -17.42
CA SER A 192 -32.47 20.68 -17.77
C SER A 192 -33.17 20.87 -19.12
N THR A 193 -33.22 19.83 -19.97
CA THR A 193 -33.90 19.92 -21.26
C THR A 193 -34.12 18.53 -21.83
N PRO A 194 -35.07 17.76 -21.27
CA PRO A 194 -35.21 16.36 -21.69
C PRO A 194 -35.77 16.18 -23.08
N GLY A 195 -35.88 14.92 -23.51
CA GLY A 195 -36.53 14.56 -24.73
C GLY A 195 -35.67 14.59 -25.98
N ARG A 196 -34.55 15.30 -25.98
CA ARG A 196 -33.95 15.73 -27.23
C ARG A 196 -32.61 15.08 -27.53
N THR A 197 -32.26 15.08 -28.81
CA THR A 197 -31.12 14.34 -29.34
C THR A 197 -29.83 15.08 -29.06
N ARG A 198 -28.82 14.34 -28.58
CA ARG A 198 -27.54 14.89 -28.12
C ARG A 198 -26.40 14.21 -28.84
N GLU A 199 -25.40 15.01 -29.27
CA GLU A 199 -24.22 14.50 -29.94
C GLU A 199 -23.04 14.61 -29.00
N VAL A 200 -22.37 13.49 -28.71
CA VAL A 200 -21.26 13.50 -27.76
C VAL A 200 -20.03 12.83 -28.34
N THR A 201 -18.90 13.11 -27.71
CA THR A 201 -17.70 12.33 -27.90
C THR A 201 -17.65 11.33 -26.76
N PRO A 202 -17.89 10.04 -26.99
CA PRO A 202 -17.97 9.12 -25.86
C PRO A 202 -16.58 8.85 -25.31
N LEU A 203 -16.46 8.92 -23.96
CA LEU A 203 -15.18 8.79 -23.26
C LEU A 203 -14.99 7.45 -22.60
N GLY A 204 -16.04 6.95 -21.96
CA GLY A 204 -16.02 5.61 -21.40
C GLY A 204 -17.30 5.33 -20.64
N VAL A 205 -17.36 4.16 -20.03
CA VAL A 205 -18.53 3.74 -19.27
C VAL A 205 -18.12 3.61 -17.82
N LEU A 206 -18.92 4.19 -16.94
CA LEU A 206 -18.68 4.20 -15.51
C LEU A 206 -19.77 3.38 -14.83
N PHE A 207 -19.50 2.09 -14.57
CA PHE A 207 -20.40 1.18 -13.87
C PHE A 207 -20.42 1.52 -12.38
N GLY A 208 -21.54 2.02 -11.90
CA GLY A 208 -21.59 2.52 -10.55
C GLY A 208 -22.90 2.14 -9.89
N ARG A 209 -23.59 3.12 -9.31
CA ARG A 209 -24.91 2.88 -8.78
C ARG A 209 -25.82 2.47 -9.92
N SER A 210 -26.23 3.43 -10.72
CA SER A 210 -26.60 3.09 -12.08
C SER A 210 -25.32 3.15 -12.89
N ASN A 211 -25.44 3.01 -14.20
CA ASN A 211 -24.27 3.14 -15.06
C ASN A 211 -24.33 4.46 -15.80
N TYR A 212 -23.18 4.96 -16.19
CA TYR A 212 -23.08 6.29 -16.76
C TYR A 212 -22.22 6.28 -18.00
N LEU A 213 -22.69 7.02 -19.00
CA LEU A 213 -21.85 7.44 -20.09
C LEU A 213 -21.03 8.62 -19.62
N VAL A 214 -19.72 8.54 -19.81
CA VAL A 214 -18.85 9.68 -19.64
C VAL A 214 -18.54 10.21 -21.03
N ALA A 215 -18.93 11.45 -21.28
CA ALA A 215 -18.86 11.93 -22.64
C ALA A 215 -18.87 13.45 -22.64
N LEU A 216 -18.12 13.99 -23.61
CA LEU A 216 -18.10 15.42 -23.90
C LEU A 216 -19.22 15.75 -24.87
N GLU A 217 -19.94 16.82 -24.57
CA GLU A 217 -20.92 17.37 -25.49
C GLU A 217 -20.50 18.76 -25.94
N GLY A 218 -20.49 18.98 -27.25
CA GLY A 218 -20.34 20.32 -27.76
C GLY A 218 -18.91 20.83 -27.68
N LYS A 219 -18.79 22.10 -28.05
CA LYS A 219 -17.48 22.75 -28.08
C LYS A 219 -16.95 22.88 -26.66
N GLY A 220 -15.64 22.67 -26.52
CA GLY A 220 -14.94 22.92 -25.26
C GLY A 220 -15.63 22.45 -24.00
N GLY A 221 -16.46 21.44 -24.11
CA GLY A 221 -17.04 20.85 -22.93
C GLY A 221 -15.99 20.15 -22.10
N LYS A 222 -16.40 19.80 -20.89
CA LYS A 222 -15.64 18.91 -20.04
C LYS A 222 -16.58 17.80 -19.59
N PRO A 223 -16.05 16.63 -19.28
CA PRO A 223 -16.89 15.42 -19.29
C PRO A 223 -18.09 15.54 -18.35
N ARG A 224 -19.23 15.05 -18.83
CA ARG A 224 -20.43 14.98 -18.03
C ARG A 224 -20.92 13.56 -17.99
N SER A 225 -21.72 13.27 -16.97
CA SER A 225 -22.23 11.92 -16.76
C SER A 225 -23.63 11.81 -17.32
N TRP A 226 -23.84 10.78 -18.10
CA TRP A 226 -25.10 10.52 -18.79
C TRP A 226 -25.61 9.19 -18.27
N ARG A 227 -26.77 9.19 -17.64
CA ARG A 227 -27.27 7.95 -17.09
C ARG A 227 -27.80 7.07 -18.21
N LEU A 228 -27.23 5.87 -18.32
CA LEU A 228 -27.67 4.87 -19.27
C LEU A 228 -29.18 4.62 -19.17
N ASP A 229 -29.75 4.67 -17.95
CA ASP A 229 -31.20 4.59 -17.76
C ASP A 229 -31.98 5.48 -18.72
N ARG A 230 -31.38 6.60 -19.14
CA ARG A 230 -32.12 7.68 -19.77
C ARG A 230 -31.75 7.89 -21.24
N MET A 231 -31.04 6.93 -21.82
CA MET A 231 -30.52 7.02 -23.18
C MET A 231 -31.31 6.08 -24.07
N SER A 232 -32.06 6.65 -24.99
CA SER A 232 -32.73 5.90 -26.04
C SER A 232 -32.09 6.26 -27.37
N ASP A 233 -32.33 5.40 -28.36
CA ASP A 233 -32.19 5.81 -29.75
C ASP A 233 -30.73 6.14 -30.07
N LEU A 234 -29.82 5.31 -29.58
CA LEU A 234 -28.41 5.52 -29.87
C LEU A 234 -28.13 5.31 -31.35
N LYS A 235 -27.15 6.06 -31.87
CA LYS A 235 -26.68 5.90 -33.23
C LYS A 235 -25.19 6.21 -33.23
N VAL A 236 -24.38 5.34 -33.81
CA VAL A 236 -22.95 5.60 -33.93
C VAL A 236 -22.73 6.38 -35.23
N LEU A 237 -22.67 7.71 -35.13
CA LEU A 237 -22.49 8.59 -36.28
C LEU A 237 -21.18 8.33 -37.00
N ASP A 238 -21.13 8.73 -38.27
CA ASP A 238 -19.89 8.65 -39.04
C ASP A 238 -19.12 9.95 -39.04
N LYS A 239 -18.90 10.52 -37.87
CA LYS A 239 -17.93 11.59 -37.70
C LYS A 239 -16.84 11.09 -36.77
N PRO A 240 -15.60 11.52 -36.99
CA PRO A 240 -14.54 11.32 -35.98
C PRO A 240 -14.80 12.14 -34.72
N ALA A 241 -14.71 11.48 -33.56
CA ALA A 241 -14.80 12.15 -32.27
C ALA A 241 -13.71 11.60 -31.34
N PRO A 242 -12.44 11.92 -31.62
CA PRO A 242 -11.37 11.47 -30.74
C PRO A 242 -11.55 12.13 -29.35
N PRO A 243 -11.11 11.43 -28.31
CA PRO A 243 -11.14 12.06 -26.98
C PRO A 243 -9.88 12.85 -26.75
N PRO A 244 -9.93 13.83 -25.86
CA PRO A 244 -8.70 14.46 -25.38
C PRO A 244 -7.60 13.44 -25.08
N GLN A 245 -6.38 13.75 -25.51
CA GLN A 245 -5.27 12.82 -25.29
C GLN A 245 -4.90 12.71 -23.81
N ASP A 246 -5.34 13.67 -23.02
CA ASP A 246 -5.06 13.78 -21.60
C ASP A 246 -6.19 13.26 -20.72
N PHE A 247 -7.21 12.62 -21.31
CA PHE A 247 -8.37 12.19 -20.53
C PHE A 247 -8.19 10.74 -20.08
N SER A 248 -8.48 10.51 -18.80
CA SER A 248 -8.30 9.26 -18.09
C SER A 248 -9.60 8.94 -17.37
N LEU A 249 -10.28 7.86 -17.78
CA LEU A 249 -11.56 7.57 -17.17
C LEU A 249 -11.43 7.41 -15.67
N GLN A 250 -10.34 6.76 -15.22
CA GLN A 250 -10.12 6.58 -13.80
C GLN A 250 -10.10 7.92 -13.07
N ALA A 251 -9.16 8.77 -13.47
CA ALA A 251 -9.03 10.10 -12.92
C ALA A 251 -10.38 10.79 -12.86
N PHE A 252 -11.15 10.74 -13.96
CA PHE A 252 -12.48 11.34 -13.94
C PHE A 252 -13.36 10.72 -12.87
N ALA A 253 -13.25 9.40 -12.68
CA ALA A 253 -14.08 8.81 -11.66
C ALA A 253 -13.61 9.23 -10.27
N ASP A 254 -12.29 9.35 -10.10
CA ASP A 254 -11.69 9.64 -8.82
C ASP A 254 -11.80 11.10 -8.45
N GLU A 255 -12.46 11.92 -9.28
CA GLU A 255 -12.68 13.30 -8.88
C GLU A 255 -13.81 13.43 -7.87
N SER A 256 -14.58 12.38 -7.66
CA SER A 256 -15.71 12.44 -6.74
C SER A 256 -15.65 11.33 -5.69
N PHE A 257 -16.31 11.56 -4.56
CA PHE A 257 -16.34 10.56 -3.50
C PHE A 257 -17.18 9.38 -3.90
N GLY A 258 -18.32 9.64 -4.55
CA GLY A 258 -19.11 8.65 -5.23
C GLY A 258 -19.26 8.94 -6.71
N ILE A 259 -20.46 9.27 -7.15
CA ILE A 259 -20.74 9.52 -8.56
C ILE A 259 -20.71 11.01 -8.91
N TYR A 260 -21.32 11.85 -8.06
CA TYR A 260 -21.57 13.25 -8.40
C TYR A 260 -20.27 14.06 -8.48
N HIS A 261 -20.11 14.87 -9.53
CA HIS A 261 -18.91 15.71 -9.69
C HIS A 261 -19.25 17.16 -9.32
N ASP A 262 -19.11 17.44 -8.02
CA ASP A 262 -19.20 18.74 -7.36
C ASP A 262 -17.91 19.52 -7.60
N GLU A 263 -17.75 20.58 -6.84
CA GLU A 263 -16.43 21.19 -6.71
C GLU A 263 -15.55 20.32 -5.80
N ILE A 264 -14.31 20.07 -6.24
CA ILE A 264 -13.42 19.14 -5.54
C ILE A 264 -12.93 19.76 -4.24
N GLN A 265 -13.36 19.20 -3.11
CA GLN A 265 -13.08 19.69 -1.75
C GLN A 265 -11.86 19.02 -1.15
N ASP A 266 -11.23 19.70 -0.20
CA ASP A 266 -10.21 19.07 0.64
C ASP A 266 -10.92 18.58 1.89
N VAL A 267 -11.07 17.29 2.00
CA VAL A 267 -11.85 16.75 3.08
C VAL A 267 -10.85 16.42 4.17
N VAL A 268 -11.22 16.76 5.42
CA VAL A 268 -10.45 16.44 6.60
C VAL A 268 -11.40 15.89 7.65
N LEU A 269 -11.17 14.65 8.07
CA LEU A 269 -12.02 13.97 9.04
C LEU A 269 -11.18 13.52 10.22
N ARG A 270 -11.79 13.48 11.39
CA ARG A 270 -11.06 12.94 12.55
C ARG A 270 -11.92 11.83 13.12
N ILE A 271 -11.45 10.60 12.98
CA ILE A 271 -12.10 9.45 13.56
C ILE A 271 -11.69 9.34 15.02
N HIS A 272 -12.69 9.30 15.90
CA HIS A 272 -12.51 8.99 17.31
C HIS A 272 -11.75 7.68 17.51
N LYS A 273 -10.96 7.61 18.60
CA LYS A 273 -10.20 6.41 18.95
C LYS A 273 -11.08 5.19 19.04
N SER A 274 -12.34 5.38 19.47
CA SER A 274 -13.20 4.22 19.64
C SER A 274 -13.31 3.44 18.35
N ARG A 275 -13.12 4.11 17.20
CA ARG A 275 -13.25 3.47 15.90
C ARG A 275 -11.95 3.58 15.11
N ALA A 276 -10.82 3.74 15.79
CA ALA A 276 -9.54 3.91 15.10
C ALA A 276 -9.15 2.66 14.32
N GLU A 277 -9.23 1.50 14.96
CA GLU A 277 -8.94 0.24 14.30
C GLU A 277 -9.66 0.15 12.96
N ASP A 278 -10.94 0.52 12.94
CA ASP A 278 -11.71 0.56 11.70
C ASP A 278 -11.13 1.59 10.74
N ALA A 279 -11.09 2.85 11.16
CA ALA A 279 -10.47 3.92 10.37
C ALA A 279 -9.17 3.52 9.68
N LEU A 280 -8.27 2.85 10.38
CA LEU A 280 -6.97 2.47 9.82
C LEU A 280 -7.04 1.31 8.82
N ARG A 281 -8.20 0.69 8.64
CA ARG A 281 -8.36 -0.43 7.72
C ARG A 281 -9.66 -0.21 6.93
N TRP A 282 -9.74 0.95 6.27
CA TRP A 282 -10.96 1.47 5.69
C TRP A 282 -10.61 2.21 4.41
N ARG A 283 -11.55 2.23 3.46
CA ARG A 283 -11.37 2.95 2.21
C ARG A 283 -12.37 4.10 2.14
N PHE A 284 -11.87 5.32 2.20
CA PHE A 284 -12.66 6.53 2.01
C PHE A 284 -12.56 7.05 0.60
N HIS A 285 -11.36 7.05 0.05
CA HIS A 285 -11.16 7.57 -1.29
C HIS A 285 -9.87 7.01 -1.86
N ALA A 286 -9.82 7.04 -3.19
CA ALA A 286 -8.64 6.62 -3.93
C ALA A 286 -7.39 7.35 -3.47
N THR A 287 -7.53 8.58 -2.97
CA THR A 287 -6.40 9.47 -2.71
C THR A 287 -6.13 9.63 -1.22
N GLN A 288 -6.68 8.77 -0.39
CA GLN A 288 -6.70 9.04 1.04
C GLN A 288 -5.30 8.96 1.64
N GLN A 289 -5.05 9.85 2.59
CA GLN A 289 -3.94 9.71 3.53
C GLN A 289 -4.59 9.60 4.90
N VAL A 290 -4.37 8.48 5.58
CA VAL A 290 -4.79 8.34 6.97
C VAL A 290 -3.54 8.45 7.83
N THR A 291 -3.65 9.21 8.90
CA THR A 291 -2.51 9.41 9.78
C THR A 291 -2.96 9.18 11.23
N PRO A 292 -2.32 8.26 11.96
CA PRO A 292 -2.72 8.03 13.36
C PRO A 292 -2.26 9.19 14.21
N GLU A 293 -2.98 9.44 15.30
CA GLU A 293 -2.64 10.54 16.19
C GLU A 293 -2.26 10.02 17.58
N ALA A 294 -1.31 10.72 18.23
CA ALA A 294 -0.89 10.39 19.60
C ALA A 294 -2.07 10.14 20.54
N ASP A 295 -3.14 10.89 20.40
CA ASP A 295 -4.26 10.68 21.31
C ASP A 295 -5.10 9.46 20.92
N GLY A 296 -4.67 8.65 19.95
CA GLY A 296 -5.43 7.46 19.56
C GLY A 296 -6.50 7.68 18.50
N SER A 297 -6.94 8.92 18.29
CA SER A 297 -7.80 9.24 17.15
C SER A 297 -7.01 9.15 15.84
N VAL A 298 -7.72 9.06 14.72
CA VAL A 298 -7.11 8.89 13.39
C VAL A 298 -7.61 10.00 12.46
N LEU A 299 -6.67 10.61 11.75
CA LEU A 299 -6.95 11.74 10.88
C LEU A 299 -7.00 11.26 9.43
N VAL A 300 -8.08 11.62 8.72
CA VAL A 300 -8.32 11.18 7.34
C VAL A 300 -8.42 12.40 6.45
N THR A 301 -7.57 12.45 5.44
CA THR A 301 -7.60 13.54 4.47
C THR A 301 -7.69 12.94 3.07
N PHE A 302 -8.46 13.61 2.21
CA PHE A 302 -8.50 13.28 0.79
C PHE A 302 -9.26 14.41 0.12
N ARG A 303 -9.04 14.55 -1.19
CA ARG A 303 -9.78 15.52 -1.99
C ARG A 303 -10.69 14.82 -2.98
N ALA A 304 -11.91 15.32 -3.10
CA ALA A 304 -12.95 14.66 -3.86
C ALA A 304 -14.17 15.58 -3.86
N GLY A 305 -15.02 15.38 -4.86
CA GLY A 305 -16.33 15.99 -4.86
C GLY A 305 -17.33 15.03 -4.24
N GLY A 306 -18.59 15.38 -4.34
CA GLY A 306 -19.54 14.38 -3.93
C GLY A 306 -19.77 14.42 -2.45
N MET A 307 -19.92 15.64 -1.93
CA MET A 307 -20.11 15.82 -0.51
C MET A 307 -21.36 15.09 -0.03
N ARG A 308 -22.50 15.33 -0.69
CA ARG A 308 -23.71 14.63 -0.27
C ARG A 308 -23.47 13.13 -0.15
N GLU A 309 -22.95 12.50 -1.20
CA GLU A 309 -22.67 11.09 -1.12
C GLU A 309 -21.72 10.81 0.04
N LEU A 310 -20.81 11.74 0.31
CA LEU A 310 -19.91 11.58 1.45
C LEU A 310 -20.66 11.77 2.76
N SER A 311 -21.49 12.83 2.84
CA SER A 311 -22.31 13.02 4.03
C SER A 311 -23.04 11.72 4.41
N TRP A 312 -23.57 11.00 3.41
CA TRP A 312 -24.28 9.75 3.69
C TRP A 312 -23.36 8.74 4.38
N HIS A 313 -22.19 8.48 3.80
CA HIS A 313 -21.31 7.46 4.37
C HIS A 313 -20.87 7.85 5.78
N LEU A 314 -20.57 9.13 5.98
CA LEU A 314 -20.21 9.58 7.31
C LEU A 314 -21.30 9.29 8.31
N PHE A 315 -22.55 9.26 7.83
CA PHE A 315 -23.66 8.93 8.71
C PHE A 315 -23.49 7.56 9.31
N THR A 316 -22.89 6.63 8.58
CA THR A 316 -22.67 5.29 9.12
C THR A 316 -21.51 5.25 10.11
N TRP A 317 -20.72 6.32 10.22
CA TRP A 317 -19.74 6.42 11.29
C TRP A 317 -20.36 6.89 12.61
N GLY A 318 -21.63 7.30 12.58
CA GLY A 318 -22.29 7.73 13.80
C GLY A 318 -21.55 8.90 14.42
N ASP A 319 -21.26 8.78 15.72
CA ASP A 319 -20.64 9.83 16.52
C ASP A 319 -19.12 9.76 16.52
N ALA A 320 -18.51 8.85 15.77
CA ALA A 320 -17.06 8.65 15.82
C ALA A 320 -16.30 9.48 14.80
N VAL A 321 -16.94 10.41 14.10
CA VAL A 321 -16.24 11.21 13.10
C VAL A 321 -16.57 12.68 13.31
N GLU A 322 -15.54 13.51 13.25
CA GLU A 322 -15.65 14.96 13.25
C GLU A 322 -15.31 15.44 11.84
N ILE A 323 -16.16 16.31 11.31
CA ILE A 323 -15.93 16.94 10.01
C ILE A 323 -15.12 18.19 10.30
N VAL A 324 -13.80 18.08 10.19
CA VAL A 324 -12.91 19.21 10.35
C VAL A 324 -13.03 20.16 9.17
N ALA A 325 -13.07 19.62 7.95
CA ALA A 325 -13.06 20.43 6.75
C ALA A 325 -13.58 19.59 5.59
N PRO A 326 -14.30 20.19 4.64
CA PRO A 326 -14.58 21.60 4.51
C PRO A 326 -15.90 22.05 5.12
N GLN A 327 -16.02 23.37 5.29
CA GLN A 327 -17.26 23.95 5.79
C GLN A 327 -18.48 23.42 5.03
N VAL A 328 -18.38 23.35 3.70
CA VAL A 328 -19.52 22.95 2.90
C VAL A 328 -19.94 21.53 3.27
N LEU A 329 -18.98 20.69 3.64
CA LEU A 329 -19.32 19.37 4.14
C LEU A 329 -20.10 19.49 5.44
N LYS A 330 -19.50 20.15 6.45
CA LYS A 330 -20.19 20.42 7.71
C LYS A 330 -21.61 20.85 7.44
N ASP A 331 -21.76 21.82 6.54
CA ASP A 331 -23.09 22.31 6.22
C ASP A 331 -23.96 21.18 5.73
N MET A 332 -23.51 20.45 4.73
CA MET A 332 -24.45 19.50 4.15
C MET A 332 -24.73 18.35 5.10
N MET A 333 -23.73 17.90 5.83
CA MET A 333 -24.01 16.91 6.88
C MET A 333 -25.18 17.36 7.76
N VAL A 334 -25.14 18.60 8.26
CA VAL A 334 -26.19 18.98 9.21
C VAL A 334 -27.52 19.20 8.49
N GLN A 335 -27.51 19.85 7.33
CA GLN A 335 -28.77 20.05 6.62
C GLN A 335 -29.43 18.71 6.31
N GLU A 336 -28.63 17.73 5.89
CA GLU A 336 -29.12 16.36 5.73
C GLU A 336 -29.64 15.79 7.03
N LEU A 337 -28.85 15.85 8.09
CA LEU A 337 -29.29 15.36 9.39
C LEU A 337 -30.67 15.92 9.76
N ARG A 338 -30.79 17.24 9.89
CA ARG A 338 -32.05 17.79 10.37
C ARG A 338 -33.21 17.51 9.40
N GLU A 339 -32.93 17.27 8.11
CA GLU A 339 -33.99 16.98 7.14
C GLU A 339 -34.65 15.63 7.42
N ALA A 340 -33.85 14.57 7.55
CA ALA A 340 -34.37 13.29 8.01
C ALA A 340 -34.89 13.38 9.44
N GLY A 341 -34.24 14.19 10.29
CA GLY A 341 -34.58 14.21 11.70
C GLY A 341 -36.01 14.65 11.97
N ARG A 342 -36.49 15.64 11.23
CA ARG A 342 -37.90 15.99 11.38
C ARG A 342 -38.78 15.04 10.58
N ALA A 343 -38.32 14.66 9.38
CA ALA A 343 -39.10 13.76 8.55
C ALA A 343 -39.32 12.40 9.21
N HIS A 344 -38.53 12.06 10.23
CA HIS A 344 -38.77 10.88 11.04
C HIS A 344 -39.04 11.21 12.49
N GLY A 345 -39.09 12.49 12.85
CA GLY A 345 -39.26 12.87 14.23
C GLY A 345 -38.06 12.53 15.10
N ALA A 346 -36.95 13.23 14.89
CA ALA A 346 -35.83 13.15 15.82
C ALA A 346 -35.84 14.28 16.83
N TRP A 347 -36.38 15.43 16.43
CA TRP A 347 -36.65 16.56 17.30
C TRP A 347 -37.51 16.18 18.51
N GLU B 24 -27.69 -11.49 -29.15
CA GLU B 24 -29.14 -11.32 -29.06
C GLU B 24 -29.88 -12.60 -29.48
N LYS B 25 -30.32 -12.66 -30.74
CA LYS B 25 -31.21 -13.72 -31.21
C LYS B 25 -30.71 -14.46 -32.43
N ALA B 26 -29.75 -13.92 -33.18
CA ALA B 26 -29.10 -14.72 -34.22
C ALA B 26 -28.16 -15.76 -33.60
N THR B 27 -27.58 -15.46 -32.44
CA THR B 27 -26.58 -16.30 -31.81
C THR B 27 -27.11 -17.14 -30.66
N ARG B 28 -28.42 -17.16 -30.44
CA ARG B 28 -28.93 -17.95 -29.33
C ARG B 28 -28.77 -19.44 -29.59
N LEU B 29 -28.87 -19.87 -30.85
CA LEU B 29 -28.52 -21.25 -31.17
C LEU B 29 -27.08 -21.54 -30.78
N LEU B 30 -26.17 -20.65 -31.14
CA LEU B 30 -24.78 -20.79 -30.75
C LEU B 30 -24.57 -20.57 -29.27
N ASP B 31 -25.36 -19.71 -28.63
CA ASP B 31 -25.27 -19.60 -27.18
C ASP B 31 -25.70 -20.91 -26.50
N LEU B 32 -26.76 -21.54 -27.04
CA LEU B 32 -27.20 -22.86 -26.55
C LEU B 32 -26.13 -23.92 -26.75
N ALA B 33 -25.50 -23.94 -27.93
CA ALA B 33 -24.50 -24.97 -28.19
C ALA B 33 -23.29 -24.82 -27.28
N ARG B 34 -22.93 -23.58 -26.95
CA ARG B 34 -21.85 -23.38 -25.99
C ARG B 34 -22.26 -23.86 -24.60
N MET B 35 -23.53 -23.66 -24.26
CA MET B 35 -23.97 -24.06 -22.92
C MET B 35 -23.92 -25.57 -22.76
N LEU B 36 -24.35 -26.29 -23.80
CA LEU B 36 -24.37 -27.74 -23.72
C LEU B 36 -23.00 -28.37 -23.90
N ALA B 37 -22.04 -27.62 -24.41
CA ALA B 37 -20.68 -28.14 -24.53
C ALA B 37 -19.89 -27.97 -23.24
N GLY B 38 -20.35 -27.10 -22.36
CA GLY B 38 -19.69 -26.85 -21.10
C GLY B 38 -20.38 -27.39 -19.87
N SER B 39 -21.63 -27.85 -20.00
CA SER B 39 -22.46 -28.18 -18.84
C SER B 39 -22.02 -29.45 -18.11
N ALA B 40 -21.31 -30.34 -18.80
CA ALA B 40 -20.65 -31.49 -18.18
C ALA B 40 -21.61 -32.57 -17.69
N GLU B 41 -22.91 -32.26 -17.56
CA GLU B 41 -23.91 -33.30 -17.44
C GLU B 41 -25.22 -32.96 -18.14
N GLY B 42 -25.34 -31.78 -18.74
CA GLY B 42 -26.49 -31.44 -19.56
C GLY B 42 -27.49 -30.55 -18.85
N LEU B 43 -28.49 -30.09 -19.61
CA LEU B 43 -29.59 -29.30 -19.09
C LEU B 43 -30.89 -30.05 -19.27
N THR B 44 -31.87 -29.78 -18.40
CA THR B 44 -33.21 -30.21 -18.78
C THR B 44 -33.65 -29.39 -19.97
N LEU B 45 -34.65 -29.91 -20.69
CA LEU B 45 -35.20 -29.13 -21.79
C LEU B 45 -35.78 -27.80 -21.30
N ASP B 46 -36.17 -27.74 -20.02
CA ASP B 46 -36.83 -26.54 -19.50
C ASP B 46 -35.86 -25.52 -18.92
N GLU B 47 -34.68 -25.94 -18.41
CA GLU B 47 -33.71 -24.95 -17.94
C GLU B 47 -32.88 -24.37 -19.08
N MET B 48 -32.84 -25.03 -20.24
CA MET B 48 -32.40 -24.34 -21.46
C MET B 48 -33.30 -23.15 -21.74
N ALA B 49 -34.62 -23.35 -21.60
CA ALA B 49 -35.57 -22.27 -21.82
C ALA B 49 -35.37 -21.14 -20.82
N ALA B 50 -34.94 -21.44 -19.59
CA ALA B 50 -34.81 -20.38 -18.61
C ALA B 50 -33.51 -19.58 -18.78
N ALA B 51 -32.45 -20.22 -19.26
CA ALA B 51 -31.18 -19.55 -19.48
C ALA B 51 -31.10 -18.87 -20.83
N LEU B 52 -32.15 -18.96 -21.64
CA LEU B 52 -32.27 -18.16 -22.85
C LEU B 52 -33.61 -17.44 -22.94
N GLY B 53 -34.50 -17.62 -21.96
CA GLY B 53 -35.81 -16.99 -21.93
C GLY B 53 -36.61 -17.26 -23.18
N VAL B 54 -36.97 -18.52 -23.41
CA VAL B 54 -37.47 -18.93 -24.73
C VAL B 54 -38.86 -19.57 -24.68
N GLY B 55 -39.20 -20.21 -23.57
CA GLY B 55 -40.42 -20.99 -23.60
C GLY B 55 -40.17 -22.37 -24.16
N ARG B 56 -40.67 -23.38 -23.45
CA ARG B 56 -40.16 -24.72 -23.61
C ARG B 56 -40.25 -25.22 -25.05
N ARG B 57 -41.34 -24.90 -25.75
CA ARG B 57 -41.53 -25.47 -27.09
C ARG B 57 -40.42 -25.03 -28.04
N THR B 58 -40.12 -23.74 -27.96
CA THR B 58 -39.07 -23.10 -28.79
C THR B 58 -37.78 -23.86 -28.57
N ALA B 59 -37.45 -24.08 -27.30
CA ALA B 59 -36.20 -24.76 -26.90
C ALA B 59 -36.09 -26.11 -27.60
N GLU B 60 -37.16 -26.88 -27.68
CA GLU B 60 -37.14 -28.18 -28.38
C GLU B 60 -36.56 -27.98 -29.77
N ARG B 61 -37.08 -27.03 -30.52
CA ARG B 61 -36.58 -26.77 -31.88
C ARG B 61 -35.12 -26.33 -31.82
N MET B 62 -34.75 -25.54 -30.82
CA MET B 62 -33.34 -25.15 -30.72
C MET B 62 -32.52 -26.42 -30.54
N ARG B 63 -32.95 -27.29 -29.63
CA ARG B 63 -32.24 -28.57 -29.36
C ARG B 63 -32.14 -29.40 -30.63
N ASP B 64 -33.22 -29.45 -31.39
CA ASP B 64 -33.25 -30.26 -32.64
C ASP B 64 -32.31 -29.66 -33.67
N ALA B 65 -32.02 -28.38 -33.57
CA ALA B 65 -31.10 -27.78 -34.53
C ALA B 65 -29.66 -27.77 -34.04
N VAL B 66 -29.44 -27.64 -32.73
CA VAL B 66 -28.09 -27.84 -32.19
C VAL B 66 -27.60 -29.23 -32.53
N TRP B 67 -28.50 -30.21 -32.45
CA TRP B 67 -28.16 -31.59 -32.77
C TRP B 67 -27.70 -31.72 -34.21
N ALA B 68 -28.27 -30.93 -35.13
CA ALA B 68 -27.81 -30.97 -36.51
C ALA B 68 -26.43 -30.36 -36.65
N ALA B 69 -26.16 -29.29 -35.90
CA ALA B 69 -24.83 -28.71 -35.94
C ALA B 69 -23.84 -29.55 -35.17
N PHE B 70 -24.29 -30.25 -34.15
CA PHE B 70 -23.42 -30.98 -33.25
C PHE B 70 -24.00 -32.37 -33.05
N PRO B 71 -23.83 -33.24 -34.04
CA PRO B 71 -24.39 -34.58 -33.95
C PRO B 71 -23.85 -35.37 -32.80
N GLN B 72 -22.69 -35.00 -32.26
CA GLN B 72 -22.13 -35.74 -31.14
C GLN B 72 -22.87 -35.47 -29.84
N MET B 73 -23.88 -34.61 -29.85
CA MET B 73 -24.66 -34.34 -28.65
C MET B 73 -25.34 -35.61 -28.12
N GLU B 74 -25.07 -35.92 -26.85
CA GLU B 74 -25.66 -37.05 -26.14
C GLU B 74 -26.99 -36.64 -25.51
N ALA B 75 -27.89 -37.61 -25.41
CA ALA B 75 -29.10 -37.45 -24.63
C ALA B 75 -28.99 -38.47 -23.52
N ILE B 76 -29.02 -37.98 -22.27
CA ILE B 76 -28.81 -38.79 -21.08
C ILE B 76 -30.11 -38.83 -20.29
N ASP B 77 -30.59 -40.03 -20.00
CA ASP B 77 -31.77 -40.18 -19.15
C ASP B 77 -31.40 -39.84 -17.71
N ASP B 78 -32.23 -39.01 -17.09
CA ASP B 78 -32.13 -38.70 -15.66
C ASP B 78 -33.54 -38.60 -15.13
N PRO B 79 -34.10 -39.69 -14.60
CA PRO B 79 -35.56 -39.84 -14.51
C PRO B 79 -36.21 -38.73 -13.69
N PRO B 80 -37.41 -38.28 -14.08
CA PRO B 80 -38.13 -38.75 -15.26
C PRO B 80 -38.11 -37.75 -16.44
N THR B 81 -37.00 -37.02 -16.59
CA THR B 81 -36.74 -36.08 -17.69
C THR B 81 -35.41 -36.47 -18.34
N LYS B 82 -35.02 -35.74 -19.39
CA LYS B 82 -33.77 -36.01 -20.09
C LYS B 82 -32.79 -34.85 -19.94
N ARG B 83 -31.50 -35.17 -20.03
CA ARG B 83 -30.45 -34.18 -20.13
C ARG B 83 -29.80 -34.24 -21.51
N PHE B 84 -29.22 -33.13 -21.93
CA PHE B 84 -28.53 -33.09 -23.22
C PHE B 84 -27.22 -32.39 -23.01
N ARG B 85 -26.14 -32.99 -23.49
CA ARG B 85 -24.83 -32.40 -23.38
C ARG B 85 -24.03 -32.70 -24.64
N ILE B 86 -23.25 -31.73 -25.06
CA ILE B 86 -22.22 -31.93 -26.08
C ILE B 86 -20.93 -32.36 -25.32
N PRO B 87 -20.53 -33.62 -25.42
CA PRO B 87 -19.36 -34.06 -24.63
C PRO B 87 -18.04 -33.73 -25.27
N SER B 88 -18.02 -33.48 -26.57
CA SER B 88 -16.76 -33.28 -27.26
C SER B 88 -16.11 -31.96 -26.88
N GLY B 89 -16.94 -30.91 -26.78
CA GLY B 89 -16.52 -29.54 -26.98
C GLY B 89 -16.83 -29.06 -28.40
N LEU B 90 -16.99 -27.75 -28.53
CA LEU B 90 -17.38 -27.19 -29.81
C LEU B 90 -16.21 -27.28 -30.81
N ASP B 91 -16.44 -26.77 -32.02
CA ASP B 91 -15.29 -26.44 -32.86
C ASP B 91 -14.48 -25.34 -32.18
N GLY B 92 -13.18 -25.34 -32.47
CA GLY B 92 -12.31 -24.35 -31.86
C GLY B 92 -12.62 -22.92 -32.22
N VAL B 93 -13.59 -22.68 -33.10
CA VAL B 93 -13.99 -21.34 -33.48
C VAL B 93 -15.14 -20.84 -32.63
N PHE B 94 -15.91 -21.74 -32.03
CA PHE B 94 -16.92 -21.40 -31.03
C PHE B 94 -16.38 -21.39 -29.61
N GLN B 95 -15.07 -21.61 -29.44
CA GLN B 95 -14.40 -21.67 -28.15
C GLN B 95 -13.52 -20.47 -27.86
N THR B 96 -12.97 -19.85 -28.90
CA THR B 96 -12.12 -18.68 -28.73
C THR B 96 -12.89 -17.58 -28.03
N PRO B 97 -12.38 -17.03 -26.93
CA PRO B 97 -13.08 -15.94 -26.28
C PRO B 97 -12.72 -14.60 -26.90
N THR B 98 -13.69 -13.69 -26.85
CA THR B 98 -13.57 -12.41 -27.50
C THR B 98 -12.85 -11.43 -26.58
N ALA B 99 -12.38 -10.33 -27.18
CA ALA B 99 -11.78 -9.29 -26.36
C ALA B 99 -12.79 -8.76 -25.35
N GLU B 100 -14.08 -8.81 -25.69
CA GLU B 100 -15.09 -8.30 -24.76
C GLU B 100 -15.11 -9.11 -23.47
N GLU B 101 -15.07 -10.44 -23.62
CA GLU B 101 -15.11 -11.35 -22.47
C GLU B 101 -13.81 -11.27 -21.68
N LEU B 102 -12.69 -11.31 -22.39
CA LEU B 102 -11.39 -11.06 -21.77
C LEU B 102 -11.38 -9.76 -20.99
N ALA B 103 -11.86 -8.66 -21.60
CA ALA B 103 -11.90 -7.39 -20.86
C ALA B 103 -12.84 -7.45 -19.66
N ALA B 104 -13.85 -8.32 -19.73
CA ALA B 104 -14.83 -8.40 -18.66
C ALA B 104 -14.21 -9.05 -17.45
N LEU B 105 -13.42 -10.09 -17.69
CA LEU B 105 -12.63 -10.72 -16.65
C LEU B 105 -11.75 -9.69 -15.97
N ARG B 106 -10.99 -8.92 -16.76
CA ARG B 106 -10.09 -7.95 -16.17
C ARG B 106 -10.87 -6.89 -15.39
N VAL B 107 -11.86 -6.27 -16.01
CA VAL B 107 -12.58 -5.24 -15.28
C VAL B 107 -13.11 -5.82 -13.97
N ALA B 108 -13.44 -7.11 -13.96
CA ALA B 108 -13.94 -7.73 -12.75
C ALA B 108 -12.80 -8.07 -11.78
N ALA B 109 -11.61 -8.40 -12.31
CA ALA B 109 -10.41 -8.53 -11.49
C ALA B 109 -10.01 -7.18 -10.89
N ASP B 110 -9.70 -6.19 -11.74
CA ASP B 110 -9.28 -4.88 -11.26
C ASP B 110 -10.28 -4.27 -10.30
N SER B 111 -11.55 -4.68 -10.38
CA SER B 111 -12.56 -4.16 -9.47
C SER B 111 -12.33 -4.65 -8.04
N LEU B 112 -11.94 -5.93 -7.91
CA LEU B 112 -11.64 -6.51 -6.61
C LEU B 112 -10.32 -6.01 -6.09
N ARG B 113 -9.26 -6.04 -6.94
CA ARG B 113 -7.98 -5.47 -6.55
C ARG B 113 -8.19 -4.10 -5.93
N ALA B 114 -8.91 -3.23 -6.63
CA ALA B 114 -9.18 -1.91 -6.08
C ALA B 114 -9.96 -1.97 -4.77
N SER B 115 -10.87 -2.94 -4.63
CA SER B 115 -11.72 -2.97 -3.45
C SER B 115 -10.89 -3.18 -2.20
N GLY B 116 -9.93 -4.09 -2.28
CA GLY B 116 -9.13 -4.55 -1.17
C GLY B 116 -9.07 -6.05 -1.15
N ALA B 117 -9.74 -6.66 -2.12
CA ALA B 117 -10.08 -8.08 -2.07
C ALA B 117 -9.09 -8.91 -2.89
N ASP B 118 -7.83 -8.92 -2.45
CA ASP B 118 -6.75 -9.35 -3.34
C ASP B 118 -6.70 -10.85 -3.56
N ALA B 119 -7.46 -11.64 -2.80
CA ALA B 119 -7.43 -13.09 -2.95
C ALA B 119 -8.39 -13.57 -4.01
N ARG B 120 -9.64 -13.07 -3.98
CA ARG B 120 -10.58 -13.29 -5.08
C ARG B 120 -9.98 -12.77 -6.40
N ALA B 121 -9.37 -11.58 -6.37
CA ALA B 121 -8.89 -10.96 -7.61
C ALA B 121 -7.79 -11.78 -8.27
N SER B 122 -6.91 -12.40 -7.50
CA SER B 122 -5.78 -13.04 -8.16
C SER B 122 -6.13 -14.40 -8.75
N SER B 123 -7.33 -14.93 -8.49
CA SER B 123 -7.79 -16.13 -9.18
C SER B 123 -8.32 -15.83 -10.56
N LEU B 124 -8.88 -14.63 -10.75
CA LEU B 124 -9.35 -14.23 -12.05
C LEU B 124 -8.18 -13.83 -12.95
N TYR B 125 -7.22 -13.04 -12.42
CA TYR B 125 -5.98 -12.80 -13.14
C TYR B 125 -5.25 -14.10 -13.47
N ALA B 126 -5.31 -15.10 -12.59
CA ALA B 126 -4.73 -16.39 -12.90
C ALA B 126 -5.47 -17.04 -14.05
N LEU B 127 -6.78 -16.86 -14.08
CA LEU B 127 -7.62 -17.40 -15.14
C LEU B 127 -7.37 -16.66 -16.44
N GLU B 128 -7.37 -15.33 -16.37
CA GLU B 128 -7.01 -14.54 -17.54
C GLU B 128 -5.68 -15.02 -18.11
N ALA B 129 -4.65 -15.11 -17.26
CA ALA B 129 -3.35 -15.56 -17.71
C ALA B 129 -3.44 -16.89 -18.48
N LYS B 130 -4.11 -17.89 -17.90
CA LYS B 130 -4.23 -19.18 -18.59
C LYS B 130 -5.13 -19.11 -19.82
N LEU B 131 -5.92 -18.05 -19.98
CA LEU B 131 -6.70 -17.90 -21.20
C LEU B 131 -5.86 -17.32 -22.33
N LEU B 132 -5.12 -16.25 -22.05
CA LEU B 132 -4.23 -15.70 -23.06
C LEU B 132 -3.21 -16.76 -23.52
N SER B 133 -2.56 -17.44 -22.57
CA SER B 133 -1.55 -18.44 -22.93
C SER B 133 -2.10 -19.53 -23.84
N ALA B 134 -3.40 -19.80 -23.76
CA ALA B 134 -3.97 -20.83 -24.61
C ALA B 134 -4.28 -20.33 -26.02
N LEU B 135 -4.24 -19.03 -26.27
CA LEU B 135 -4.38 -18.56 -27.64
C LEU B 135 -3.11 -18.92 -28.42
N ARG B 136 -3.26 -19.04 -29.74
CA ARG B 136 -2.07 -19.08 -30.58
C ARG B 136 -1.36 -17.73 -30.48
N GLY B 137 -0.04 -17.75 -30.69
CA GLY B 137 0.77 -16.56 -30.63
C GLY B 137 0.18 -15.41 -31.41
N SER B 138 -0.01 -15.57 -32.72
CA SER B 138 -0.44 -14.45 -33.54
C SER B 138 -1.84 -13.97 -33.17
N ALA B 139 -2.68 -14.83 -32.60
CA ALA B 139 -4.01 -14.40 -32.17
C ALA B 139 -3.94 -13.60 -30.88
N ARG B 140 -3.14 -14.07 -29.92
CA ARG B 140 -2.96 -13.39 -28.63
C ARG B 140 -2.51 -11.94 -28.82
N ARG B 141 -1.54 -11.72 -29.72
CA ARG B 141 -1.02 -10.37 -29.93
C ARG B 141 -2.02 -9.47 -30.62
N ARG B 142 -3.02 -10.03 -31.27
CA ARG B 142 -3.97 -9.21 -32.01
C ARG B 142 -5.14 -8.79 -31.15
N VAL B 143 -5.51 -9.61 -30.16
CA VAL B 143 -6.59 -9.30 -29.25
C VAL B 143 -6.09 -8.54 -28.03
N ALA B 144 -4.84 -8.76 -27.63
CA ALA B 144 -4.24 -8.06 -26.50
C ALA B 144 -4.48 -6.56 -26.50
N PRO B 145 -4.26 -5.82 -27.59
CA PRO B 145 -4.58 -4.38 -27.53
C PRO B 145 -6.06 -4.08 -27.51
N ASP B 146 -6.88 -4.91 -28.17
CA ASP B 146 -8.31 -4.63 -28.19
C ASP B 146 -8.88 -4.68 -26.78
N VAL B 147 -8.41 -5.63 -25.95
CA VAL B 147 -8.85 -5.67 -24.56
C VAL B 147 -8.26 -4.52 -23.79
N GLU B 148 -6.99 -4.19 -24.03
CA GLU B 148 -6.40 -3.12 -23.24
C GLU B 148 -7.20 -1.84 -23.45
N ALA B 149 -7.53 -1.54 -24.71
CA ALA B 149 -8.40 -0.43 -25.02
C ALA B 149 -9.77 -0.60 -24.38
N LEU B 150 -10.26 -1.82 -24.33
CA LEU B 150 -11.57 -2.03 -23.74
C LEU B 150 -11.56 -1.71 -22.25
N VAL B 151 -10.49 -2.09 -21.54
CA VAL B 151 -10.44 -2.00 -20.07
C VAL B 151 -10.21 -0.56 -19.61
N GLN B 152 -9.72 0.31 -20.49
CA GLN B 152 -9.55 1.71 -20.12
C GLN B 152 -10.74 2.59 -20.49
N ALA B 153 -11.73 2.06 -21.19
CA ALA B 153 -12.96 2.79 -21.44
C ALA B 153 -14.05 2.41 -20.46
N GLU B 154 -13.75 1.57 -19.49
CA GLU B 154 -14.73 1.08 -18.55
C GLU B 154 -14.05 1.03 -17.21
N THR B 155 -14.72 1.52 -16.17
CA THR B 155 -14.26 1.34 -14.82
C THR B 155 -15.47 1.26 -13.89
N ILE B 156 -15.28 0.58 -12.76
CA ILE B 156 -16.32 0.33 -11.76
C ILE B 156 -16.07 1.19 -10.55
N ALA B 157 -17.02 2.06 -10.20
CA ALA B 157 -16.96 2.81 -8.94
C ALA B 157 -16.69 1.87 -7.78
N VAL B 158 -15.70 2.24 -6.96
CA VAL B 158 -15.41 1.53 -5.73
C VAL B 158 -16.15 2.25 -4.60
N HIS B 159 -17.09 1.57 -3.93
CA HIS B 159 -17.71 2.26 -2.80
C HIS B 159 -16.76 2.26 -1.61
N ALA B 160 -16.78 3.38 -0.89
CA ALA B 160 -16.05 3.51 0.35
C ALA B 160 -16.54 2.50 1.39
N GLY B 161 -15.60 1.91 2.13
CA GLY B 161 -15.96 1.05 3.22
C GLY B 161 -14.77 0.25 3.69
N PRO B 162 -15.01 -0.73 4.58
CA PRO B 162 -13.88 -1.47 5.16
C PRO B 162 -13.07 -2.15 4.08
N ARG B 163 -11.78 -2.20 4.28
CA ARG B 163 -10.95 -2.95 3.35
C ARG B 163 -11.03 -4.40 3.76
N PRO B 164 -11.59 -5.27 2.91
CA PRO B 164 -11.78 -6.67 3.29
C PRO B 164 -10.49 -7.32 3.77
N TYR B 165 -10.65 -8.29 4.66
CA TYR B 165 -9.54 -9.10 5.14
C TYR B 165 -9.56 -10.42 4.38
N GLU B 166 -8.60 -10.59 3.48
CA GLU B 166 -8.43 -11.85 2.75
C GLU B 166 -7.00 -12.33 2.95
N ASP B 167 -6.75 -12.96 4.10
CA ASP B 167 -5.50 -13.67 4.36
C ASP B 167 -5.59 -15.02 3.64
N GLN B 168 -4.73 -15.23 2.64
CA GLN B 168 -4.76 -16.48 1.89
C GLN B 168 -4.72 -17.68 2.83
N ALA B 169 -3.95 -17.59 3.91
CA ALA B 169 -3.85 -18.69 4.86
C ALA B 169 -5.10 -18.83 5.72
N VAL B 170 -5.83 -17.74 5.99
CA VAL B 170 -7.08 -17.86 6.73
C VAL B 170 -8.18 -18.38 5.82
N LEU B 171 -8.28 -17.83 4.61
CA LEU B 171 -9.23 -18.36 3.65
C LEU B 171 -8.87 -19.79 3.29
N GLY B 172 -7.58 -20.06 3.04
CA GLY B 172 -7.15 -21.41 2.75
C GLY B 172 -7.66 -22.40 3.77
N ALA B 173 -7.51 -22.04 5.05
CA ALA B 173 -7.94 -22.93 6.13
C ALA B 173 -9.44 -23.21 6.04
N ILE B 174 -10.23 -22.16 5.81
CA ILE B 174 -11.68 -22.30 5.84
C ILE B 174 -12.15 -23.20 4.70
N ARG B 175 -11.75 -22.87 3.46
CA ARG B 175 -12.13 -23.69 2.32
C ARG B 175 -11.75 -25.15 2.53
N ALA B 176 -10.50 -25.39 2.94
CA ALA B 176 -10.03 -26.75 3.16
C ALA B 176 -10.99 -27.53 4.05
N ALA B 177 -11.35 -26.94 5.19
CA ALA B 177 -12.31 -27.55 6.10
C ALA B 177 -13.65 -27.81 5.43
N ILE B 178 -14.12 -26.86 4.61
CA ILE B 178 -15.40 -27.04 3.92
C ILE B 178 -15.30 -28.16 2.89
N LYS B 179 -14.12 -28.34 2.29
CA LYS B 179 -13.98 -29.39 1.29
C LYS B 179 -13.90 -30.75 1.94
N GLY B 180 -13.20 -30.86 3.07
CA GLY B 180 -13.15 -32.04 3.88
C GLY B 180 -14.35 -32.27 4.75
N LEU B 181 -15.34 -31.37 4.73
CA LEU B 181 -16.50 -31.44 5.62
C LEU B 181 -16.04 -31.75 7.03
N GLN B 182 -15.02 -30.98 7.45
CA GLN B 182 -14.28 -31.13 8.69
C GLN B 182 -14.57 -29.95 9.59
N ALA B 183 -14.31 -30.12 10.88
CA ALA B 183 -14.42 -28.99 11.80
C ALA B 183 -13.19 -28.11 11.71
N LEU B 184 -13.42 -26.81 11.75
CA LEU B 184 -12.38 -25.80 11.85
C LEU B 184 -12.40 -25.26 13.27
N SER B 185 -11.22 -25.10 13.87
CA SER B 185 -11.09 -24.42 15.15
C SER B 185 -10.09 -23.29 15.01
N PHE B 186 -10.45 -22.14 15.56
CA PHE B 186 -9.64 -20.94 15.45
C PHE B 186 -9.72 -20.19 16.78
N ARG B 187 -8.84 -19.21 16.94
CA ARG B 187 -8.95 -18.30 18.07
C ARG B 187 -9.64 -17.04 17.56
N TYR B 188 -10.74 -16.68 18.20
CA TYR B 188 -11.57 -15.60 17.71
C TYR B 188 -11.46 -14.43 18.66
N GLU B 189 -10.71 -13.40 18.26
CA GLU B 189 -10.58 -12.21 19.10
C GLU B 189 -11.75 -11.28 18.85
N GLY B 190 -12.87 -11.62 19.47
CA GLY B 190 -14.08 -10.85 19.32
C GLY B 190 -15.20 -11.55 20.05
N GLY B 191 -16.39 -10.94 19.98
CA GLY B 191 -17.48 -11.55 20.69
C GLY B 191 -17.32 -11.35 22.19
N SER B 192 -17.93 -12.27 22.94
CA SER B 192 -18.15 -12.08 24.38
C SER B 192 -17.00 -12.53 25.25
N THR B 193 -16.29 -13.60 24.91
CA THR B 193 -15.07 -13.99 25.62
C THR B 193 -13.92 -14.04 24.61
N PRO B 194 -13.41 -12.85 24.22
CA PRO B 194 -12.33 -12.80 23.21
C PRO B 194 -11.07 -13.51 23.66
N GLY B 195 -10.48 -14.29 22.73
CA GLY B 195 -9.35 -15.14 23.00
C GLY B 195 -9.69 -16.62 23.00
N ARG B 196 -10.93 -16.97 23.36
CA ARG B 196 -11.29 -18.38 23.34
C ARG B 196 -11.11 -18.91 21.93
N THR B 197 -10.36 -20.00 21.80
CA THR B 197 -10.31 -20.69 20.52
C THR B 197 -11.57 -21.54 20.39
N ARG B 198 -12.28 -21.41 19.25
CA ARG B 198 -13.58 -22.02 19.06
C ARG B 198 -13.56 -23.07 17.95
N GLU B 199 -14.39 -24.10 18.12
CA GLU B 199 -14.51 -25.16 17.11
C GLU B 199 -15.91 -25.12 16.50
N VAL B 200 -15.96 -24.99 15.18
CA VAL B 200 -17.23 -24.85 14.47
C VAL B 200 -17.28 -25.76 13.26
N THR B 201 -18.49 -25.85 12.70
CA THR B 201 -18.73 -26.42 11.41
C THR B 201 -18.76 -25.30 10.38
N PRO B 202 -17.77 -25.19 9.48
CA PRO B 202 -17.80 -24.06 8.53
C PRO B 202 -18.79 -24.29 7.39
N LEU B 203 -19.70 -23.34 7.15
CA LEU B 203 -20.72 -23.48 6.13
C LEU B 203 -20.42 -22.73 4.86
N GLY B 204 -19.65 -21.65 4.96
CA GLY B 204 -19.30 -20.89 3.79
C GLY B 204 -18.71 -19.57 4.21
N VAL B 205 -18.53 -18.69 3.22
CA VAL B 205 -17.96 -17.38 3.45
C VAL B 205 -18.85 -16.34 2.81
N LEU B 206 -19.10 -15.27 3.55
CA LEU B 206 -19.90 -14.13 3.11
C LEU B 206 -18.91 -12.99 2.87
N PHE B 207 -18.58 -12.75 1.58
CA PHE B 207 -17.76 -11.61 1.19
C PHE B 207 -18.61 -10.35 1.11
N GLY B 208 -18.14 -9.29 1.74
CA GLY B 208 -18.98 -8.11 1.92
C GLY B 208 -18.23 -6.95 2.53
N ARG B 209 -18.80 -6.38 3.61
CA ARG B 209 -18.22 -5.17 4.18
C ARG B 209 -16.80 -5.48 4.63
N SER B 210 -16.68 -6.22 5.70
CA SER B 210 -15.49 -7.01 5.87
C SER B 210 -15.89 -8.43 5.46
N ASN B 211 -15.00 -9.38 5.58
CA ASN B 211 -15.43 -10.71 5.22
C ASN B 211 -15.73 -11.53 6.48
N TYR B 212 -16.59 -12.55 6.31
CA TYR B 212 -17.12 -13.33 7.41
C TYR B 212 -17.03 -14.81 7.09
N LEU B 213 -16.82 -15.61 8.15
CA LEU B 213 -17.07 -17.04 8.11
C LEU B 213 -18.46 -17.25 8.70
N VAL B 214 -19.34 -17.90 7.96
CA VAL B 214 -20.62 -18.33 8.49
C VAL B 214 -20.44 -19.76 8.96
N ALA B 215 -20.81 -20.03 10.21
CA ALA B 215 -20.48 -21.32 10.80
C ALA B 215 -21.37 -21.63 11.99
N LEU B 216 -21.69 -22.92 12.11
CA LEU B 216 -22.37 -23.50 13.25
C LEU B 216 -21.36 -23.85 14.33
N GLU B 217 -21.72 -23.63 15.59
CA GLU B 217 -20.85 -23.99 16.72
C GLU B 217 -21.53 -25.06 17.57
N GLY B 218 -21.09 -26.31 17.45
CA GLY B 218 -21.58 -27.30 18.37
C GLY B 218 -23.05 -27.64 18.22
N LYS B 219 -23.57 -28.33 19.24
CA LYS B 219 -24.88 -28.98 19.21
C LYS B 219 -25.99 -28.05 18.77
N GLY B 220 -26.60 -28.39 17.63
CA GLY B 220 -27.73 -27.67 17.05
C GLY B 220 -27.66 -26.16 17.16
N GLY B 221 -26.49 -25.60 16.87
CA GLY B 221 -26.34 -24.16 16.91
C GLY B 221 -26.93 -23.48 15.68
N LYS B 222 -27.32 -22.21 15.87
CA LYS B 222 -27.80 -21.48 14.72
C LYS B 222 -26.64 -20.78 14.02
N PRO B 223 -26.69 -20.56 12.71
CA PRO B 223 -25.50 -20.03 12.01
C PRO B 223 -25.20 -18.60 12.42
N ARG B 224 -23.95 -18.36 12.82
CA ARG B 224 -23.54 -17.02 13.19
C ARG B 224 -22.23 -16.67 12.51
N SER B 225 -21.97 -15.38 12.38
CA SER B 225 -20.91 -14.90 11.49
C SER B 225 -19.63 -14.58 12.26
N TRP B 226 -18.50 -14.84 11.62
CA TRP B 226 -17.18 -14.63 12.22
C TRP B 226 -16.34 -13.77 11.29
N ARG B 227 -15.83 -12.66 11.79
CA ARG B 227 -14.90 -11.87 10.98
C ARG B 227 -13.60 -12.64 10.77
N LEU B 228 -13.17 -12.71 9.51
CA LEU B 228 -11.88 -13.35 9.22
C LEU B 228 -10.72 -12.63 9.89
N ASP B 229 -10.82 -11.31 10.08
CA ASP B 229 -9.72 -10.58 10.70
C ASP B 229 -9.70 -10.74 12.21
N ARG B 230 -10.74 -11.32 12.80
CA ARG B 230 -10.72 -11.65 14.21
C ARG B 230 -10.41 -13.13 14.43
N MET B 231 -9.76 -13.77 13.45
CA MET B 231 -9.41 -15.17 13.53
C MET B 231 -7.90 -15.33 13.52
N SER B 232 -7.42 -16.30 14.29
CA SER B 232 -6.03 -16.72 14.23
C SER B 232 -5.98 -18.16 14.73
N ASP B 233 -4.80 -18.76 14.57
CA ASP B 233 -4.56 -20.14 14.98
C ASP B 233 -5.64 -21.05 14.36
N LEU B 234 -5.67 -21.05 13.04
CA LEU B 234 -6.65 -21.83 12.32
C LEU B 234 -6.11 -23.23 12.11
N LYS B 235 -6.84 -24.24 12.63
CA LYS B 235 -6.56 -25.65 12.43
C LYS B 235 -7.74 -26.29 11.71
N VAL B 236 -7.44 -27.12 10.72
CA VAL B 236 -8.46 -27.99 10.13
C VAL B 236 -8.38 -29.35 10.84
N LEU B 237 -9.33 -29.62 11.73
CA LEU B 237 -9.32 -30.88 12.46
C LEU B 237 -9.93 -31.99 11.62
N ASP B 238 -9.55 -33.23 11.93
CA ASP B 238 -10.06 -34.43 11.26
C ASP B 238 -11.28 -35.01 11.97
N LYS B 239 -12.21 -34.15 12.34
CA LYS B 239 -13.49 -34.57 12.88
C LYS B 239 -14.55 -34.22 11.86
N PRO B 240 -15.29 -35.19 11.35
CA PRO B 240 -16.34 -34.86 10.37
C PRO B 240 -17.23 -33.74 10.89
N ALA B 241 -17.41 -32.72 10.06
CA ALA B 241 -18.29 -31.62 10.39
C ALA B 241 -19.28 -31.49 9.25
N PRO B 242 -20.26 -32.37 9.21
CA PRO B 242 -21.27 -32.30 8.17
C PRO B 242 -22.23 -31.16 8.43
N PRO B 243 -22.56 -30.39 7.41
CA PRO B 243 -23.53 -29.32 7.57
C PRO B 243 -24.94 -29.85 7.34
N PRO B 244 -25.96 -29.05 7.61
CA PRO B 244 -27.29 -29.37 7.07
C PRO B 244 -27.32 -29.10 5.57
N GLN B 245 -28.11 -29.88 4.83
CA GLN B 245 -28.24 -29.57 3.41
C GLN B 245 -29.53 -28.87 3.07
N ASP B 246 -30.44 -28.68 4.03
CA ASP B 246 -31.43 -27.62 3.86
C ASP B 246 -30.74 -26.26 3.73
N PHE B 247 -29.62 -26.08 4.44
CA PHE B 247 -28.93 -24.79 4.53
C PHE B 247 -28.30 -24.41 3.20
N SER B 248 -28.72 -23.27 2.67
CA SER B 248 -28.02 -22.62 1.59
C SER B 248 -27.45 -21.33 2.17
N LEU B 249 -26.14 -21.14 1.96
CA LEU B 249 -25.50 -19.93 2.42
C LEU B 249 -26.23 -18.70 1.91
N GLN B 250 -26.77 -18.79 0.68
CA GLN B 250 -27.49 -17.66 0.09
C GLN B 250 -28.73 -17.28 0.90
N ALA B 251 -29.52 -18.27 1.30
CA ALA B 251 -30.64 -18.00 2.18
C ALA B 251 -30.19 -17.24 3.41
N PHE B 252 -29.12 -17.73 4.07
CA PHE B 252 -28.61 -17.07 5.28
C PHE B 252 -28.16 -15.66 5.00
N ALA B 253 -27.48 -15.44 3.87
CA ALA B 253 -27.03 -14.09 3.58
C ALA B 253 -28.21 -13.14 3.46
N ASP B 254 -29.26 -13.58 2.78
CA ASP B 254 -30.43 -12.75 2.50
C ASP B 254 -31.33 -12.58 3.72
N GLU B 255 -31.04 -13.25 4.84
CA GLU B 255 -31.82 -13.02 6.06
C GLU B 255 -31.63 -11.62 6.58
N SER B 256 -30.49 -11.00 6.30
CA SER B 256 -30.23 -9.64 6.70
C SER B 256 -30.44 -8.68 5.54
N PHE B 257 -30.64 -7.41 5.88
CA PHE B 257 -30.66 -6.36 4.88
C PHE B 257 -29.25 -6.08 4.36
N GLY B 258 -28.27 -6.16 5.25
CA GLY B 258 -26.86 -6.08 4.93
C GLY B 258 -26.12 -7.30 5.43
N ILE B 259 -25.36 -7.10 6.51
CA ILE B 259 -24.58 -8.14 7.13
C ILE B 259 -25.23 -8.64 8.44
N TYR B 260 -25.75 -7.72 9.26
CA TYR B 260 -26.15 -8.08 10.61
C TYR B 260 -27.46 -8.85 10.64
N HIS B 261 -27.50 -9.89 11.46
CA HIS B 261 -28.64 -10.79 11.62
C HIS B 261 -29.21 -10.58 13.02
N ASP B 262 -30.11 -9.61 13.16
CA ASP B 262 -30.97 -9.54 14.34
C ASP B 262 -32.30 -10.22 14.00
N GLU B 263 -33.32 -10.01 14.82
CA GLU B 263 -34.64 -10.56 14.48
C GLU B 263 -35.10 -10.03 13.13
N ILE B 264 -35.68 -10.92 12.33
CA ILE B 264 -36.11 -10.57 10.98
C ILE B 264 -37.42 -9.79 11.08
N GLN B 265 -37.48 -8.66 10.38
CA GLN B 265 -38.62 -7.76 10.39
C GLN B 265 -39.33 -7.78 9.04
N ASP B 266 -40.65 -7.59 9.08
CA ASP B 266 -41.42 -7.31 7.87
C ASP B 266 -41.40 -5.81 7.66
N VAL B 267 -40.42 -5.33 6.87
CA VAL B 267 -40.17 -3.91 6.66
C VAL B 267 -41.13 -3.40 5.59
N VAL B 268 -41.75 -2.25 5.84
CA VAL B 268 -42.67 -1.66 4.86
C VAL B 268 -42.48 -0.15 4.88
N LEU B 269 -42.19 0.42 3.72
CA LEU B 269 -41.96 1.84 3.58
C LEU B 269 -42.71 2.37 2.36
N ARG B 270 -42.99 3.66 2.42
CA ARG B 270 -43.57 4.37 1.28
C ARG B 270 -42.56 5.41 0.83
N ILE B 271 -42.21 5.36 -0.45
CA ILE B 271 -41.35 6.38 -1.05
C ILE B 271 -42.26 7.48 -1.60
N HIS B 272 -42.11 8.70 -1.06
CA HIS B 272 -42.95 9.80 -1.53
C HIS B 272 -42.81 9.96 -3.04
N LYS B 273 -43.87 10.44 -3.68
CA LYS B 273 -43.92 10.45 -5.14
C LYS B 273 -42.86 11.34 -5.76
N SER B 274 -42.14 12.12 -4.96
CA SER B 274 -41.06 12.93 -5.53
C SER B 274 -39.91 12.04 -5.99
N ARG B 275 -39.48 11.10 -5.15
CA ARG B 275 -38.40 10.17 -5.47
C ARG B 275 -38.94 8.82 -5.97
N ALA B 276 -40.12 8.82 -6.61
CA ALA B 276 -40.82 7.57 -6.90
C ALA B 276 -40.20 6.79 -8.06
N GLU B 277 -39.73 7.47 -9.12
CA GLU B 277 -39.16 6.77 -10.26
C GLU B 277 -37.89 6.01 -9.88
N ASP B 278 -37.15 6.51 -8.88
CA ASP B 278 -36.00 5.80 -8.36
C ASP B 278 -36.42 4.55 -7.59
N ALA B 279 -37.42 4.69 -6.71
CA ALA B 279 -37.96 3.55 -6.00
C ALA B 279 -38.32 2.42 -6.94
N LEU B 280 -38.73 2.72 -8.17
CA LEU B 280 -39.16 1.65 -9.07
C LEU B 280 -37.98 0.79 -9.51
N ARG B 281 -36.88 1.43 -9.90
CA ARG B 281 -35.69 0.74 -10.40
C ARG B 281 -34.61 0.63 -9.33
N TRP B 282 -35.05 0.37 -8.10
CA TRP B 282 -34.21 0.29 -6.92
C TRP B 282 -34.18 -1.13 -6.38
N ARG B 283 -33.06 -1.51 -5.78
CA ARG B 283 -32.90 -2.79 -5.09
C ARG B 283 -32.77 -2.51 -3.60
N PHE B 284 -33.83 -2.82 -2.84
CA PHE B 284 -33.76 -2.81 -1.38
C PHE B 284 -33.40 -4.18 -0.84
N HIS B 285 -34.03 -5.23 -1.34
CA HIS B 285 -33.74 -6.56 -0.84
C HIS B 285 -34.07 -7.58 -1.91
N ALA B 286 -33.60 -8.82 -1.70
CA ALA B 286 -34.00 -9.92 -2.57
C ALA B 286 -35.47 -10.32 -2.36
N THR B 287 -36.00 -10.15 -1.16
CA THR B 287 -37.41 -10.48 -0.88
C THR B 287 -38.32 -9.29 -1.15
N GLN B 288 -38.15 -8.67 -2.30
CA GLN B 288 -38.65 -7.32 -2.55
C GLN B 288 -40.07 -7.34 -3.12
N GLN B 289 -40.80 -6.26 -2.86
CA GLN B 289 -41.98 -5.94 -3.65
C GLN B 289 -42.21 -4.43 -3.58
N VAL B 290 -42.22 -3.77 -4.73
CA VAL B 290 -42.50 -2.35 -4.81
C VAL B 290 -43.66 -2.17 -5.79
N THR B 291 -44.65 -1.39 -5.37
CA THR B 291 -45.82 -1.16 -6.19
C THR B 291 -46.21 0.30 -6.06
N PRO B 292 -46.55 0.94 -7.18
CA PRO B 292 -47.02 2.35 -7.13
C PRO B 292 -48.37 2.46 -6.44
N GLU B 293 -48.41 3.21 -5.33
CA GLU B 293 -49.68 3.53 -4.70
C GLU B 293 -50.49 4.48 -5.59
N ALA B 294 -51.68 4.86 -5.09
CA ALA B 294 -52.56 5.67 -5.92
C ALA B 294 -52.17 7.14 -5.90
N ASP B 295 -51.87 7.71 -4.71
CA ASP B 295 -51.55 9.14 -4.58
C ASP B 295 -50.20 9.52 -5.20
N GLY B 296 -49.57 8.57 -5.90
CA GLY B 296 -48.25 8.73 -6.47
C GLY B 296 -47.13 8.12 -5.65
N SER B 297 -47.36 7.80 -4.37
CA SER B 297 -46.32 7.17 -3.56
C SER B 297 -45.94 5.82 -4.17
N VAL B 298 -44.88 5.26 -3.64
CA VAL B 298 -44.52 3.87 -3.94
C VAL B 298 -44.40 3.13 -2.62
N LEU B 299 -45.02 1.96 -2.54
CA LEU B 299 -44.95 1.14 -1.34
C LEU B 299 -43.85 0.12 -1.53
N VAL B 300 -42.90 0.08 -0.61
CA VAL B 300 -41.81 -0.88 -0.69
C VAL B 300 -41.95 -1.82 0.49
N THR B 301 -41.96 -3.11 0.21
CA THR B 301 -42.05 -4.12 1.25
C THR B 301 -40.98 -5.18 0.99
N PHE B 302 -40.35 -5.60 2.08
CA PHE B 302 -39.37 -6.68 2.04
C PHE B 302 -39.21 -7.19 3.47
N ARG B 303 -38.56 -8.34 3.59
CA ARG B 303 -38.45 -9.05 4.86
C ARG B 303 -36.98 -9.35 5.15
N ALA B 304 -36.45 -8.77 6.23
CA ALA B 304 -35.02 -8.88 6.52
C ALA B 304 -34.71 -8.26 7.88
N GLY B 305 -33.74 -8.84 8.58
CA GLY B 305 -33.13 -8.20 9.73
C GLY B 305 -32.01 -7.26 9.31
N GLY B 306 -31.35 -6.68 10.32
CA GLY B 306 -30.30 -5.71 10.06
C GLY B 306 -30.74 -4.25 10.00
N MET B 307 -31.32 -3.74 11.08
CA MET B 307 -31.99 -2.43 11.04
C MET B 307 -31.03 -1.26 10.98
N ARG B 308 -29.85 -1.40 11.52
CA ARG B 308 -28.89 -0.27 11.43
C ARG B 308 -28.57 -0.02 9.97
N GLU B 309 -27.95 -1.01 9.35
CA GLU B 309 -27.55 -0.96 7.94
C GLU B 309 -28.74 -0.48 7.13
N LEU B 310 -29.93 -0.93 7.45
CA LEU B 310 -31.11 -0.49 6.75
C LEU B 310 -31.35 0.99 6.97
N SER B 311 -31.21 1.44 8.22
CA SER B 311 -31.45 2.85 8.51
C SER B 311 -30.37 3.73 7.88
N TRP B 312 -29.11 3.25 7.82
CA TRP B 312 -28.11 3.98 7.03
C TRP B 312 -28.59 4.18 5.60
N HIS B 313 -29.16 3.14 5.01
CA HIS B 313 -29.57 3.28 3.61
C HIS B 313 -30.77 4.20 3.47
N LEU B 314 -31.68 4.16 4.44
CA LEU B 314 -32.81 5.07 4.40
C LEU B 314 -32.39 6.52 4.61
N PHE B 315 -31.18 6.75 5.12
CA PHE B 315 -30.71 8.12 5.26
C PHE B 315 -30.51 8.77 3.90
N THR B 316 -29.92 8.02 2.96
CA THR B 316 -29.81 8.32 1.54
C THR B 316 -31.07 8.95 0.95
N TRP B 317 -32.24 8.52 1.40
CA TRP B 317 -33.46 9.06 0.83
C TRP B 317 -33.85 10.38 1.44
N GLY B 318 -33.29 10.72 2.60
CA GLY B 318 -33.68 11.96 3.23
C GLY B 318 -35.15 11.94 3.53
N ASP B 319 -35.81 13.06 3.26
CA ASP B 319 -37.21 13.24 3.64
C ASP B 319 -38.14 12.38 2.80
N ALA B 320 -37.67 11.88 1.67
CA ALA B 320 -38.58 11.25 0.71
C ALA B 320 -39.03 9.85 1.13
N VAL B 321 -38.63 9.32 2.28
CA VAL B 321 -39.08 8.00 2.71
C VAL B 321 -39.65 8.10 4.12
N GLU B 322 -40.80 7.45 4.33
CA GLU B 322 -41.42 7.34 5.63
C GLU B 322 -41.46 5.86 6.03
N ILE B 323 -41.14 5.60 7.29
CA ILE B 323 -41.15 4.26 7.85
C ILE B 323 -42.53 4.01 8.45
N VAL B 324 -43.29 3.06 7.89
CA VAL B 324 -44.56 2.71 8.51
C VAL B 324 -44.48 1.42 9.34
N ALA B 325 -43.47 0.57 9.09
CA ALA B 325 -43.19 -0.57 9.97
C ALA B 325 -41.83 -1.17 9.70
N PRO B 326 -41.16 -1.70 10.75
CA PRO B 326 -41.60 -1.77 12.14
C PRO B 326 -41.15 -0.58 12.97
N GLN B 327 -41.69 -0.42 14.19
CA GLN B 327 -41.28 0.67 15.06
C GLN B 327 -39.83 0.50 15.50
N VAL B 328 -39.36 -0.75 15.65
CA VAL B 328 -37.95 -1.00 15.97
C VAL B 328 -37.03 -0.40 14.91
N LEU B 329 -37.49 -0.29 13.66
CA LEU B 329 -36.71 0.41 12.64
C LEU B 329 -36.82 1.94 12.80
N LYS B 330 -37.99 2.45 13.20
CA LYS B 330 -38.10 3.87 13.53
C LYS B 330 -37.21 4.22 14.71
N ASP B 331 -37.31 3.46 15.81
CA ASP B 331 -36.45 3.74 16.96
C ASP B 331 -34.98 3.60 16.60
N MET B 332 -34.67 2.64 15.72
CA MET B 332 -33.30 2.51 15.24
C MET B 332 -32.92 3.72 14.39
N MET B 333 -33.80 4.16 13.51
CA MET B 333 -33.47 5.35 12.74
C MET B 333 -33.28 6.57 13.63
N VAL B 334 -34.23 6.81 14.55
CA VAL B 334 -34.11 8.01 15.38
C VAL B 334 -32.91 7.93 16.30
N GLN B 335 -32.58 6.73 16.81
CA GLN B 335 -31.37 6.60 17.61
C GLN B 335 -30.15 7.09 16.84
N GLU B 336 -29.91 6.49 15.67
CA GLU B 336 -28.73 6.84 14.87
C GLU B 336 -28.86 8.22 14.23
N LEU B 337 -30.10 8.67 13.92
CA LEU B 337 -30.31 10.05 13.49
C LEU B 337 -29.96 11.03 14.60
N ARG B 338 -30.34 10.71 15.84
CA ARG B 338 -30.01 11.59 16.93
C ARG B 338 -28.56 11.46 17.35
N GLU B 339 -27.97 10.26 17.22
CA GLU B 339 -26.56 10.09 17.57
C GLU B 339 -25.68 11.04 16.76
N ALA B 340 -25.91 11.13 15.45
CA ALA B 340 -25.07 11.95 14.59
C ALA B 340 -25.46 13.42 14.61
N GLY B 341 -26.76 13.72 14.76
CA GLY B 341 -27.18 15.11 14.88
C GLY B 341 -26.49 15.84 16.01
N ARG B 342 -26.34 15.18 17.16
CA ARG B 342 -25.58 15.79 18.24
C ARG B 342 -24.12 15.91 17.88
N ALA B 343 -23.56 14.89 17.19
CA ALA B 343 -22.14 14.85 16.87
C ALA B 343 -21.73 15.94 15.89
N HIS B 344 -22.65 16.46 15.09
CA HIS B 344 -22.32 17.44 14.06
C HIS B 344 -22.95 18.82 14.27
N GLY B 345 -23.71 19.03 15.35
CA GLY B 345 -24.30 20.32 15.64
C GLY B 345 -25.65 20.58 15.02
N ALA B 346 -26.39 19.54 14.64
CA ALA B 346 -27.62 19.74 13.89
C ALA B 346 -28.72 20.36 14.74
N TRP B 347 -28.72 20.11 16.05
CA TRP B 347 -29.69 20.70 16.97
C TRP B 347 -29.11 20.73 18.37
N GLU G 24 26.05 -1.20 29.26
CA GLU G 24 25.20 -2.15 28.56
C GLU G 24 25.37 -3.60 29.07
N LYS G 25 26.48 -3.90 29.74
CA LYS G 25 26.63 -5.21 30.38
C LYS G 25 25.52 -5.45 31.39
N ALA G 26 25.15 -4.42 32.15
CA ALA G 26 24.14 -4.57 33.21
C ALA G 26 22.79 -5.00 32.65
N THR G 27 22.43 -4.49 31.48
CA THR G 27 21.09 -4.71 30.96
C THR G 27 21.11 -5.62 29.72
N ARG G 28 22.07 -6.53 29.62
CA ARG G 28 22.13 -7.37 28.42
C ARG G 28 21.00 -8.39 28.39
N LEU G 29 20.77 -9.10 29.51
CA LEU G 29 19.63 -10.02 29.62
C LEU G 29 18.34 -9.39 29.14
N LEU G 30 18.06 -8.17 29.59
CA LEU G 30 16.85 -7.51 29.15
C LEU G 30 16.92 -7.24 27.66
N ASP G 31 18.12 -6.93 27.15
CA ASP G 31 18.27 -6.77 25.72
C ASP G 31 17.91 -8.06 25.00
N LEU G 32 18.27 -9.21 25.59
CA LEU G 32 18.03 -10.52 24.95
C LEU G 32 16.56 -10.89 24.98
N ALA G 33 15.91 -10.68 26.13
CA ALA G 33 14.48 -10.97 26.24
C ALA G 33 13.69 -10.19 25.20
N ARG G 34 13.93 -8.88 25.10
CA ARG G 34 13.19 -8.07 24.15
C ARG G 34 13.31 -8.66 22.74
N MET G 35 14.53 -9.03 22.34
CA MET G 35 14.72 -9.62 21.03
C MET G 35 13.94 -10.92 20.89
N LEU G 36 14.10 -11.85 21.83
CA LEU G 36 13.36 -13.11 21.74
C LEU G 36 11.86 -12.89 21.75
N ALA G 37 11.38 -11.89 22.48
CA ALA G 37 9.94 -11.62 22.52
C ALA G 37 9.45 -10.90 21.26
N GLY G 38 10.29 -10.07 20.64
CA GLY G 38 9.96 -9.49 19.36
C GLY G 38 10.36 -10.30 18.15
N SER G 39 11.15 -11.37 18.31
CA SER G 39 11.78 -12.05 17.17
C SER G 39 10.79 -12.78 16.29
N ALA G 40 9.67 -13.23 16.85
CA ALA G 40 8.55 -13.77 16.08
C ALA G 40 8.87 -15.11 15.44
N GLU G 41 10.13 -15.49 15.37
CA GLU G 41 10.53 -16.77 14.83
C GLU G 41 11.58 -17.43 15.68
N GLY G 42 12.20 -16.69 16.58
CA GLY G 42 13.35 -17.18 17.31
C GLY G 42 14.63 -16.63 16.74
N LEU G 43 15.70 -16.83 17.49
CA LEU G 43 17.05 -16.49 17.05
C LEU G 43 17.96 -17.68 17.30
N THR G 44 18.87 -17.94 16.35
CA THR G 44 19.90 -18.95 16.59
C THR G 44 20.74 -18.53 17.78
N LEU G 45 21.24 -19.52 18.51
CA LEU G 45 22.25 -19.24 19.53
C LEU G 45 23.32 -18.29 18.99
N ASP G 46 23.80 -18.52 17.76
CA ASP G 46 24.80 -17.63 17.18
C ASP G 46 24.23 -16.24 16.88
N GLU G 47 22.93 -16.15 16.57
CA GLU G 47 22.35 -14.84 16.28
C GLU G 47 22.10 -14.01 17.53
N MET G 48 22.04 -14.66 18.70
CA MET G 48 22.10 -13.92 19.95
C MET G 48 23.50 -13.34 20.15
N ALA G 49 24.52 -14.21 20.21
CA ALA G 49 25.90 -13.75 20.30
C ALA G 49 26.21 -12.67 19.28
N ALA G 50 25.61 -12.76 18.09
CA ALA G 50 25.77 -11.72 17.09
C ALA G 50 25.26 -10.38 17.61
N ALA G 51 23.97 -10.28 17.89
CA ALA G 51 23.45 -8.96 18.23
C ALA G 51 23.80 -8.54 19.64
N LEU G 52 24.73 -9.25 20.28
CA LEU G 52 25.26 -8.85 21.57
C LEU G 52 26.77 -8.89 21.66
N GLY G 53 27.46 -9.25 20.59
CA GLY G 53 28.90 -9.39 20.64
C GLY G 53 29.37 -10.13 21.87
N VAL G 54 29.05 -11.43 21.99
CA VAL G 54 29.52 -12.16 23.16
C VAL G 54 30.12 -13.51 22.78
N GLY G 55 29.93 -13.94 21.55
CA GLY G 55 30.37 -15.28 21.23
C GLY G 55 29.47 -16.33 21.87
N ARG G 56 29.61 -17.59 21.46
CA ARG G 56 28.53 -18.53 21.66
C ARG G 56 28.32 -18.87 23.13
N ARG G 57 29.34 -19.42 23.81
CA ARG G 57 29.04 -20.14 25.06
C ARG G 57 28.50 -19.23 26.16
N THR G 58 28.79 -17.95 26.13
CA THR G 58 28.24 -17.13 27.21
C THR G 58 26.89 -16.55 26.87
N ALA G 59 26.55 -16.45 25.58
CA ALA G 59 25.15 -16.27 25.24
C ALA G 59 24.33 -17.48 25.67
N GLU G 60 24.95 -18.66 25.67
CA GLU G 60 24.26 -19.85 26.17
C GLU G 60 23.83 -19.65 27.61
N ARG G 61 24.78 -19.31 28.48
CA ARG G 61 24.45 -19.02 29.87
C ARG G 61 23.45 -17.87 30.00
N MET G 62 23.24 -17.09 28.95
CA MET G 62 22.21 -16.07 29.04
C MET G 62 20.84 -16.60 28.67
N ARG G 63 20.75 -17.29 27.53
CA ARG G 63 19.48 -17.88 27.14
C ARG G 63 18.94 -18.80 28.22
N ASP G 64 19.82 -19.60 28.83
CA ASP G 64 19.47 -20.23 30.09
C ASP G 64 18.80 -19.25 31.04
N ALA G 65 19.47 -18.12 31.29
CA ALA G 65 18.97 -17.21 32.31
C ALA G 65 17.66 -16.56 31.87
N VAL G 66 17.47 -16.32 30.57
CA VAL G 66 16.24 -15.71 30.07
C VAL G 66 15.06 -16.66 30.26
N TRP G 67 15.30 -17.97 30.14
CA TRP G 67 14.22 -18.91 30.42
C TRP G 67 13.73 -18.77 31.84
N ALA G 68 14.64 -18.46 32.77
CA ALA G 68 14.26 -18.35 34.18
C ALA G 68 13.33 -17.17 34.42
N ALA G 69 13.56 -16.07 33.71
CA ALA G 69 12.72 -14.90 33.86
C ALA G 69 11.46 -14.96 32.99
N PHE G 70 11.47 -15.78 31.96
CA PHE G 70 10.33 -15.90 31.05
C PHE G 70 10.18 -17.38 30.77
N PRO G 71 9.43 -18.09 31.61
CA PRO G 71 9.30 -19.52 31.36
C PRO G 71 8.54 -19.82 30.10
N GLN G 72 7.90 -18.83 29.48
CA GLN G 72 7.08 -19.22 28.31
C GLN G 72 7.92 -19.42 27.08
N MET G 73 9.19 -19.12 27.19
CA MET G 73 10.09 -19.23 26.02
C MET G 73 10.02 -20.61 25.41
N GLU G 74 9.77 -20.67 24.10
CA GLU G 74 9.75 -21.91 23.31
C GLU G 74 11.08 -22.15 22.61
N ALA G 75 11.39 -23.42 22.41
CA ALA G 75 12.45 -23.82 21.49
C ALA G 75 11.79 -24.47 20.29
N ILE G 76 12.15 -23.99 19.09
CA ILE G 76 11.74 -24.60 17.82
C ILE G 76 12.97 -25.22 17.18
N ASP G 77 12.79 -26.39 16.56
CA ASP G 77 13.86 -27.04 15.83
C ASP G 77 13.83 -26.62 14.37
N ASP G 78 14.99 -26.25 13.83
CA ASP G 78 15.13 -25.82 12.45
C ASP G 78 16.48 -26.34 11.97
N PRO G 79 16.51 -27.54 11.37
CA PRO G 79 17.78 -28.26 11.19
C PRO G 79 18.76 -27.49 10.32
N PRO G 80 20.13 -27.55 10.77
CA PRO G 80 21.00 -28.20 12.08
C PRO G 80 20.74 -27.38 13.35
N THR G 81 19.86 -26.39 13.30
CA THR G 81 19.75 -25.53 14.49
C THR G 81 18.36 -25.48 15.08
N LYS G 82 18.31 -24.80 16.22
CA LYS G 82 17.19 -24.58 17.13
C LYS G 82 17.04 -23.08 17.38
N ARG G 83 15.88 -22.53 17.08
CA ARG G 83 15.62 -21.14 17.44
C ARG G 83 15.01 -21.06 18.84
N PHE G 84 14.91 -19.82 19.33
CA PHE G 84 14.40 -19.57 20.66
C PHE G 84 13.60 -18.29 20.63
N ARG G 85 12.38 -18.34 21.16
CA ARG G 85 11.44 -17.25 20.99
C ARG G 85 10.60 -17.13 22.25
N ILE G 86 10.11 -15.91 22.52
CA ILE G 86 9.14 -15.68 23.59
C ILE G 86 7.82 -15.30 22.92
N PRO G 87 6.91 -16.24 22.75
CA PRO G 87 5.68 -15.95 22.00
C PRO G 87 4.73 -15.00 22.73
N SER G 88 4.77 -15.01 24.05
CA SER G 88 3.73 -14.44 24.89
C SER G 88 3.71 -12.93 24.90
N GLY G 89 4.86 -12.31 24.67
CA GLY G 89 5.00 -10.92 25.04
C GLY G 89 5.44 -10.80 26.48
N LEU G 90 6.40 -9.92 26.70
CA LEU G 90 6.97 -9.82 28.02
C LEU G 90 6.04 -8.99 28.90
N ASP G 91 6.49 -8.75 30.15
CA ASP G 91 5.80 -7.83 31.03
C ASP G 91 5.74 -6.45 30.40
N GLY G 92 4.71 -5.70 30.77
CA GLY G 92 4.59 -4.35 30.23
C GLY G 92 5.82 -3.51 30.50
N VAL G 93 6.43 -3.72 31.69
CA VAL G 93 7.62 -2.97 32.10
C VAL G 93 8.68 -3.01 31.04
N PHE G 94 8.76 -4.13 30.34
CA PHE G 94 9.81 -4.36 29.36
C PHE G 94 9.40 -3.94 27.94
N GLN G 95 8.13 -3.61 27.74
CA GLN G 95 7.65 -3.15 26.46
C GLN G 95 7.57 -1.64 26.38
N THR G 96 7.62 -0.94 27.50
CA THR G 96 7.36 0.48 27.47
C THR G 96 8.55 1.20 26.84
N PRO G 97 8.35 1.91 25.74
CA PRO G 97 9.45 2.68 25.14
C PRO G 97 9.80 3.88 25.99
N THR G 98 11.09 4.18 26.08
CA THR G 98 11.62 5.32 26.80
C THR G 98 11.36 6.61 26.03
N ALA G 99 11.50 7.76 26.69
CA ALA G 99 11.53 8.99 25.94
C ALA G 99 12.75 9.04 25.01
N GLU G 100 13.90 8.54 25.45
CA GLU G 100 15.08 8.51 24.57
C GLU G 100 14.76 7.81 23.23
N GLU G 101 14.02 6.69 23.29
CA GLU G 101 13.71 5.95 22.07
C GLU G 101 12.63 6.68 21.25
N LEU G 102 11.60 7.21 21.90
CA LEU G 102 10.58 7.97 21.17
C LEU G 102 11.16 9.22 20.55
N ALA G 103 12.09 9.88 21.24
CA ALA G 103 12.75 11.03 20.62
C ALA G 103 13.51 10.59 19.38
N ALA G 104 14.23 9.47 19.49
CA ALA G 104 15.06 8.98 18.40
C ALA G 104 14.22 8.77 17.15
N LEU G 105 13.08 8.11 17.32
CA LEU G 105 12.16 7.91 16.20
C LEU G 105 11.77 9.25 15.59
N ARG G 106 11.43 10.21 16.46
CA ARG G 106 10.96 11.50 15.97
C ARG G 106 12.10 12.35 15.43
N VAL G 107 13.32 12.15 15.92
CA VAL G 107 14.44 12.92 15.40
C VAL G 107 14.77 12.41 14.01
N ALA G 108 14.55 11.12 13.77
CA ALA G 108 14.81 10.56 12.45
C ALA G 108 13.71 10.95 11.47
N ALA G 109 12.47 11.14 11.95
CA ALA G 109 11.39 11.61 11.10
C ALA G 109 11.54 13.10 10.78
N ASP G 110 11.74 13.95 11.81
CA ASP G 110 12.01 15.38 11.61
C ASP G 110 13.09 15.62 10.54
N SER G 111 13.94 14.63 10.29
CA SER G 111 15.08 14.78 9.40
C SER G 111 14.79 14.25 8.00
N LEU G 112 14.05 13.15 7.92
CA LEU G 112 13.55 12.69 6.65
C LEU G 112 12.61 13.74 6.04
N ARG G 113 11.77 14.35 6.88
CA ARG G 113 10.84 15.36 6.39
C ARG G 113 11.57 16.57 5.84
N ALA G 114 12.65 17.00 6.53
CA ALA G 114 13.49 18.10 6.09
C ALA G 114 14.34 17.74 4.89
N SER G 115 14.66 16.47 4.68
CA SER G 115 15.23 16.07 3.41
C SER G 115 14.22 16.21 2.29
N GLY G 116 12.94 16.23 2.62
CA GLY G 116 11.88 16.04 1.66
C GLY G 116 11.39 14.61 1.54
N ALA G 117 11.97 13.68 2.30
CA ALA G 117 11.63 12.27 2.20
C ALA G 117 10.29 11.99 2.87
N ASP G 118 9.20 12.45 2.25
CA ASP G 118 7.97 12.62 3.02
C ASP G 118 7.16 11.33 3.19
N ALA G 119 7.42 10.30 2.41
CA ALA G 119 6.81 9.02 2.74
C ALA G 119 7.47 8.49 3.99
N ARG G 120 8.78 8.17 3.87
CA ARG G 120 9.52 7.50 4.93
C ARG G 120 9.33 8.23 6.25
N ALA G 121 9.34 9.55 6.23
CA ALA G 121 8.97 10.31 7.42
C ALA G 121 7.62 9.87 7.93
N SER G 122 6.57 10.11 7.15
CA SER G 122 5.23 10.00 7.73
C SER G 122 4.95 8.58 8.19
N SER G 123 5.71 7.60 7.70
CA SER G 123 5.65 6.24 8.25
C SER G 123 6.15 6.22 9.68
N LEU G 124 7.27 6.90 9.93
CA LEU G 124 7.83 6.98 11.28
C LEU G 124 6.91 7.78 12.21
N TYR G 125 6.41 8.95 11.78
CA TYR G 125 5.48 9.68 12.65
C TYR G 125 4.27 8.82 13.01
N ALA G 126 3.90 7.90 12.14
CA ALA G 126 2.75 7.05 12.41
C ALA G 126 3.07 6.05 13.49
N LEU G 127 4.27 5.49 13.41
CA LEU G 127 4.78 4.64 14.47
C LEU G 127 4.83 5.38 15.79
N GLU G 128 5.27 6.63 15.78
CA GLU G 128 5.33 7.35 17.03
C GLU G 128 3.94 7.56 17.61
N ALA G 129 2.97 7.93 16.79
CA ALA G 129 1.64 8.14 17.34
C ALA G 129 1.07 6.82 17.84
N LYS G 130 1.30 5.74 17.10
CA LYS G 130 0.79 4.44 17.48
C LYS G 130 1.40 3.99 18.80
N LEU G 131 2.68 4.31 19.01
CA LEU G 131 3.35 4.04 20.27
C LEU G 131 2.77 4.87 21.41
N LEU G 132 2.62 6.19 21.18
CA LEU G 132 2.06 7.08 22.17
C LEU G 132 0.62 6.70 22.52
N SER G 133 -0.23 6.44 21.51
CA SER G 133 -1.62 6.09 21.81
C SER G 133 -1.74 4.77 22.57
N ALA G 134 -0.75 3.88 22.48
CA ALA G 134 -0.87 2.65 23.26
C ALA G 134 -0.62 2.90 24.74
N LEU G 135 0.00 4.03 25.09
CA LEU G 135 0.26 4.37 26.49
C LEU G 135 -1.04 4.75 27.19
N ARG G 136 -1.08 4.50 28.50
CA ARG G 136 -2.16 5.06 29.28
C ARG G 136 -2.11 6.57 29.23
N GLY G 137 -3.24 7.19 29.56
CA GLY G 137 -3.32 8.64 29.54
C GLY G 137 -2.25 9.27 30.42
N SER G 138 -2.13 8.78 31.65
CA SER G 138 -1.11 9.32 32.54
C SER G 138 0.29 9.09 31.97
N ALA G 139 0.54 7.91 31.38
CA ALA G 139 1.86 7.61 30.87
C ALA G 139 2.22 8.50 29.69
N ARG G 140 1.32 8.56 28.69
CA ARG G 140 1.49 9.48 27.59
C ARG G 140 1.69 10.90 28.08
N ARG G 141 0.89 11.33 29.06
CA ARG G 141 0.92 12.72 29.50
C ARG G 141 2.25 13.06 30.15
N ARG G 142 2.92 12.09 30.76
CA ARG G 142 4.15 12.38 31.47
C ARG G 142 5.37 12.26 30.58
N VAL G 143 5.35 11.33 29.62
CA VAL G 143 6.52 11.10 28.80
C VAL G 143 6.56 12.08 27.65
N ALA G 144 5.40 12.40 27.08
CA ALA G 144 5.36 13.23 25.89
C ALA G 144 6.16 14.52 26.03
N PRO G 145 6.04 15.30 27.11
CA PRO G 145 6.94 16.44 27.24
C PRO G 145 8.41 16.04 27.31
N ASP G 146 8.76 15.01 28.08
CA ASP G 146 10.15 14.54 28.09
C ASP G 146 10.68 14.33 26.67
N VAL G 147 9.85 13.72 25.81
CA VAL G 147 10.27 13.47 24.44
C VAL G 147 10.52 14.78 23.73
N GLU G 148 9.64 15.76 23.93
CA GLU G 148 9.81 17.05 23.29
C GLU G 148 11.15 17.68 23.66
N ALA G 149 11.47 17.68 24.94
CA ALA G 149 12.66 18.38 25.39
C ALA G 149 13.91 17.82 24.72
N LEU G 150 13.96 16.51 24.47
CA LEU G 150 15.15 15.92 23.86
C LEU G 150 15.26 16.20 22.38
N VAL G 151 14.11 16.24 21.67
CA VAL G 151 14.13 16.48 20.23
C VAL G 151 14.59 17.91 19.92
N GLN G 152 14.30 18.85 20.81
CA GLN G 152 14.76 20.22 20.62
C GLN G 152 16.22 20.38 20.98
N ALA G 153 16.83 19.36 21.57
CA ALA G 153 18.25 19.37 21.90
C ALA G 153 19.04 18.39 21.02
N GLU G 154 18.39 17.75 20.06
CA GLU G 154 19.07 16.92 19.08
C GLU G 154 18.47 17.22 17.70
N THR G 155 19.34 17.30 16.69
CA THR G 155 18.93 17.35 15.28
C THR G 155 19.99 16.69 14.43
N ILE G 156 19.55 16.12 13.32
CA ILE G 156 20.45 15.70 12.24
C ILE G 156 20.60 16.87 11.29
N ALA G 157 21.84 17.30 11.08
CA ALA G 157 22.11 18.27 10.02
C ALA G 157 21.75 17.64 8.70
N VAL G 158 20.87 18.28 7.92
CA VAL G 158 20.41 17.69 6.67
C VAL G 158 21.30 18.11 5.50
N HIS G 159 21.82 17.12 4.76
CA HIS G 159 22.76 17.33 3.66
C HIS G 159 22.10 18.04 2.50
N ALA G 160 22.80 19.03 1.96
CA ALA G 160 22.33 19.67 0.74
C ALA G 160 22.26 18.67 -0.40
N GLY G 161 21.21 18.75 -1.20
CA GLY G 161 21.09 17.91 -2.37
C GLY G 161 19.68 17.85 -2.90
N PRO G 162 19.42 16.96 -3.86
CA PRO G 162 18.09 16.92 -4.46
C PRO G 162 17.07 16.37 -3.48
N ARG G 163 15.89 17.00 -3.48
CA ARG G 163 14.77 16.54 -2.67
C ARG G 163 14.38 15.14 -3.14
N PRO G 164 14.41 14.13 -2.27
CA PRO G 164 13.94 12.80 -2.68
C PRO G 164 12.49 12.88 -3.13
N TYR G 165 12.24 12.38 -4.34
CA TYR G 165 10.88 12.31 -4.82
C TYR G 165 10.23 11.08 -4.19
N GLU G 166 9.18 11.32 -3.41
CA GLU G 166 8.38 10.23 -2.84
C GLU G 166 6.93 10.62 -3.02
N ASP G 167 6.32 10.20 -4.12
CA ASP G 167 4.88 10.37 -4.35
C ASP G 167 4.20 9.03 -4.08
N GLN G 168 3.33 9.01 -3.05
CA GLN G 168 2.82 7.76 -2.51
C GLN G 168 2.22 6.88 -3.59
N ALA G 169 1.60 7.48 -4.60
CA ALA G 169 1.06 6.71 -5.71
C ALA G 169 2.17 5.90 -6.37
N VAL G 170 3.14 6.58 -6.98
CA VAL G 170 4.29 5.90 -7.58
C VAL G 170 4.89 4.93 -6.59
N LEU G 171 5.18 5.42 -5.38
CA LEU G 171 5.82 4.60 -4.35
C LEU G 171 4.92 3.46 -3.89
N GLY G 172 3.60 3.64 -3.92
CA GLY G 172 2.70 2.56 -3.57
C GLY G 172 2.78 1.40 -4.55
N ALA G 173 2.70 1.72 -5.85
CA ALA G 173 2.70 0.68 -6.88
C ALA G 173 3.87 -0.28 -6.73
N ILE G 174 5.07 0.24 -6.48
CA ILE G 174 6.27 -0.60 -6.47
C ILE G 174 6.28 -1.54 -5.26
N ARG G 175 6.10 -0.98 -4.04
CA ARG G 175 6.14 -1.82 -2.85
C ARG G 175 5.10 -2.91 -2.90
N ALA G 176 3.89 -2.57 -3.38
CA ALA G 176 2.90 -3.59 -3.69
C ALA G 176 3.45 -4.59 -4.69
N ALA G 177 4.06 -4.08 -5.77
CA ALA G 177 4.62 -4.94 -6.80
C ALA G 177 5.77 -5.79 -6.27
N ILE G 178 6.52 -5.28 -5.29
CA ILE G 178 7.57 -6.08 -4.66
C ILE G 178 6.95 -7.25 -3.88
N LYS G 179 5.74 -7.04 -3.33
CA LYS G 179 5.04 -8.10 -2.61
C LYS G 179 4.26 -9.01 -3.56
N GLY G 180 3.77 -8.45 -4.67
CA GLY G 180 3.07 -9.20 -5.68
C GLY G 180 3.95 -9.87 -6.71
N LEU G 181 5.26 -9.61 -6.69
CA LEU G 181 6.24 -10.24 -7.57
C LEU G 181 5.77 -10.23 -9.03
N GLN G 182 5.31 -9.08 -9.49
CA GLN G 182 4.80 -8.95 -10.85
C GLN G 182 5.41 -7.71 -11.47
N ALA G 183 5.36 -7.66 -12.80
CA ALA G 183 6.02 -6.60 -13.53
C ALA G 183 5.23 -5.30 -13.41
N LEU G 184 5.91 -4.20 -13.70
CA LEU G 184 5.35 -2.85 -13.63
C LEU G 184 5.36 -2.25 -15.02
N SER G 185 4.73 -1.08 -15.15
CA SER G 185 4.70 -0.42 -16.45
C SER G 185 4.57 1.06 -16.19
N PHE G 186 5.63 1.79 -16.53
CA PHE G 186 5.68 3.24 -16.37
C PHE G 186 6.09 3.83 -17.72
N ARG G 187 5.71 5.08 -17.98
CA ARG G 187 6.22 5.79 -19.15
C ARG G 187 7.40 6.65 -18.68
N TYR G 188 8.60 6.09 -18.85
CA TYR G 188 9.80 6.64 -18.24
C TYR G 188 10.25 7.88 -19.02
N GLU G 189 10.35 9.02 -18.35
CA GLU G 189 10.80 10.26 -19.01
C GLU G 189 12.33 10.41 -18.96
N GLY G 190 13.04 9.37 -19.38
CA GLY G 190 14.50 9.45 -19.40
C GLY G 190 15.09 8.32 -20.21
N GLY G 191 16.41 8.33 -20.32
CA GLY G 191 17.09 7.29 -21.08
C GLY G 191 17.20 7.67 -22.55
N SER G 192 17.30 6.65 -23.40
CA SER G 192 17.43 6.90 -24.83
C SER G 192 16.09 6.89 -25.56
N THR G 193 15.02 6.37 -24.94
CA THR G 193 13.67 6.36 -25.50
C THR G 193 12.75 7.16 -24.59
N PRO G 194 12.92 8.50 -24.53
CA PRO G 194 12.26 9.28 -23.46
C PRO G 194 10.76 9.35 -23.62
N GLY G 195 10.04 8.54 -22.86
CA GLY G 195 8.60 8.47 -22.94
C GLY G 195 8.09 7.05 -23.06
N ARG G 196 8.87 6.19 -23.73
CA ARG G 196 8.42 4.84 -24.05
C ARG G 196 8.00 4.07 -22.80
N THR G 197 6.74 3.59 -22.79
CA THR G 197 6.30 2.62 -21.81
C THR G 197 7.31 1.46 -21.72
N ARG G 198 7.64 1.07 -20.49
CA ARG G 198 8.56 -0.03 -20.26
C ARG G 198 8.07 -0.89 -19.10
N GLU G 199 8.26 -2.21 -19.24
CA GLU G 199 7.81 -3.22 -18.30
C GLU G 199 9.04 -3.93 -17.75
N VAL G 200 9.10 -4.09 -16.43
CA VAL G 200 10.33 -4.49 -15.75
C VAL G 200 9.99 -5.36 -14.54
N THR G 201 11.03 -6.02 -14.00
CA THR G 201 10.93 -6.80 -12.77
C THR G 201 11.72 -6.09 -11.67
N PRO G 202 11.07 -5.42 -10.72
CA PRO G 202 11.81 -4.58 -9.78
C PRO G 202 12.51 -5.39 -8.70
N LEU G 203 13.69 -4.93 -8.32
CA LEU G 203 14.49 -5.53 -7.26
C LEU G 203 14.31 -4.81 -5.93
N GLY G 204 14.22 -3.50 -5.96
CA GLY G 204 14.10 -2.72 -4.74
C GLY G 204 14.00 -1.26 -5.09
N VAL G 205 14.34 -0.42 -4.12
CA VAL G 205 14.42 1.03 -4.33
C VAL G 205 15.57 1.57 -3.49
N LEU G 206 16.52 2.24 -4.14
CA LEU G 206 17.73 2.76 -3.49
C LEU G 206 17.45 4.21 -3.10
N PHE G 207 16.99 4.42 -1.86
CA PHE G 207 16.76 5.77 -1.34
C PHE G 207 18.09 6.50 -1.21
N GLY G 208 18.17 7.71 -1.76
CA GLY G 208 19.45 8.36 -1.89
C GLY G 208 19.36 9.85 -2.13
N ARG G 209 20.20 10.36 -3.04
CA ARG G 209 20.18 11.75 -3.44
C ARG G 209 18.79 12.12 -3.91
N SER G 210 18.41 11.56 -5.04
CA SER G 210 17.03 11.31 -5.38
C SER G 210 16.80 9.83 -5.10
N ASN G 211 15.59 9.34 -5.38
CA ASN G 211 15.31 7.94 -5.12
C ASN G 211 15.18 7.18 -6.43
N TYR G 212 15.59 5.91 -6.41
CA TYR G 212 15.80 5.12 -7.62
C TYR G 212 15.18 3.74 -7.50
N LEU G 213 14.39 3.37 -8.50
CA LEU G 213 13.93 1.99 -8.65
C LEU G 213 15.01 1.15 -9.33
N VAL G 214 15.33 0.01 -8.74
CA VAL G 214 16.26 -0.95 -9.33
C VAL G 214 15.44 -2.08 -9.94
N ALA G 215 15.54 -2.24 -11.27
CA ALA G 215 14.67 -3.15 -12.03
C ALA G 215 15.45 -3.87 -13.14
N LEU G 216 14.73 -4.71 -13.89
CA LEU G 216 15.24 -5.49 -15.02
C LEU G 216 14.31 -5.32 -16.21
N GLU G 217 14.83 -4.75 -17.31
CA GLU G 217 13.99 -4.50 -18.49
C GLU G 217 13.80 -5.77 -19.31
N GLY G 218 13.32 -6.83 -18.69
CA GLY G 218 12.97 -8.02 -19.44
C GLY G 218 14.19 -8.87 -19.76
N LYS G 219 14.73 -8.68 -20.98
CA LYS G 219 15.75 -9.54 -21.57
C LYS G 219 16.86 -9.86 -20.57
N GLY G 220 16.98 -11.14 -20.23
CA GLY G 220 17.67 -11.58 -19.05
C GLY G 220 19.08 -11.05 -18.91
N GLY G 221 19.26 -10.13 -17.97
CA GLY G 221 20.54 -9.44 -17.82
C GLY G 221 20.69 -8.70 -16.50
N LYS G 222 21.31 -7.51 -16.55
CA LYS G 222 21.76 -6.82 -15.36
C LYS G 222 20.67 -5.88 -14.82
N PRO G 223 20.60 -5.76 -13.50
CA PRO G 223 19.71 -4.75 -12.91
C PRO G 223 20.22 -3.37 -13.25
N ARG G 224 19.30 -2.40 -13.30
CA ARG G 224 19.73 -1.03 -13.51
C ARG G 224 18.77 -0.03 -12.88
N SER G 225 19.27 1.15 -12.59
CA SER G 225 18.61 2.06 -11.66
C SER G 225 17.69 3.03 -12.40
N TRP G 226 16.46 3.16 -11.91
CA TRP G 226 15.41 3.95 -12.53
C TRP G 226 14.96 5.06 -11.59
N ARG G 227 15.17 6.32 -11.99
CA ARG G 227 14.66 7.46 -11.22
C ARG G 227 13.15 7.35 -11.05
N LEU G 228 12.64 7.76 -9.88
CA LEU G 228 11.21 7.68 -9.64
C LEU G 228 10.43 8.88 -10.17
N ASP G 229 11.03 10.08 -10.16
CA ASP G 229 10.36 11.28 -10.64
C ASP G 229 10.24 11.32 -12.15
N ARG G 230 11.03 10.51 -12.86
CA ARG G 230 10.91 10.37 -14.30
C ARG G 230 9.84 9.35 -14.72
N MET G 231 9.18 8.69 -13.76
CA MET G 231 8.15 7.70 -14.06
C MET G 231 6.75 8.33 -14.07
N SER G 232 5.83 7.67 -14.77
CA SER G 232 4.43 8.05 -14.81
C SER G 232 3.62 6.84 -15.22
N ASP G 233 2.30 6.95 -15.07
CA ASP G 233 1.35 5.95 -15.56
C ASP G 233 1.70 4.55 -15.07
N LEU G 234 1.66 4.41 -13.75
CA LEU G 234 2.05 3.17 -13.08
C LEU G 234 0.84 2.34 -12.67
N LYS G 235 0.99 1.02 -12.84
CA LYS G 235 0.29 -0.03 -12.10
C LYS G 235 1.02 -1.33 -12.46
N VAL G 236 0.61 -2.44 -11.85
CA VAL G 236 1.37 -3.69 -11.92
C VAL G 236 0.89 -4.53 -13.11
N LEU G 237 1.86 -5.03 -13.90
CA LEU G 237 1.66 -5.76 -15.15
C LEU G 237 0.98 -7.10 -14.84
N ASP G 238 -0.25 -7.35 -15.32
CA ASP G 238 -0.83 -8.69 -15.20
C ASP G 238 0.05 -9.66 -15.99
N LYS G 239 1.00 -10.33 -15.29
CA LYS G 239 2.04 -11.17 -15.88
C LYS G 239 2.91 -11.77 -14.78
N PRO G 240 3.75 -12.76 -15.10
CA PRO G 240 4.77 -13.23 -14.17
C PRO G 240 5.97 -12.28 -14.16
N ALA G 241 6.57 -12.13 -12.96
CA ALA G 241 7.82 -11.41 -12.83
C ALA G 241 8.55 -11.75 -11.53
N PRO G 242 9.29 -12.86 -11.47
CA PRO G 242 10.09 -13.16 -10.28
C PRO G 242 11.52 -12.63 -10.41
N PRO G 243 12.18 -12.34 -9.30
CA PRO G 243 13.55 -11.80 -9.35
C PRO G 243 14.59 -12.90 -9.24
N PRO G 244 15.86 -12.61 -9.66
CA PRO G 244 16.96 -13.52 -9.33
C PRO G 244 17.03 -13.83 -7.84
N GLN G 245 17.64 -14.95 -7.47
CA GLN G 245 17.66 -15.36 -6.06
C GLN G 245 18.84 -14.73 -5.32
N ASP G 246 20.06 -15.05 -5.74
CA ASP G 246 21.26 -14.63 -5.02
C ASP G 246 21.56 -13.15 -5.19
N PHE G 247 20.60 -12.40 -5.72
CA PHE G 247 20.75 -10.96 -5.80
C PHE G 247 20.50 -10.33 -4.43
N SER G 248 21.42 -9.45 -4.01
CA SER G 248 21.28 -8.65 -2.80
C SER G 248 21.28 -7.18 -3.22
N LEU G 249 20.18 -6.48 -2.92
CA LEU G 249 20.10 -5.07 -3.32
C LEU G 249 21.20 -4.24 -2.66
N GLN G 250 21.60 -4.62 -1.44
CA GLN G 250 22.71 -3.95 -0.78
C GLN G 250 24.01 -4.18 -1.54
N ALA G 251 24.22 -5.39 -2.04
CA ALA G 251 25.39 -5.65 -2.88
C ALA G 251 25.32 -4.84 -4.17
N PHE G 252 24.13 -4.73 -4.76
CA PHE G 252 24.01 -3.93 -5.98
C PHE G 252 24.32 -2.47 -5.71
N ALA G 253 23.84 -1.94 -4.58
CA ALA G 253 24.06 -0.53 -4.27
C ALA G 253 25.52 -0.26 -3.99
N ASP G 254 26.16 -1.16 -3.23
CA ASP G 254 27.58 -1.06 -2.96
C ASP G 254 28.44 -1.15 -4.21
N GLU G 255 27.87 -1.44 -5.37
CA GLU G 255 28.66 -1.52 -6.61
C GLU G 255 29.06 -0.14 -7.14
N SER G 256 28.77 0.89 -6.35
CA SER G 256 29.06 2.27 -6.71
C SER G 256 29.53 3.02 -5.48
N PHE G 257 30.28 4.10 -5.73
CA PHE G 257 30.57 5.11 -4.72
C PHE G 257 29.36 6.00 -4.55
N GLY G 258 28.19 5.44 -4.42
CA GLY G 258 27.02 6.29 -4.40
C GLY G 258 25.91 5.73 -5.23
N ILE G 259 25.59 6.39 -6.35
CA ILE G 259 24.42 6.04 -7.14
C ILE G 259 24.80 5.49 -8.52
N TYR G 260 25.75 6.13 -9.20
CA TYR G 260 25.98 5.82 -10.60
C TYR G 260 26.71 4.49 -10.76
N HIS G 261 26.19 3.63 -11.63
CA HIS G 261 26.76 2.30 -11.82
C HIS G 261 27.59 2.31 -13.09
N ASP G 262 28.89 2.55 -12.89
CA ASP G 262 29.94 2.53 -13.90
C ASP G 262 30.51 1.14 -14.03
N GLU G 263 31.69 1.04 -14.62
CA GLU G 263 32.52 -0.14 -14.46
C GLU G 263 33.15 -0.11 -13.07
N ILE G 264 33.05 -1.22 -12.32
CA ILE G 264 33.58 -1.22 -10.96
C ILE G 264 35.09 -1.16 -11.02
N GLN G 265 35.65 -0.15 -10.38
CA GLN G 265 37.08 0.14 -10.46
C GLN G 265 37.79 -0.33 -9.20
N ASP G 266 39.11 -0.32 -9.26
CA ASP G 266 39.93 -0.55 -8.09
C ASP G 266 40.60 0.78 -7.74
N VAL G 267 39.93 1.52 -6.87
CA VAL G 267 40.37 2.86 -6.50
C VAL G 267 41.43 2.76 -5.43
N VAL G 268 42.54 3.47 -5.62
CA VAL G 268 43.59 3.53 -4.61
C VAL G 268 44.00 4.99 -4.43
N LEU G 269 44.07 5.46 -3.18
CA LEU G 269 44.34 6.86 -2.91
C LEU G 269 45.26 6.98 -1.71
N ARG G 270 46.18 7.96 -1.76
CA ARG G 270 47.11 8.22 -0.67
C ARG G 270 46.72 9.52 0.03
N ILE G 271 46.31 9.42 1.29
CA ILE G 271 46.00 10.59 2.11
C ILE G 271 47.28 11.05 2.79
N HIS G 272 47.68 12.30 2.56
CA HIS G 272 48.89 12.81 3.18
C HIS G 272 48.77 12.73 4.70
N LYS G 273 49.92 12.59 5.34
CA LYS G 273 50.00 12.67 6.81
C LYS G 273 49.20 13.85 7.33
N SER G 274 49.25 14.97 6.61
CA SER G 274 48.59 16.21 6.99
C SER G 274 47.18 15.98 7.50
N ARG G 275 46.33 15.38 6.66
CA ARG G 275 44.96 15.01 7.00
C ARG G 275 44.84 13.51 7.28
N ALA G 276 45.93 12.86 7.70
CA ALA G 276 45.90 11.41 7.88
C ALA G 276 44.85 10.99 8.88
N GLU G 277 44.89 11.56 10.09
CA GLU G 277 44.06 11.09 11.20
C GLU G 277 42.57 11.15 10.91
N ASP G 278 42.14 11.85 9.84
CA ASP G 278 40.74 11.78 9.43
C ASP G 278 40.47 10.59 8.52
N ALA G 279 41.43 10.23 7.66
CA ALA G 279 41.26 9.06 6.80
C ALA G 279 40.94 7.79 7.59
N LEU G 280 41.22 7.76 8.88
CA LEU G 280 40.94 6.55 9.66
C LEU G 280 39.55 6.57 10.29
N ARG G 281 39.09 7.74 10.73
CA ARG G 281 37.73 7.97 11.19
C ARG G 281 36.76 8.06 10.08
N TRP G 282 37.16 7.72 8.86
CA TRP G 282 36.41 8.02 7.65
C TRP G 282 35.76 6.77 7.06
N ARG G 283 34.65 6.99 6.36
CA ARG G 283 34.03 5.92 5.61
C ARG G 283 34.00 6.32 4.16
N PHE G 284 34.86 5.66 3.35
CA PHE G 284 34.91 5.90 1.91
C PHE G 284 33.92 5.00 1.17
N HIS G 285 34.02 3.69 1.38
CA HIS G 285 33.12 2.74 0.75
C HIS G 285 32.98 1.53 1.68
N ALA G 286 31.87 0.80 1.52
CA ALA G 286 31.60 -0.37 2.37
C ALA G 286 32.73 -1.40 2.29
N THR G 287 33.34 -1.51 1.13
CA THR G 287 34.43 -2.46 0.92
C THR G 287 35.77 -1.75 1.04
N GLN G 288 36.00 -1.06 2.15
CA GLN G 288 37.18 -0.21 2.25
C GLN G 288 38.30 -0.90 3.01
N GLN G 289 39.49 -0.81 2.46
CA GLN G 289 40.70 -1.12 3.19
C GLN G 289 41.45 0.19 3.32
N VAL G 290 41.43 0.77 4.51
CA VAL G 290 42.23 1.94 4.81
C VAL G 290 43.35 1.47 5.73
N THR G 291 44.59 1.65 5.30
CA THR G 291 45.72 1.18 6.11
C THR G 291 46.84 2.22 6.10
N PRO G 292 47.42 2.52 7.27
CA PRO G 292 48.50 3.52 7.36
C PRO G 292 49.70 3.12 6.49
N GLU G 293 50.67 4.04 6.41
CA GLU G 293 51.85 3.86 5.60
C GLU G 293 53.06 4.47 6.31
N ALA G 294 54.26 4.18 5.79
CA ALA G 294 55.46 4.49 6.56
C ALA G 294 55.70 5.99 6.72
N ASP G 295 55.43 6.80 5.68
CA ASP G 295 55.84 8.19 5.66
C ASP G 295 54.81 9.13 6.29
N GLY G 296 53.94 8.60 7.16
CA GLY G 296 52.86 9.37 7.72
C GLY G 296 51.58 9.31 6.91
N SER G 297 51.67 8.93 5.64
CA SER G 297 50.52 8.89 4.74
C SER G 297 49.52 7.84 5.21
N VAL G 298 48.43 7.73 4.47
CA VAL G 298 47.45 6.66 4.61
C VAL G 298 46.92 6.32 3.22
N LEU G 299 46.93 5.05 2.88
CA LEU G 299 46.43 4.55 1.62
C LEU G 299 45.07 3.89 1.84
N VAL G 300 44.18 4.08 0.88
CA VAL G 300 42.78 3.67 1.01
C VAL G 300 42.44 2.91 -0.26
N THR G 301 41.85 1.72 -0.09
CA THR G 301 41.52 0.86 -1.21
C THR G 301 40.07 0.48 -1.08
N PHE G 302 39.39 0.40 -2.20
CA PHE G 302 38.02 -0.08 -2.24
C PHE G 302 37.67 -0.27 -3.70
N ARG G 303 36.49 -0.83 -3.96
CA ARG G 303 36.08 -1.05 -5.33
C ARG G 303 34.65 -0.54 -5.50
N ALA G 304 34.44 0.22 -6.57
CA ALA G 304 33.12 0.76 -6.90
C ALA G 304 33.21 1.42 -8.27
N GLY G 305 32.04 1.69 -8.86
CA GLY G 305 31.91 2.62 -9.95
C GLY G 305 31.48 3.99 -9.49
N GLY G 306 31.15 4.84 -10.47
CA GLY G 306 30.73 6.20 -10.16
C GLY G 306 31.89 7.12 -9.79
N MET G 307 32.81 7.29 -10.75
CA MET G 307 33.97 8.14 -10.51
C MET G 307 33.60 9.61 -10.44
N ARG G 308 32.62 10.03 -11.23
CA ARG G 308 32.15 11.41 -11.13
C ARG G 308 31.71 11.75 -9.70
N GLU G 309 30.90 10.88 -9.10
CA GLU G 309 30.50 11.16 -7.72
C GLU G 309 31.70 11.05 -6.78
N LEU G 310 32.70 10.27 -7.17
CA LEU G 310 33.86 10.14 -6.32
C LEU G 310 34.76 11.36 -6.43
N SER G 311 34.96 11.86 -7.67
CA SER G 311 35.74 13.07 -7.88
C SER G 311 35.13 14.23 -7.10
N TRP G 312 33.80 14.28 -6.98
CA TRP G 312 33.15 15.24 -6.10
C TRP G 312 33.64 15.09 -4.67
N HIS G 313 33.74 13.85 -4.17
CA HIS G 313 34.19 13.67 -2.80
C HIS G 313 35.68 13.92 -2.65
N LEU G 314 36.48 13.47 -3.61
CA LEU G 314 37.91 13.75 -3.53
C LEU G 314 38.22 15.24 -3.60
N PHE G 315 37.24 16.07 -4.00
CA PHE G 315 37.41 17.51 -3.98
C PHE G 315 37.43 18.08 -2.55
N THR G 316 36.60 17.53 -1.64
CA THR G 316 36.64 17.77 -0.20
C THR G 316 38.05 17.83 0.37
N TRP G 317 38.96 17.01 -0.17
CA TRP G 317 40.25 16.78 0.44
C TRP G 317 41.34 17.73 -0.06
N GLY G 318 41.16 18.33 -1.22
CA GLY G 318 42.13 19.29 -1.72
C GLY G 318 43.49 18.67 -1.91
N ASP G 319 44.53 19.33 -1.38
CA ASP G 319 45.90 18.87 -1.56
C ASP G 319 46.16 17.54 -0.88
N ALA G 320 45.33 17.15 0.09
CA ALA G 320 45.59 16.03 0.98
C ALA G 320 45.34 14.65 0.37
N VAL G 321 44.83 14.55 -0.85
CA VAL G 321 44.53 13.24 -1.44
C VAL G 321 45.28 13.10 -2.76
N GLU G 322 45.83 11.92 -2.97
CA GLU G 322 46.53 11.57 -4.21
C GLU G 322 45.75 10.44 -4.88
N ILE G 323 45.36 10.63 -6.14
CA ILE G 323 44.68 9.60 -6.91
C ILE G 323 45.76 8.73 -7.56
N VAL G 324 45.94 7.52 -7.04
CA VAL G 324 46.96 6.61 -7.53
C VAL G 324 46.45 5.75 -8.68
N ALA G 325 45.19 5.32 -8.59
CA ALA G 325 44.55 4.52 -9.63
C ALA G 325 43.06 4.42 -9.33
N PRO G 326 42.23 4.24 -10.37
CA PRO G 326 42.56 4.00 -11.77
C PRO G 326 42.84 5.26 -12.59
N GLN G 327 43.37 5.10 -13.81
CA GLN G 327 43.60 6.24 -14.69
C GLN G 327 42.31 7.01 -14.96
N VAL G 328 41.24 6.30 -15.30
CA VAL G 328 39.98 6.95 -15.63
C VAL G 328 39.36 7.69 -14.45
N LEU G 329 39.91 7.51 -13.24
CA LEU G 329 39.54 8.40 -12.13
C LEU G 329 40.23 9.74 -12.25
N LYS G 330 41.54 9.75 -12.47
CA LYS G 330 42.26 11.01 -12.59
C LYS G 330 41.73 11.81 -13.78
N ASP G 331 41.34 11.12 -14.85
CA ASP G 331 40.74 11.79 -16.01
C ASP G 331 39.44 12.48 -15.62
N MET G 332 38.48 11.72 -15.06
CA MET G 332 37.25 12.31 -14.54
C MET G 332 37.55 13.44 -13.55
N MET G 333 38.57 13.26 -12.71
CA MET G 333 38.89 14.31 -11.74
C MET G 333 39.41 15.55 -12.46
N VAL G 334 40.46 15.41 -13.28
CA VAL G 334 41.00 16.58 -13.95
C VAL G 334 40.04 17.12 -15.01
N GLN G 335 39.10 16.32 -15.52
CA GLN G 335 38.09 16.89 -16.40
C GLN G 335 37.28 17.97 -15.68
N GLU G 336 36.65 17.60 -14.56
CA GLU G 336 35.70 18.49 -13.91
C GLU G 336 36.35 19.63 -13.15
N LEU G 337 37.59 19.45 -12.70
CA LEU G 337 38.32 20.58 -12.14
C LEU G 337 38.48 21.69 -13.17
N ARG G 338 38.73 21.35 -14.43
CA ARG G 338 38.75 22.41 -15.44
C ARG G 338 37.36 22.87 -15.82
N GLU G 339 36.43 21.92 -15.97
CA GLU G 339 35.07 22.31 -16.31
C GLU G 339 34.51 23.29 -15.30
N ALA G 340 34.90 23.15 -14.02
CA ALA G 340 34.46 24.06 -12.96
C ALA G 340 35.41 25.21 -12.74
N GLY G 341 36.70 25.02 -12.99
CA GLY G 341 37.68 26.07 -12.82
C GLY G 341 37.60 27.15 -13.88
N ARG G 342 37.02 26.84 -15.04
CA ARG G 342 36.79 27.88 -16.05
C ARG G 342 35.44 28.55 -15.85
N ALA G 343 34.40 27.79 -15.52
CA ALA G 343 33.11 28.38 -15.20
C ALA G 343 33.23 29.44 -14.10
N HIS G 344 34.06 29.17 -13.11
CA HIS G 344 34.27 30.09 -12.00
C HIS G 344 35.62 30.76 -12.07
N GLY G 345 36.21 30.87 -13.26
CA GLY G 345 37.46 31.57 -13.41
C GLY G 345 38.57 31.20 -12.45
N ALA G 346 39.07 29.97 -12.54
CA ALA G 346 40.29 29.58 -11.84
C ALA G 346 41.50 29.56 -12.75
N TRP G 347 41.29 29.37 -14.07
CA TRP G 347 42.35 29.32 -15.05
C TRP G 347 41.83 29.81 -16.40
N HIS H 20 16.23 -16.03 50.02
CA HIS H 20 15.88 -17.30 49.41
C HIS H 20 15.79 -17.16 47.89
N MET H 21 15.49 -15.95 47.43
CA MET H 21 15.28 -15.75 46.00
C MET H 21 16.61 -15.66 45.25
N ARG H 22 17.38 -14.62 45.55
CA ARG H 22 18.81 -14.54 45.26
C ARG H 22 19.23 -15.24 43.96
N HIS H 23 18.73 -14.75 42.81
CA HIS H 23 19.37 -15.17 41.58
C HIS H 23 20.35 -14.09 41.11
N GLU H 24 21.12 -14.42 40.08
CA GLU H 24 22.35 -13.75 39.69
C GLU H 24 22.11 -12.29 39.32
N LYS H 25 23.19 -11.51 39.31
CA LYS H 25 23.09 -10.06 39.12
C LYS H 25 22.33 -9.71 37.84
N ALA H 26 22.49 -10.52 36.79
CA ALA H 26 21.85 -10.20 35.51
C ALA H 26 20.33 -10.38 35.56
N THR H 27 19.87 -11.45 36.20
CA THR H 27 18.43 -11.70 36.22
C THR H 27 17.72 -10.92 37.32
N ARG H 28 18.43 -10.63 38.43
CA ARG H 28 17.89 -9.78 39.50
C ARG H 28 17.33 -8.46 38.97
N LEU H 29 17.98 -7.85 37.98
CA LEU H 29 17.46 -6.61 37.42
C LEU H 29 16.00 -6.76 36.98
N LEU H 30 15.70 -7.80 36.20
CA LEU H 30 14.32 -7.99 35.80
C LEU H 30 13.42 -8.30 37.00
N ASP H 31 13.90 -9.10 37.94
CA ASP H 31 13.08 -9.42 39.10
C ASP H 31 12.58 -8.15 39.78
N LEU H 32 13.45 -7.15 39.91
CA LEU H 32 13.11 -5.97 40.68
C LEU H 32 12.29 -4.98 39.87
N ALA H 33 12.51 -4.91 38.55
CA ALA H 33 11.59 -4.14 37.71
C ALA H 33 10.17 -4.67 37.83
N ARG H 34 10.01 -6.01 37.83
CA ARG H 34 8.70 -6.62 37.97
C ARG H 34 8.07 -6.26 39.30
N MET H 35 8.85 -6.38 40.36
CA MET H 35 8.41 -6.01 41.69
C MET H 35 7.94 -4.57 41.74
N LEU H 36 8.72 -3.66 41.14
CA LEU H 36 8.44 -2.24 41.34
C LEU H 36 7.29 -1.79 40.48
N ALA H 37 7.12 -2.42 39.33
CA ALA H 37 5.96 -2.22 38.46
C ALA H 37 4.70 -2.88 39.01
N GLY H 38 4.87 -3.97 39.75
CA GLY H 38 3.75 -4.64 40.35
C GLY H 38 3.35 -4.11 41.68
N SER H 39 4.17 -3.23 42.27
CA SER H 39 3.84 -2.60 43.53
C SER H 39 2.95 -1.39 43.29
N ALA H 40 1.80 -1.37 43.96
CA ALA H 40 0.85 -0.28 43.79
C ALA H 40 1.35 1.01 44.42
N GLU H 41 1.93 0.94 45.61
CA GLU H 41 2.27 2.12 46.38
C GLU H 41 3.77 2.30 46.57
N GLY H 42 4.58 1.38 46.07
CA GLY H 42 6.03 1.50 46.09
C GLY H 42 6.68 0.54 47.07
N LEU H 43 7.95 0.21 46.80
CA LEU H 43 8.80 -0.52 47.71
C LEU H 43 9.86 0.40 48.28
N THR H 44 10.13 0.26 49.57
CA THR H 44 11.29 0.88 50.17
C THR H 44 12.56 0.12 49.83
N LEU H 45 13.71 0.76 50.09
CA LEU H 45 15.00 0.10 49.94
C LEU H 45 15.13 -1.15 50.82
N ASP H 46 14.49 -1.16 51.99
CA ASP H 46 14.56 -2.36 52.81
C ASP H 46 13.64 -3.45 52.29
N GLU H 47 12.45 -3.07 51.85
CA GLU H 47 11.58 -4.04 51.21
C GLU H 47 12.26 -4.65 50.00
N MET H 48 12.97 -3.82 49.21
CA MET H 48 13.60 -4.34 48.01
C MET H 48 14.71 -5.32 48.35
N ALA H 49 15.50 -4.97 49.38
CA ALA H 49 16.56 -5.87 49.80
C ALA H 49 15.99 -7.16 50.34
N ALA H 50 14.90 -7.08 51.11
CA ALA H 50 14.28 -8.28 51.68
C ALA H 50 13.77 -9.20 50.58
N ALA H 51 13.01 -8.65 49.63
CA ALA H 51 12.42 -9.46 48.58
C ALA H 51 13.49 -10.07 47.67
N LEU H 52 14.47 -9.26 47.27
CA LEU H 52 15.57 -9.76 46.43
C LEU H 52 16.57 -10.61 47.20
N GLY H 53 16.44 -10.69 48.52
CA GLY H 53 17.42 -11.30 49.39
C GLY H 53 18.86 -10.87 49.17
N VAL H 54 19.20 -9.58 49.29
CA VAL H 54 20.56 -9.17 48.97
C VAL H 54 21.26 -8.34 50.05
N GLY H 55 20.62 -7.30 50.55
CA GLY H 55 21.49 -6.45 51.39
C GLY H 55 21.43 -5.01 50.93
N ARG H 56 21.12 -4.11 51.88
CA ARG H 56 20.68 -2.76 51.51
C ARG H 56 21.60 -2.14 50.47
N ARG H 57 22.92 -2.16 50.73
CA ARG H 57 23.84 -1.50 49.81
C ARG H 57 23.67 -2.03 48.40
N THR H 58 23.71 -3.35 48.25
CA THR H 58 23.61 -3.89 46.90
C THR H 58 22.20 -3.75 46.33
N ALA H 59 21.17 -3.77 47.18
CA ALA H 59 19.82 -3.45 46.71
C ALA H 59 19.75 -2.04 46.17
N GLU H 60 20.36 -1.10 46.89
CA GLU H 60 20.44 0.28 46.40
C GLU H 60 21.04 0.30 45.00
N ARG H 61 22.15 -0.43 44.80
CA ARG H 61 22.80 -0.45 43.48
C ARG H 61 21.87 -0.96 42.39
N MET H 62 21.04 -1.95 42.72
CA MET H 62 20.06 -2.46 41.78
C MET H 62 18.90 -1.50 41.57
N ARG H 63 18.50 -0.77 42.60
CA ARG H 63 17.53 0.30 42.37
C ARG H 63 18.09 1.29 41.34
N ASP H 64 19.33 1.73 41.52
CA ASP H 64 20.04 2.55 40.54
C ASP H 64 19.86 2.02 39.12
N ALA H 65 20.29 0.78 38.88
CA ALA H 65 20.27 0.22 37.53
C ALA H 65 18.85 0.11 36.97
N VAL H 66 17.88 -0.21 37.82
CA VAL H 66 16.50 -0.29 37.35
C VAL H 66 16.02 1.10 36.91
N TRP H 67 16.39 2.16 37.63
CA TRP H 67 15.99 3.50 37.18
C TRP H 67 16.61 3.88 35.84
N ALA H 68 17.85 3.42 35.61
CA ALA H 68 18.51 3.69 34.34
C ALA H 68 17.76 3.05 33.18
N ALA H 69 17.38 1.78 33.31
CA ALA H 69 16.72 1.06 32.24
C ALA H 69 15.23 1.35 32.13
N PHE H 70 14.64 1.93 33.17
CA PHE H 70 13.21 2.21 33.21
C PHE H 70 13.00 3.61 33.77
N PRO H 71 13.36 4.65 33.00
CA PRO H 71 13.28 6.02 33.54
C PRO H 71 11.86 6.44 33.87
N GLN H 72 10.90 5.58 33.55
CA GLN H 72 9.55 5.81 34.03
C GLN H 72 9.40 5.53 35.51
N MET H 73 10.45 5.07 36.19
CA MET H 73 10.38 4.82 37.63
C MET H 73 10.21 6.12 38.39
N GLU H 74 9.30 6.14 39.34
CA GLU H 74 9.05 7.30 40.19
C GLU H 74 9.52 6.98 41.61
N ALA H 75 9.36 7.95 42.51
CA ALA H 75 9.80 7.80 43.90
C ALA H 75 8.91 8.65 44.80
N ILE H 76 8.04 8.03 45.59
CA ILE H 76 7.19 8.74 46.53
C ILE H 76 7.90 8.89 47.88
N ASP H 77 8.08 10.13 48.33
CA ASP H 77 8.59 10.37 49.67
C ASP H 77 7.44 10.24 50.68
N ASP H 78 7.71 9.53 51.77
CA ASP H 78 6.79 9.51 52.91
C ASP H 78 7.66 9.55 54.16
N PRO H 79 8.05 10.76 54.58
CA PRO H 79 9.16 10.91 55.52
C PRO H 79 8.97 10.08 56.77
N PRO H 80 10.07 9.55 57.34
CA PRO H 80 11.45 9.75 56.87
C PRO H 80 11.89 8.96 55.65
N THR H 81 11.17 7.92 55.22
CA THR H 81 11.63 7.03 54.16
C THR H 81 11.00 7.41 52.81
N LYS H 82 11.32 6.61 51.79
CA LYS H 82 10.70 6.76 50.47
C LYS H 82 10.57 5.40 49.79
N ARG H 83 9.51 5.28 48.98
CA ARG H 83 9.15 4.06 48.27
C ARG H 83 9.35 4.28 46.78
N PHE H 84 9.53 3.19 46.04
CA PHE H 84 9.83 3.30 44.61
C PHE H 84 8.91 2.37 43.83
N ARG H 85 8.60 2.79 42.59
CA ARG H 85 7.54 2.18 41.82
C ARG H 85 7.74 2.50 40.35
N ILE H 86 7.47 1.53 39.48
CA ILE H 86 7.39 1.75 38.04
C ILE H 86 5.90 1.82 37.67
N PRO H 87 5.41 2.97 37.28
CA PRO H 87 3.96 3.13 37.03
C PRO H 87 3.50 2.49 35.75
N SER H 88 2.24 2.82 35.42
CA SER H 88 1.41 2.22 34.38
C SER H 88 2.16 1.82 33.12
N GLY H 89 2.70 2.78 32.38
CA GLY H 89 3.42 2.44 31.17
C GLY H 89 2.53 2.10 29.99
N LEU H 90 3.04 1.21 29.13
CA LEU H 90 2.38 0.85 27.88
C LEU H 90 1.19 -0.07 28.13
N ASP H 91 -0.01 0.52 28.18
CA ASP H 91 -1.24 -0.28 28.21
C ASP H 91 -1.59 -0.78 26.79
N PHE H 94 -2.73 -3.14 21.98
CA PHE H 94 -1.88 -2.24 21.20
C PHE H 94 -2.64 -1.59 20.02
N GLN H 95 -1.99 -1.48 18.85
CA GLN H 95 -2.63 -0.95 17.65
C GLN H 95 -2.13 -1.56 16.34
N THR H 96 -1.30 -2.60 16.40
CA THR H 96 -0.82 -3.43 15.28
C THR H 96 -0.47 -2.61 14.04
N PRO H 97 0.68 -1.93 14.05
CA PRO H 97 1.03 -0.99 12.95
C PRO H 97 1.31 -1.71 11.64
N THR H 98 1.33 -0.93 10.56
CA THR H 98 1.32 -1.49 9.20
C THR H 98 2.68 -2.09 8.85
N ALA H 99 2.72 -2.77 7.71
CA ALA H 99 3.95 -3.49 7.34
C ALA H 99 5.04 -2.55 6.87
N GLU H 100 4.67 -1.44 6.21
CA GLU H 100 5.71 -0.53 5.78
C GLU H 100 6.18 0.35 6.94
N GLU H 101 5.30 0.61 7.91
CA GLU H 101 5.71 1.31 9.12
C GLU H 101 6.78 0.51 9.86
N LEU H 102 6.49 -0.77 10.12
CA LEU H 102 7.51 -1.67 10.66
C LEU H 102 8.73 -1.68 9.77
N ALA H 103 8.53 -1.80 8.45
CA ALA H 103 9.68 -1.93 7.56
C ALA H 103 10.47 -0.64 7.52
N ALA H 104 9.78 0.50 7.58
CA ALA H 104 10.46 1.80 7.64
C ALA H 104 11.39 1.87 8.85
N LEU H 105 10.91 1.43 10.02
CA LEU H 105 11.75 1.46 11.24
C LEU H 105 13.04 0.65 11.05
N ARG H 106 12.93 -0.59 10.58
CA ARG H 106 14.12 -1.42 10.52
C ARG H 106 15.12 -0.88 9.52
N VAL H 107 14.64 -0.35 8.38
CA VAL H 107 15.57 0.19 7.38
C VAL H 107 16.33 1.37 7.97
N ALA H 108 15.60 2.29 8.60
CA ALA H 108 16.20 3.41 9.30
C ALA H 108 17.33 2.95 10.23
N ALA H 109 17.03 2.00 11.12
CA ALA H 109 18.06 1.51 12.01
C ALA H 109 19.15 0.81 11.24
N ASP H 110 18.79 0.04 10.23
CA ASP H 110 19.79 -0.70 9.45
C ASP H 110 20.81 0.25 8.88
N SER H 111 20.35 1.37 8.34
CA SER H 111 21.28 2.31 7.71
C SER H 111 22.15 2.97 8.75
N LEU H 112 21.52 3.45 9.83
CA LEU H 112 22.25 4.00 10.96
C LEU H 112 23.40 3.08 11.43
N ARG H 113 23.07 1.79 11.66
CA ARG H 113 24.08 0.83 12.11
C ARG H 113 25.24 0.78 11.14
N ALA H 114 24.92 0.76 9.83
CA ALA H 114 25.91 0.73 8.77
C ALA H 114 26.69 2.03 8.64
N SER H 115 26.12 3.15 9.08
CA SER H 115 26.87 4.40 9.09
C SER H 115 27.84 4.49 10.25
N GLY H 116 27.58 3.77 11.33
CA GLY H 116 28.38 3.90 12.53
C GLY H 116 27.60 4.51 13.67
N ALA H 117 26.38 4.96 13.40
CA ALA H 117 25.54 5.65 14.37
C ALA H 117 24.86 4.63 15.29
N ASP H 118 25.71 3.91 16.02
CA ASP H 118 25.27 2.79 16.85
C ASP H 118 24.27 3.24 17.93
N ALA H 119 24.56 4.35 18.61
CA ALA H 119 23.68 4.78 19.68
C ALA H 119 22.26 5.00 19.15
N ARG H 120 22.15 5.63 17.99
CA ARG H 120 20.84 5.91 17.43
C ARG H 120 20.21 4.64 16.92
N ALA H 121 21.03 3.74 16.37
CA ALA H 121 20.57 2.42 15.98
C ALA H 121 20.03 1.65 17.19
N SER H 122 20.83 1.57 18.26
CA SER H 122 20.43 0.79 19.43
C SER H 122 19.03 1.17 19.88
N SER H 123 18.72 2.46 19.84
CA SER H 123 17.43 2.98 20.29
C SER H 123 16.29 2.53 19.41
N LEU H 124 16.49 2.61 18.08
CA LEU H 124 15.45 2.22 17.16
C LEU H 124 15.29 0.69 17.12
N TYR H 125 16.40 -0.05 17.16
CA TYR H 125 16.35 -1.49 17.36
C TYR H 125 15.60 -1.82 18.65
N ALA H 126 16.08 -1.27 19.77
CA ALA H 126 15.34 -1.42 21.03
C ALA H 126 13.87 -1.09 20.83
N LEU H 127 13.57 0.04 20.21
CA LEU H 127 12.18 0.42 19.98
C LEU H 127 11.46 -0.62 19.17
N GLU H 128 12.16 -1.26 18.22
CA GLU H 128 11.53 -2.30 17.41
C GLU H 128 11.26 -3.54 18.27
N ALA H 129 12.29 -4.00 18.97
CA ALA H 129 12.15 -5.17 19.83
C ALA H 129 10.97 -4.98 20.78
N LYS H 130 10.86 -3.79 21.35
CA LYS H 130 9.77 -3.49 22.25
C LYS H 130 8.43 -3.55 21.52
N LEU H 131 8.38 -2.93 20.34
CA LEU H 131 7.15 -2.87 19.57
C LEU H 131 6.66 -4.25 19.17
N LEU H 132 7.53 -5.04 18.53
CA LEU H 132 7.10 -6.35 18.04
C LEU H 132 6.58 -7.21 19.17
N SER H 133 7.31 -7.26 20.29
CA SER H 133 6.87 -8.06 21.42
C SER H 133 5.54 -7.57 21.98
N ALA H 134 5.22 -6.30 21.76
CA ALA H 134 3.91 -5.80 22.17
C ALA H 134 2.80 -6.13 21.19
N LEU H 135 3.06 -6.83 20.09
CA LEU H 135 2.00 -7.14 19.14
C LEU H 135 1.23 -8.37 19.58
N ARG H 136 -0.04 -8.42 19.20
CA ARG H 136 -0.75 -9.69 19.31
C ARG H 136 0.03 -10.67 18.43
N GLY H 137 0.61 -11.70 19.07
CA GLY H 137 1.55 -12.57 18.37
C GLY H 137 1.01 -13.13 17.06
N SER H 138 -0.29 -13.45 17.03
CA SER H 138 -0.93 -13.87 15.79
C SER H 138 -0.59 -12.91 14.66
N ALA H 139 -0.70 -11.60 14.94
CA ALA H 139 -0.35 -10.58 13.96
C ALA H 139 1.15 -10.38 13.84
N ARG H 140 1.90 -10.66 14.91
CA ARG H 140 3.36 -10.53 14.85
C ARG H 140 3.94 -11.47 13.80
N ARG H 141 3.46 -12.69 13.74
CA ARG H 141 3.96 -13.64 12.75
C ARG H 141 3.24 -13.53 11.41
N ARG H 142 2.11 -12.81 11.37
CA ARG H 142 1.40 -12.52 10.13
C ARG H 142 2.14 -11.48 9.32
N VAL H 143 2.44 -10.33 9.93
CA VAL H 143 3.12 -9.25 9.24
C VAL H 143 4.62 -9.47 9.14
N ALA H 144 5.15 -10.57 9.64
CA ALA H 144 6.60 -10.69 9.70
C ALA H 144 7.20 -10.87 8.31
N PRO H 145 6.73 -11.80 7.46
CA PRO H 145 7.30 -11.87 6.11
C PRO H 145 6.99 -10.63 5.27
N ASP H 146 5.82 -10.01 5.45
CA ASP H 146 5.55 -8.72 4.82
C ASP H 146 6.70 -7.76 5.08
N VAL H 147 7.14 -7.65 6.33
CA VAL H 147 8.16 -6.67 6.66
C VAL H 147 9.48 -7.05 6.02
N GLU H 148 9.94 -8.29 6.22
CA GLU H 148 11.27 -8.60 5.74
C GLU H 148 11.34 -8.69 4.22
N ALA H 149 10.21 -8.90 3.56
CA ALA H 149 10.15 -8.64 2.13
C ALA H 149 10.50 -7.19 1.85
N LEU H 150 9.80 -6.26 2.50
CA LEU H 150 9.99 -4.84 2.18
C LEU H 150 11.39 -4.35 2.53
N VAL H 151 12.01 -4.92 3.58
CA VAL H 151 13.35 -4.46 3.97
C VAL H 151 14.41 -4.97 2.98
N GLN H 152 14.24 -6.15 2.40
CA GLN H 152 15.22 -6.63 1.42
C GLN H 152 15.10 -5.90 0.09
N ALA H 153 14.03 -5.14 -0.11
CA ALA H 153 13.76 -4.42 -1.34
C ALA H 153 13.82 -2.91 -1.13
N GLU H 154 14.63 -2.48 -0.16
CA GLU H 154 14.69 -1.09 0.27
C GLU H 154 16.00 -0.89 1.05
N THR H 155 16.82 0.06 0.63
CA THR H 155 17.99 0.43 1.42
C THR H 155 18.35 1.88 1.14
N ILE H 156 19.25 2.41 1.95
CA ILE H 156 19.55 3.83 2.00
C ILE H 156 21.01 4.01 1.64
N ALA H 157 21.26 4.84 0.63
CA ALA H 157 22.62 5.07 0.15
C ALA H 157 23.39 5.90 1.18
N VAL H 158 24.54 5.38 1.59
CA VAL H 158 25.29 5.92 2.71
C VAL H 158 26.33 6.88 2.12
N HIS H 159 26.07 8.18 2.26
CA HIS H 159 26.98 9.17 1.71
C HIS H 159 28.37 8.99 2.31
N ALA H 160 29.40 9.17 1.49
CA ALA H 160 30.76 9.03 1.99
C ALA H 160 31.04 10.15 2.97
N GLY H 161 31.96 9.91 3.91
CA GLY H 161 32.29 10.89 4.92
C GLY H 161 32.77 10.28 6.23
N PRO H 162 32.89 11.09 7.27
CA PRO H 162 33.47 10.57 8.51
C PRO H 162 32.52 9.60 9.19
N ARG H 163 33.13 8.59 9.80
CA ARG H 163 32.38 7.72 10.67
C ARG H 163 31.96 8.54 11.90
N PRO H 164 30.68 8.48 12.30
CA PRO H 164 30.24 9.26 13.45
C PRO H 164 30.59 8.58 14.76
N TYR H 165 31.28 9.29 15.64
CA TYR H 165 31.45 8.82 17.01
C TYR H 165 30.14 8.94 17.74
N GLU H 166 29.70 7.82 18.33
CA GLU H 166 28.42 7.83 19.04
C GLU H 166 28.47 7.05 20.35
N ASP H 167 29.64 6.98 20.98
CA ASP H 167 29.75 6.27 22.24
C ASP H 167 28.75 6.79 23.25
N GLN H 168 27.79 5.94 23.65
CA GLN H 168 26.71 6.39 24.54
C GLN H 168 27.20 6.64 25.97
N ALA H 169 28.46 6.34 26.29
CA ALA H 169 28.95 6.79 27.59
C ALA H 169 28.99 8.32 27.67
N VAL H 170 29.40 8.97 26.56
CA VAL H 170 29.44 10.43 26.52
C VAL H 170 28.09 11.01 26.13
N LEU H 171 27.42 10.43 25.11
CA LEU H 171 26.09 10.91 24.77
C LEU H 171 25.15 10.83 25.95
N GLY H 172 25.42 9.91 26.87
CA GLY H 172 24.59 9.81 28.06
C GLY H 172 24.88 10.93 29.05
N ALA H 173 26.17 11.21 29.27
CA ALA H 173 26.56 12.35 30.10
C ALA H 173 26.00 13.64 29.55
N ILE H 174 26.16 13.85 28.24
CA ILE H 174 25.62 15.04 27.59
C ILE H 174 24.12 15.13 27.83
N ARG H 175 23.39 14.07 27.46
CA ARG H 175 21.94 14.12 27.62
C ARG H 175 21.56 14.24 29.08
N ALA H 176 22.38 13.65 29.96
CA ALA H 176 22.17 13.80 31.39
C ALA H 176 22.24 15.26 31.82
N ALA H 177 23.31 15.95 31.41
CA ALA H 177 23.52 17.33 31.82
C ALA H 177 22.43 18.24 31.27
N ILE H 178 22.14 18.11 29.97
CA ILE H 178 21.01 18.82 29.38
C ILE H 178 19.75 18.60 30.20
N LYS H 179 19.54 17.35 30.67
CA LYS H 179 18.31 16.99 31.36
C LYS H 179 18.15 17.73 32.68
N GLY H 180 19.22 17.85 33.45
CA GLY H 180 19.14 18.49 34.74
C GLY H 180 19.44 19.97 34.76
N LEU H 181 19.67 20.59 33.60
CA LEU H 181 20.26 21.94 33.54
C LEU H 181 21.61 21.97 34.25
N GLN H 182 22.31 20.84 34.26
CA GLN H 182 23.60 20.78 34.92
C GLN H 182 24.73 21.12 33.94
N ALA H 183 25.91 21.30 34.50
CA ALA H 183 27.09 21.71 33.76
C ALA H 183 27.90 20.46 33.41
N LEU H 184 28.20 20.30 32.13
CA LEU H 184 29.02 19.21 31.65
C LEU H 184 30.48 19.64 31.60
N SER H 185 31.39 18.72 31.91
CA SER H 185 32.83 18.97 31.79
C SER H 185 33.48 17.76 31.13
N PHE H 186 34.65 17.98 30.52
CA PHE H 186 35.32 16.95 29.72
C PHE H 186 36.71 17.42 29.28
N ARG H 187 37.58 16.45 28.97
CA ARG H 187 38.88 16.77 28.38
C ARG H 187 38.76 16.67 26.86
N TYR H 188 39.15 17.73 26.16
CA TYR H 188 39.05 17.82 24.72
C TYR H 188 40.43 17.68 24.09
N GLU H 189 40.51 16.96 22.96
CA GLU H 189 41.77 16.76 22.25
C GLU H 189 41.78 17.44 20.89
N GLY H 190 41.19 18.63 20.81
CA GLY H 190 41.29 19.50 19.66
C GLY H 190 41.34 20.93 20.12
N GLY H 191 41.26 21.85 19.18
CA GLY H 191 41.43 23.23 19.56
C GLY H 191 42.90 23.51 19.86
N SER H 192 43.12 24.75 20.33
CA SER H 192 44.50 25.19 20.55
C SER H 192 45.11 24.55 21.80
N THR H 193 44.30 24.22 22.82
CA THR H 193 44.84 23.56 24.00
C THR H 193 44.31 22.13 24.14
N PRO H 194 44.87 21.17 23.39
CA PRO H 194 44.44 19.78 23.54
C PRO H 194 44.88 19.20 24.87
N GLY H 195 44.15 18.17 25.31
CA GLY H 195 44.34 17.60 26.62
C GLY H 195 43.61 18.33 27.72
N ARG H 196 43.47 19.65 27.61
CA ARG H 196 42.94 20.46 28.70
C ARG H 196 41.50 20.09 29.00
N THR H 197 41.19 19.96 30.29
CA THR H 197 39.83 19.68 30.74
C THR H 197 39.00 20.97 30.75
N ARG H 198 37.80 20.91 30.18
CA ARG H 198 36.99 22.09 29.92
C ARG H 198 35.60 21.91 30.50
N GLU H 199 35.01 23.03 30.94
CA GLU H 199 33.65 23.03 31.46
C GLU H 199 32.73 23.86 30.60
N VAL H 200 31.49 23.39 30.41
CA VAL H 200 30.58 24.01 29.45
C VAL H 200 29.14 24.00 29.97
N THR H 201 28.31 24.82 29.33
CA THR H 201 26.87 24.62 29.41
C THR H 201 26.47 23.83 28.18
N PRO H 202 26.06 22.58 28.31
CA PRO H 202 25.68 21.83 27.12
C PRO H 202 24.34 22.33 26.62
N LEU H 203 24.22 22.45 25.31
CA LEU H 203 23.05 23.01 24.67
C LEU H 203 22.29 21.98 23.86
N GLY H 204 23.00 21.14 23.16
CA GLY H 204 22.33 20.14 22.35
C GLY H 204 23.35 19.25 21.68
N VAL H 205 22.84 18.33 20.90
CA VAL H 205 23.70 17.48 20.09
C VAL H 205 23.31 17.65 18.64
N LEU H 206 24.30 17.90 17.79
CA LEU H 206 24.14 18.00 16.36
C LEU H 206 24.74 16.75 15.74
N PHE H 207 23.89 15.84 15.26
CA PHE H 207 24.30 14.64 14.55
C PHE H 207 24.52 14.99 13.08
N GLY H 208 25.69 14.65 12.56
CA GLY H 208 26.11 15.27 11.32
C GLY H 208 27.24 14.51 10.66
N ARG H 209 28.22 15.25 10.12
CA ARG H 209 29.31 14.60 9.42
C ARG H 209 29.96 13.64 10.41
N SER H 210 30.68 14.16 11.37
CA SER H 210 30.84 13.44 12.63
C SER H 210 29.72 13.97 13.54
N ASN H 211 29.78 13.73 14.84
CA ASN H 211 28.76 14.30 15.72
C ASN H 211 29.36 15.40 16.60
N TYR H 212 28.51 16.35 16.99
CA TYR H 212 29.01 17.53 17.70
C TYR H 212 28.22 17.79 18.96
N LEU H 213 28.91 18.27 19.97
CA LEU H 213 28.27 18.88 21.12
C LEU H 213 28.24 20.40 20.92
N VAL H 214 27.04 20.96 20.87
CA VAL H 214 26.86 22.41 20.90
C VAL H 214 26.83 22.86 22.37
N ALA H 215 27.81 23.67 22.77
CA ALA H 215 27.95 24.04 24.19
C ALA H 215 28.65 25.39 24.33
N LEU H 216 28.28 26.10 25.41
CA LEU H 216 28.85 27.39 25.83
C LEU H 216 29.96 27.16 26.84
N GLU H 217 31.12 27.76 26.61
CA GLU H 217 32.24 27.70 27.55
C GLU H 217 32.51 29.08 28.09
N GLY H 218 32.60 29.18 29.43
CA GLY H 218 33.12 30.36 30.07
C GLY H 218 32.22 31.58 29.96
N LYS H 219 32.80 32.71 30.36
CA LYS H 219 32.04 33.95 30.48
C LYS H 219 31.58 34.45 29.11
N GLY H 220 30.34 34.94 29.06
CA GLY H 220 29.79 35.64 27.92
C GLY H 220 29.87 34.95 26.57
N GLY H 221 30.36 33.72 26.54
CA GLY H 221 30.68 33.05 25.29
C GLY H 221 29.48 32.89 24.35
N LYS H 222 29.82 32.42 23.16
CA LYS H 222 28.93 32.06 22.07
C LYS H 222 29.00 30.55 21.86
N PRO H 223 27.94 29.93 21.36
CA PRO H 223 27.92 28.47 21.30
C PRO H 223 28.95 27.97 20.31
N ARG H 224 29.81 27.08 20.78
CA ARG H 224 30.80 26.41 19.95
C ARG H 224 30.42 24.95 19.84
N SER H 225 30.74 24.36 18.69
CA SER H 225 30.44 22.96 18.47
C SER H 225 31.72 22.15 18.70
N TRP H 226 31.58 21.07 19.46
CA TRP H 226 32.71 20.25 19.90
C TRP H 226 32.53 18.85 19.32
N ARG H 227 33.60 18.32 18.74
CA ARG H 227 33.53 16.99 18.15
C ARG H 227 33.47 15.94 19.26
N LEU H 228 32.44 15.09 19.22
CA LEU H 228 32.33 14.01 20.20
C LEU H 228 33.55 13.11 20.18
N ASP H 229 34.15 12.91 19.01
CA ASP H 229 35.33 12.03 18.93
C ASP H 229 36.59 12.69 19.42
N ARG H 230 36.49 13.87 20.03
CA ARG H 230 37.62 14.46 20.74
C ARG H 230 37.34 14.61 22.23
N MET H 231 36.12 14.24 22.65
CA MET H 231 35.69 14.36 24.03
C MET H 231 36.01 13.08 24.79
N SER H 232 36.51 13.25 26.01
CA SER H 232 36.96 12.16 26.86
C SER H 232 36.69 12.55 28.31
N ASP H 233 36.56 11.54 29.16
CA ASP H 233 36.48 11.76 30.61
C ASP H 233 35.34 12.72 30.95
N LEU H 234 34.19 12.55 30.29
CA LEU H 234 33.07 13.40 30.61
C LEU H 234 32.73 13.31 32.08
N LYS H 235 32.23 14.41 32.63
CA LYS H 235 31.77 14.46 34.01
C LYS H 235 30.54 15.36 33.99
N VAL H 236 29.45 14.95 34.63
CA VAL H 236 28.35 15.86 34.87
C VAL H 236 28.53 16.41 36.28
N LEU H 237 28.63 17.74 36.40
CA LEU H 237 28.95 18.43 37.64
C LEU H 237 27.68 18.77 38.42
N ASP H 238 27.82 18.92 39.74
CA ASP H 238 26.67 19.47 40.45
C ASP H 238 26.76 20.99 40.52
N LYS H 239 27.04 21.62 39.37
CA LYS H 239 26.94 23.04 39.19
C LYS H 239 25.78 23.28 38.23
N PRO H 240 24.78 24.09 38.59
CA PRO H 240 23.72 24.39 37.63
C PRO H 240 24.30 25.13 36.42
N ALA H 241 23.60 24.99 35.28
CA ALA H 241 24.06 25.56 34.01
C ALA H 241 22.89 25.78 33.06
N PRO H 242 21.98 26.68 33.42
CA PRO H 242 20.85 26.96 32.53
C PRO H 242 21.34 27.40 31.18
N PRO H 243 20.70 26.95 30.11
CA PRO H 243 21.01 27.48 28.79
C PRO H 243 20.37 28.85 28.65
N PRO H 244 20.70 29.60 27.60
CA PRO H 244 19.89 30.77 27.26
C PRO H 244 18.43 30.41 27.07
N GLN H 245 17.54 31.31 27.52
CA GLN H 245 16.10 31.09 27.36
C GLN H 245 15.68 31.26 25.91
N ASP H 246 16.49 31.93 25.11
CA ASP H 246 16.19 32.16 23.72
C ASP H 246 16.80 31.10 22.80
N PHE H 247 17.89 30.45 23.23
CA PHE H 247 18.71 29.65 22.34
C PHE H 247 17.92 28.51 21.71
N SER H 248 18.22 28.23 20.45
CA SER H 248 17.57 27.18 19.69
C SER H 248 18.64 26.44 18.89
N LEU H 249 18.79 25.13 19.17
CA LEU H 249 19.75 24.32 18.45
C LEU H 249 19.50 24.37 16.95
N GLN H 250 18.23 24.32 16.53
CA GLN H 250 17.93 24.34 15.10
C GLN H 250 18.36 25.67 14.48
N ALA H 251 18.05 26.78 15.16
CA ALA H 251 18.57 28.07 14.74
C ALA H 251 20.08 28.02 14.55
N PHE H 252 20.80 27.61 15.61
CA PHE H 252 22.25 27.56 15.55
C PHE H 252 22.73 26.61 14.47
N ALA H 253 21.98 25.54 14.22
CA ALA H 253 22.35 24.61 13.17
C ALA H 253 22.21 25.26 11.79
N ASP H 254 21.04 25.84 11.50
CA ASP H 254 20.85 26.46 10.19
C ASP H 254 21.70 27.72 9.99
N GLU H 255 22.53 28.11 10.95
CA GLU H 255 23.42 29.26 10.81
C GLU H 255 24.59 28.94 9.90
N SER H 256 24.59 27.77 9.26
CA SER H 256 25.71 27.29 8.45
C SER H 256 25.17 26.51 7.25
N PHE H 257 25.97 26.49 6.17
CA PHE H 257 25.56 25.68 5.03
C PHE H 257 25.62 24.20 5.35
N GLY H 258 26.71 23.79 5.99
CA GLY H 258 26.85 22.51 6.65
C GLY H 258 27.10 22.65 8.14
N ILE H 259 28.35 22.48 8.56
CA ILE H 259 28.70 22.34 9.97
C ILE H 259 29.45 23.56 10.49
N TYR H 260 30.38 24.08 9.70
CA TYR H 260 31.28 25.14 10.15
C TYR H 260 30.54 26.46 10.32
N HIS H 261 30.93 27.26 11.32
CA HIS H 261 30.22 28.47 11.65
C HIS H 261 31.07 29.69 11.30
N ASP H 262 30.60 30.45 10.31
CA ASP H 262 31.25 31.59 9.70
C ASP H 262 30.46 32.86 9.93
N GLU H 263 31.04 33.98 9.52
CA GLU H 263 30.24 35.18 9.35
C GLU H 263 29.13 34.85 8.36
N ILE H 264 27.86 34.89 8.79
CA ILE H 264 26.78 34.44 7.92
C ILE H 264 26.82 35.28 6.65
N GLN H 265 26.65 34.65 5.50
CA GLN H 265 26.74 35.35 4.22
C GLN H 265 25.39 35.41 3.52
N ASP H 266 25.13 36.54 2.88
CA ASP H 266 24.03 36.61 1.92
C ASP H 266 24.56 35.97 0.66
N VAL H 267 24.14 34.73 0.41
CA VAL H 267 24.66 33.93 -0.70
C VAL H 267 23.63 33.91 -1.79
N VAL H 268 24.04 34.27 -3.00
CA VAL H 268 23.16 34.29 -4.16
C VAL H 268 23.85 33.54 -5.31
N LEU H 269 23.11 32.63 -5.94
CA LEU H 269 23.70 31.83 -7.01
C LEU H 269 22.76 31.77 -8.21
N ARG H 270 23.33 31.92 -9.39
CA ARG H 270 22.60 31.72 -10.64
C ARG H 270 22.95 30.34 -11.20
N ILE H 271 21.93 29.53 -11.37
CA ILE H 271 22.07 28.20 -11.93
C ILE H 271 21.60 28.26 -13.39
N HIS H 272 22.52 27.99 -14.31
CA HIS H 272 22.25 27.89 -15.74
C HIS H 272 21.06 26.97 -16.07
N LYS H 273 20.47 27.14 -17.25
CA LYS H 273 19.09 26.71 -17.52
C LYS H 273 18.93 25.19 -17.53
N SER H 274 19.95 24.42 -17.90
CA SER H 274 19.71 23.01 -18.20
C SER H 274 19.66 22.15 -16.94
N ARG H 275 20.43 22.50 -15.91
CA ARG H 275 20.35 21.83 -14.62
C ARG H 275 19.42 22.58 -13.68
N ALA H 276 18.35 23.15 -14.26
CA ALA H 276 17.34 23.91 -13.54
C ALA H 276 16.24 23.02 -12.98
N GLU H 277 15.78 22.03 -13.77
CA GLU H 277 14.77 21.13 -13.25
C GLU H 277 15.28 20.40 -12.01
N ASP H 278 16.59 20.17 -11.94
CA ASP H 278 17.21 19.79 -10.68
C ASP H 278 17.17 20.96 -9.69
N ALA H 279 17.59 22.15 -10.14
CA ALA H 279 17.68 23.33 -9.27
C ALA H 279 16.39 23.59 -8.51
N LEU H 280 15.25 23.30 -9.12
CA LEU H 280 13.97 23.55 -8.48
C LEU H 280 13.48 22.38 -7.63
N ARG H 281 14.19 21.26 -7.60
CA ARG H 281 13.84 20.14 -6.72
C ARG H 281 15.06 19.78 -5.88
N TRP H 282 15.65 20.80 -5.27
CA TRP H 282 16.96 20.72 -4.63
C TRP H 282 16.95 21.49 -3.32
N ARG H 283 17.51 20.88 -2.26
CA ARG H 283 17.74 21.60 -1.01
C ARG H 283 19.15 22.17 -1.00
N PHE H 284 19.24 23.50 -0.90
CA PHE H 284 20.48 24.22 -0.72
C PHE H 284 20.71 24.63 0.72
N HIS H 285 19.63 24.87 1.45
CA HIS H 285 19.64 25.32 2.83
C HIS H 285 18.20 25.46 3.28
N ALA H 286 18.01 25.78 4.56
CA ALA H 286 16.66 26.00 5.06
C ALA H 286 16.16 27.41 4.76
N THR H 287 17.04 28.39 4.65
CA THR H 287 16.61 29.74 4.32
C THR H 287 16.67 29.98 2.81
N GLN H 288 16.08 29.09 2.02
CA GLN H 288 16.30 29.13 0.59
C GLN H 288 15.06 29.62 -0.15
N GLN H 289 15.26 30.55 -1.06
CA GLN H 289 14.25 31.05 -1.98
C GLN H 289 14.82 30.81 -3.36
N VAL H 290 14.19 29.92 -4.13
CA VAL H 290 14.59 29.62 -5.51
C VAL H 290 13.56 30.20 -6.46
N THR H 291 14.03 30.84 -7.53
CA THR H 291 13.13 31.56 -8.41
C THR H 291 13.46 31.27 -9.88
N PRO H 292 12.50 30.76 -10.68
CA PRO H 292 12.77 30.62 -12.12
C PRO H 292 12.86 31.99 -12.74
N GLU H 293 14.06 32.39 -13.14
CA GLU H 293 14.32 33.77 -13.50
C GLU H 293 13.73 34.07 -14.88
N ALA H 294 14.06 35.26 -15.39
CA ALA H 294 13.66 35.66 -16.74
C ALA H 294 14.21 34.71 -17.79
N ASP H 295 15.53 34.53 -17.81
CA ASP H 295 16.21 33.89 -18.93
C ASP H 295 16.16 32.37 -18.90
N GLY H 296 15.19 31.77 -18.21
CA GLY H 296 15.18 30.33 -18.02
C GLY H 296 16.15 29.81 -16.98
N SER H 297 17.11 30.63 -16.53
CA SER H 297 17.96 30.28 -15.41
C SER H 297 17.14 30.25 -14.11
N VAL H 298 17.75 29.74 -13.04
CA VAL H 298 17.13 29.74 -11.72
C VAL H 298 18.06 30.42 -10.72
N LEU H 299 17.57 31.49 -10.11
CA LEU H 299 18.30 32.15 -9.05
C LEU H 299 18.01 31.46 -7.73
N VAL H 300 19.05 31.21 -6.96
CA VAL H 300 18.88 30.61 -5.65
C VAL H 300 19.54 31.54 -4.64
N THR H 301 18.77 31.91 -3.62
CA THR H 301 19.23 32.81 -2.59
C THR H 301 19.08 32.12 -1.24
N PHE H 302 20.07 32.28 -0.38
CA PHE H 302 19.94 31.81 0.99
C PHE H 302 21.01 32.48 1.84
N ARG H 303 20.82 32.36 3.15
CA ARG H 303 21.68 33.00 4.14
C ARG H 303 22.27 31.91 5.02
N ALA H 304 23.59 31.85 5.07
CA ALA H 304 24.27 30.76 5.78
C ALA H 304 25.75 31.10 5.89
N GLY H 305 26.42 30.43 6.82
CA GLY H 305 27.85 30.49 6.92
C GLY H 305 28.51 29.22 6.40
N GLY H 306 29.80 29.12 6.66
CA GLY H 306 30.56 27.95 6.24
C GLY H 306 30.80 27.93 4.75
N MET H 307 31.57 28.91 4.26
CA MET H 307 31.73 29.06 2.82
C MET H 307 32.41 27.84 2.20
N ARG H 308 33.43 27.27 2.88
CA ARG H 308 34.17 26.16 2.31
C ARG H 308 33.27 24.98 1.96
N GLU H 309 32.44 24.52 2.90
CA GLU H 309 31.54 23.42 2.57
C GLU H 309 30.64 23.78 1.39
N LEU H 310 30.23 25.05 1.28
CA LEU H 310 29.35 25.43 0.18
C LEU H 310 30.05 25.27 -1.16
N SER H 311 31.33 25.63 -1.25
CA SER H 311 32.04 25.47 -2.51
C SER H 311 32.11 24.00 -2.93
N TRP H 312 32.40 23.10 -1.97
CA TRP H 312 32.40 21.66 -2.24
C TRP H 312 31.09 21.21 -2.86
N HIS H 313 29.98 21.78 -2.43
CA HIS H 313 28.72 21.35 -3.05
C HIS H 313 28.57 21.93 -4.44
N LEU H 314 29.06 23.16 -4.68
CA LEU H 314 28.91 23.70 -6.01
C LEU H 314 29.82 23.02 -7.00
N PHE H 315 30.86 22.34 -6.51
CA PHE H 315 31.68 21.54 -7.42
C PHE H 315 30.84 20.42 -8.07
N THR H 316 29.94 19.84 -7.29
CA THR H 316 28.88 18.95 -7.79
C THR H 316 28.11 19.54 -8.96
N TRP H 317 28.17 20.85 -9.19
CA TRP H 317 27.46 21.48 -10.29
C TRP H 317 28.38 21.84 -11.44
N GLY H 318 29.58 22.32 -11.13
CA GLY H 318 30.58 22.65 -12.14
C GLY H 318 30.21 23.84 -13.00
N ASP H 319 30.21 23.59 -14.32
CA ASP H 319 29.86 24.60 -15.31
C ASP H 319 28.43 25.11 -15.16
N ALA H 320 27.63 24.57 -14.24
CA ALA H 320 26.19 24.79 -14.21
C ALA H 320 25.76 25.83 -13.18
N VAL H 321 26.69 26.54 -12.54
CA VAL H 321 26.33 27.43 -11.45
C VAL H 321 27.25 28.64 -11.46
N GLU H 322 26.65 29.80 -11.33
CA GLU H 322 27.36 31.06 -11.19
C GLU H 322 27.27 31.49 -9.73
N ILE H 323 28.41 31.79 -9.13
CA ILE H 323 28.43 32.48 -7.85
C ILE H 323 28.24 33.96 -8.14
N VAL H 324 27.16 34.53 -7.61
CA VAL H 324 26.85 35.93 -7.86
C VAL H 324 27.38 36.73 -6.66
N ALA H 325 27.22 36.14 -5.48
CA ALA H 325 27.64 36.72 -4.21
C ALA H 325 27.56 35.65 -3.12
N PRO H 326 28.39 35.72 -2.08
CA PRO H 326 29.34 36.77 -1.74
C PRO H 326 30.71 36.59 -2.36
N GLN H 327 31.54 37.63 -2.32
CA GLN H 327 32.87 37.52 -2.92
C GLN H 327 33.69 36.45 -2.21
N VAL H 328 33.65 36.44 -0.88
CA VAL H 328 34.27 35.37 -0.09
C VAL H 328 33.97 33.99 -0.69
N LEU H 329 32.73 33.78 -1.16
CA LEU H 329 32.38 32.51 -1.79
C LEU H 329 33.16 32.32 -3.08
N LYS H 330 33.14 33.32 -3.96
CA LYS H 330 33.91 33.23 -5.20
C LYS H 330 35.40 33.16 -4.92
N ASP H 331 35.85 33.79 -3.84
CA ASP H 331 37.27 33.79 -3.49
C ASP H 331 37.73 32.40 -3.07
N MET H 332 36.86 31.64 -2.41
CA MET H 332 37.22 30.30 -1.96
C MET H 332 36.98 29.23 -3.03
N MET H 333 35.81 29.23 -3.66
CA MET H 333 35.56 28.38 -4.81
C MET H 333 36.72 28.35 -5.79
N VAL H 334 37.39 29.49 -5.96
CA VAL H 334 38.58 29.56 -6.81
C VAL H 334 39.81 29.06 -6.05
N GLN H 335 39.92 29.40 -4.75
CA GLN H 335 41.06 28.91 -3.98
C GLN H 335 41.05 27.39 -3.94
N GLU H 336 39.88 26.81 -3.64
CA GLU H 336 39.75 25.36 -3.61
C GLU H 336 39.91 24.76 -5.01
N LEU H 337 39.26 25.35 -6.02
CA LEU H 337 39.36 24.82 -7.37
C LEU H 337 40.78 24.81 -7.93
N ARG H 338 41.72 25.57 -7.34
CA ARG H 338 43.10 25.46 -7.79
C ARG H 338 44.02 24.81 -6.76
N GLU H 339 43.61 24.70 -5.49
CA GLU H 339 44.31 23.79 -4.61
C GLU H 339 44.27 22.37 -5.18
N ALA H 340 43.09 21.94 -5.62
CA ALA H 340 42.92 20.58 -6.15
C ALA H 340 43.59 20.42 -7.50
N GLY H 341 43.32 21.33 -8.44
CA GLY H 341 43.92 21.23 -9.77
C GLY H 341 45.44 21.18 -9.77
N ARG H 342 46.10 21.74 -8.76
CA ARG H 342 47.54 21.53 -8.74
C ARG H 342 47.91 20.11 -8.35
N ALA H 343 47.30 19.59 -7.30
CA ALA H 343 47.61 18.24 -6.88
C ALA H 343 47.19 17.18 -7.89
N HIS H 344 46.22 17.48 -8.72
CA HIS H 344 45.84 16.55 -9.77
C HIS H 344 46.26 16.98 -11.16
N GLY H 345 46.97 18.10 -11.28
CA GLY H 345 47.44 18.53 -12.59
C GLY H 345 46.34 18.86 -13.60
N ALA H 346 45.18 19.34 -13.12
CA ALA H 346 44.11 19.73 -14.04
C ALA H 346 44.55 20.88 -14.94
N TRP H 347 45.40 21.78 -14.44
CA TRP H 347 46.01 22.81 -15.27
C TRP H 347 47.27 23.32 -14.58
S SO4 M . -14.68 6.45 -7.02
O1 SO4 M . -15.11 7.45 -7.97
O2 SO4 M . -14.14 5.30 -7.74
O3 SO4 M . -15.88 6.08 -6.26
O4 SO4 M . -13.67 7.02 -6.13
S SO4 N . -27.61 -9.35 1.32
O1 SO4 N . -27.07 -10.29 0.33
O2 SO4 N . -29.07 -9.31 1.25
O3 SO4 N . -27.04 -8.04 1.03
O4 SO4 N . -27.25 -9.75 2.69
S SO4 O . 26.32 2.84 -0.92
O1 SO4 O . 26.29 4.24 -1.31
O2 SO4 O . 25.93 2.02 -2.06
O3 SO4 O . 27.66 2.45 -0.51
O4 SO4 O . 25.36 2.59 0.17
S SO4 P . -2.48 -13.91 20.05
O1 SO4 P . -3.67 -13.26 19.51
O2 SO4 P . -2.47 -15.29 19.59
O3 SO4 P . -2.49 -13.88 21.51
O4 SO4 P . -1.29 -13.23 19.56
S SO4 Q . 26.90 -2.60 19.68
O1 SO4 Q . 28.23 -2.03 19.48
O2 SO4 Q . 26.34 -2.92 18.36
O3 SO4 Q . 25.99 -1.66 20.34
O4 SO4 Q . 27.02 -3.81 20.49
S SO4 R . 21.89 22.25 8.38
O1 SO4 R . 21.33 23.13 7.35
O2 SO4 R . 22.38 21.02 7.78
O3 SO4 R . 23.05 22.89 9.01
O4 SO4 R . 20.83 21.99 9.36
#